data_7F3F
#
_entry.id   7F3F
#
_cell.length_a   1.00
_cell.length_b   1.00
_cell.length_c   1.00
_cell.angle_alpha   90.00
_cell.angle_beta   90.00
_cell.angle_gamma   90.00
#
_symmetry.space_group_name_H-M   'P 1'
#
loop_
_entity.id
_entity.type
_entity.pdbx_description
1 polymer 'Potassium voltage-gated channel subfamily D member 2'
2 polymer 'Isoform 2 of Kv channel-interacting protein 1'
#
loop_
_entity_poly.entity_id
_entity_poly.type
_entity_poly.pdbx_seq_one_letter_code
_entity_poly.pdbx_strand_id
1 'polypeptide(L)'
;MAAGVAAWLPFARAAAIGWMPVASGPMPAPPRQERKRTQDALIVLNVSGTRFQTWQDTLERYPDTLLGSSERDFFYHPET
QQYFFDRDPDIFRHILNFYRTGKLHYPRHECISAYDEELAFFGLIPEIIGDCCYEEYKDRRRENAERLQDDADTDTAGES
ALPTMTARQRVWRAFENPHTSTMALVFYYVTGFFIAVSVIANVVETVPCGSSPGHIKELPCGERYAVAFFCLDTACVMIF
TVEYLLRLAAAPSRYRFVRSVMSIIDVVAILPYYIGLVMTDNEDVSGAFVTLRVFRVFRIFKFSRHSQGLRILGYTLKSC
ASELGFLLFSLTMAIIIFATVMFYAEKGSSASKFTSIPAAFWYTIVTMTTLGYGDMVPKTIAGKIFGSICSLSGVLVIAL
PVPVIVSNFSRIYHQNQRADKRRAQKKARLARIRAAKSGSANAYMQSKRSGLLSNQLQSSEDEPAFVSKSGSSFETQHHH
LLHCLEKTTNHEFVDEQVFEESCMEVATVNRPSSHSPSLSSQQGVTSTCCSRRHKKTFRIPNANVSGSHRGSVQELSTIQ
IRCVERTPLSNSRSSLNAKMEECVKLNCEQPYVTTAIISIPTPPVTTPEGDDRPESPEYSGGNIVRVSAL
;
A,B,D,G
2 'polypeptide(L)'
;MGAVMGTFSSLQTKQRRPSKDKIEDELEMTMVCHRPEGLEQLEAQTNFTKRELQVLYRGFKNECPSGVVNEDTFKQIYAQ
FFPHGDASTYAHYLFNAFDTTQTGSVKFEDFVTALSILLRGTVHEKLRWTFNLYDINKDGYINKEEMMDIVKAIYDMMGK
YTYPVLKEDTPRQHVDVFFQKMDKNKDGIVTLDEFLESCQEDDNIMRSLQLFQNVM
;
E,H,J,L
#
# COMPACT_ATOMS: atom_id res chain seq x y z
N ALA A 2 -37.34 10.05 -10.82
CA ALA A 2 -36.75 11.01 -9.90
C ALA A 2 -36.06 12.13 -10.66
N ALA A 3 -35.42 13.03 -9.91
CA ALA A 3 -34.72 14.15 -10.54
C ALA A 3 -33.35 13.75 -11.06
N GLY A 4 -32.82 12.60 -10.65
CA GLY A 4 -31.52 12.18 -11.15
C GLY A 4 -31.53 11.92 -12.65
N VAL A 5 -32.54 11.20 -13.13
CA VAL A 5 -32.71 10.99 -14.57
C VAL A 5 -33.64 12.10 -15.05
N ALA A 6 -33.04 13.26 -15.33
CA ALA A 6 -33.79 14.42 -15.79
C ALA A 6 -33.65 14.67 -17.28
N ALA A 7 -32.55 14.24 -17.90
CA ALA A 7 -32.37 14.38 -19.33
C ALA A 7 -33.25 13.42 -20.12
N TRP A 8 -33.88 12.45 -19.45
CA TRP A 8 -34.77 11.50 -20.09
C TRP A 8 -36.24 11.91 -19.99
N LEU A 9 -36.51 13.14 -19.58
CA LEU A 9 -37.88 13.62 -19.56
C LEU A 9 -38.57 13.57 -20.91
N PRO A 10 -37.94 13.99 -22.02
CA PRO A 10 -38.60 13.80 -23.33
C PRO A 10 -38.88 12.34 -23.64
N PHE A 11 -38.05 11.42 -23.17
CA PHE A 11 -38.34 10.00 -23.34
C PHE A 11 -39.59 9.60 -22.58
N ALA A 12 -39.72 10.07 -21.33
CA ALA A 12 -40.91 9.76 -20.55
C ALA A 12 -42.15 10.41 -21.14
N ARG A 13 -42.02 11.64 -21.64
CA ARG A 13 -43.15 12.30 -22.28
C ARG A 13 -43.55 11.59 -23.57
N ALA A 14 -42.57 11.08 -24.31
CA ALA A 14 -42.87 10.28 -25.50
C ALA A 14 -43.58 8.99 -25.13
N ALA A 15 -43.19 8.38 -24.00
CA ALA A 15 -43.86 7.18 -23.53
C ALA A 15 -45.31 7.44 -23.18
N ALA A 16 -45.61 8.62 -22.64
CA ALA A 16 -46.97 8.98 -22.26
C ALA A 16 -47.91 9.08 -23.45
N ILE A 17 -47.39 9.12 -24.68
CA ILE A 17 -48.24 9.21 -25.85
C ILE A 17 -49.09 7.94 -25.98
N GLY A 18 -48.57 6.80 -25.54
CA GLY A 18 -49.32 5.56 -25.61
C GLY A 18 -50.57 5.55 -24.76
N TRP A 19 -50.64 6.38 -23.73
CA TRP A 19 -51.83 6.44 -22.89
C TRP A 19 -52.98 7.14 -23.61
N MET A 20 -52.69 8.09 -24.48
CA MET A 20 -53.74 8.89 -25.11
C MET A 20 -54.77 8.06 -25.87
N PRO A 21 -54.41 7.05 -26.68
CA PRO A 21 -55.47 6.28 -27.36
C PRO A 21 -56.44 5.60 -26.41
N VAL A 22 -55.97 5.15 -25.25
CA VAL A 22 -56.80 4.41 -24.31
C VAL A 22 -57.25 5.29 -23.14
N ALA A 23 -57.23 6.60 -23.31
CA ALA A 23 -57.55 7.54 -22.25
C ALA A 23 -58.84 8.31 -22.57
N SER A 24 -59.17 9.24 -21.69
CA SER A 24 -60.23 10.22 -21.89
C SER A 24 -59.62 11.58 -21.59
N GLY A 25 -59.19 12.28 -22.64
CA GLY A 25 -58.46 13.52 -22.51
C GLY A 25 -59.17 14.58 -21.70
N PRO A 26 -58.61 14.92 -20.54
CA PRO A 26 -59.19 15.97 -19.68
C PRO A 26 -58.55 17.35 -19.84
N MET A 27 -57.70 17.55 -20.86
CA MET A 27 -56.88 18.75 -21.00
C MET A 27 -55.99 18.81 -19.76
N PRO A 28 -54.94 17.98 -19.72
CA PRO A 28 -54.13 17.87 -18.50
C PRO A 28 -53.30 19.11 -18.15
N ALA A 29 -53.46 20.21 -18.88
CA ALA A 29 -52.84 21.49 -18.54
C ALA A 29 -51.32 21.40 -18.45
N PRO A 30 -50.62 21.33 -19.59
CA PRO A 30 -49.17 21.26 -19.55
C PRO A 30 -48.60 22.50 -18.87
N PRO A 31 -47.49 22.35 -18.14
CA PRO A 31 -46.99 23.48 -17.33
C PRO A 31 -46.57 24.69 -18.14
N ARG A 32 -46.20 24.53 -19.41
CA ARG A 32 -45.74 25.64 -20.25
C ARG A 32 -44.53 26.34 -19.62
N GLN A 33 -43.43 25.59 -19.55
CA GLN A 33 -42.22 26.06 -18.92
C GLN A 33 -41.63 27.26 -19.67
N GLU A 34 -40.57 27.82 -19.09
CA GLU A 34 -39.97 29.03 -19.64
C GLU A 34 -39.37 28.77 -21.03
N ARG A 35 -38.58 27.71 -21.15
CA ARG A 35 -37.94 27.39 -22.42
C ARG A 35 -37.52 25.92 -22.47
N ASP A 40 -29.21 27.60 -21.31
CA ASP A 40 -28.61 26.34 -20.88
C ASP A 40 -27.09 26.40 -20.96
N ALA A 41 -26.55 27.61 -20.98
CA ALA A 41 -25.11 27.78 -21.04
C ALA A 41 -24.43 27.22 -19.80
N LEU A 42 -23.27 26.61 -20.01
CA LEU A 42 -22.52 26.02 -18.90
C LEU A 42 -21.98 27.10 -17.99
N ILE A 43 -21.95 26.81 -16.69
CA ILE A 43 -21.52 27.76 -15.68
C ILE A 43 -20.13 27.36 -15.19
N VAL A 44 -19.47 28.32 -14.53
CA VAL A 44 -18.10 28.15 -14.04
C VAL A 44 -18.13 27.99 -12.54
N LEU A 45 -17.42 26.99 -12.04
CA LEU A 45 -17.28 26.74 -10.60
C LEU A 45 -15.79 26.81 -10.26
N ASN A 46 -15.32 28.02 -9.95
CA ASN A 46 -13.90 28.26 -9.72
C ASN A 46 -13.59 27.99 -8.24
N VAL A 47 -13.12 26.78 -7.96
CA VAL A 47 -12.76 26.39 -6.58
C VAL A 47 -11.29 26.73 -6.39
N SER A 48 -11.03 27.99 -6.02
CA SER A 48 -9.69 28.47 -5.68
C SER A 48 -8.70 28.26 -6.84
N GLY A 49 -8.98 28.95 -7.94
CA GLY A 49 -8.06 28.98 -9.06
C GLY A 49 -8.38 28.03 -10.20
N THR A 50 -8.75 26.80 -9.86
CA THR A 50 -9.05 25.78 -10.86
C THR A 50 -10.54 25.87 -11.21
N ARG A 51 -10.84 26.45 -12.38
CA ARG A 51 -12.22 26.61 -12.78
C ARG A 51 -12.82 25.27 -13.22
N PHE A 52 -14.03 25.00 -12.76
CA PHE A 52 -14.78 23.80 -13.13
C PHE A 52 -16.04 24.23 -13.86
N GLN A 53 -16.28 23.62 -15.02
CA GLN A 53 -17.39 24.00 -15.89
C GLN A 53 -18.37 22.85 -16.02
N THR A 54 -19.62 23.09 -15.63
CA THR A 54 -20.69 22.12 -15.79
C THR A 54 -21.98 22.88 -16.12
N TRP A 55 -22.89 22.19 -16.81
CA TRP A 55 -24.19 22.77 -17.09
C TRP A 55 -24.98 22.99 -15.81
N GLN A 56 -25.77 24.07 -15.78
CA GLN A 56 -26.57 24.36 -14.60
C GLN A 56 -27.61 23.28 -14.34
N ASP A 57 -28.12 22.64 -15.40
CA ASP A 57 -29.08 21.56 -15.23
C ASP A 57 -28.46 20.35 -14.54
N THR A 58 -27.14 20.17 -14.68
CA THR A 58 -26.47 19.07 -14.02
C THR A 58 -26.51 19.23 -12.51
N LEU A 59 -26.30 20.44 -12.01
CA LEU A 59 -26.31 20.68 -10.57
C LEU A 59 -27.72 20.66 -10.00
N GLU A 60 -28.71 21.13 -10.78
CA GLU A 60 -30.07 21.27 -10.28
C GLU A 60 -30.79 19.94 -10.09
N ARG A 61 -30.23 18.82 -10.56
CA ARG A 61 -30.90 17.54 -10.43
C ARG A 61 -30.83 16.98 -9.02
N TYR A 62 -30.06 17.60 -8.13
CA TYR A 62 -30.01 17.21 -6.71
C TYR A 62 -30.24 18.47 -5.89
N PRO A 63 -31.51 18.91 -5.78
CA PRO A 63 -31.82 20.19 -5.13
C PRO A 63 -31.93 20.11 -3.60
N ASP A 64 -30.95 19.44 -2.98
CA ASP A 64 -30.89 19.38 -1.53
C ASP A 64 -29.47 19.54 -1.00
N THR A 65 -28.55 19.98 -1.84
CA THR A 65 -27.15 20.17 -1.48
C THR A 65 -26.76 21.64 -1.75
N LEU A 66 -25.48 21.95 -1.57
CA LEU A 66 -25.03 23.32 -1.75
C LEU A 66 -25.01 23.72 -3.22
N LEU A 67 -24.51 22.84 -4.09
CA LEU A 67 -24.34 23.23 -5.49
C LEU A 67 -25.68 23.41 -6.18
N GLY A 68 -26.59 22.45 -6.03
CA GLY A 68 -27.93 22.66 -6.56
C GLY A 68 -28.87 23.18 -5.49
N SER A 69 -28.99 24.51 -5.41
CA SER A 69 -29.82 25.19 -4.43
C SER A 69 -29.75 26.70 -4.63
N SER A 70 -30.54 27.44 -3.85
CA SER A 70 -30.33 28.88 -3.73
C SER A 70 -29.19 29.20 -2.77
N GLU A 71 -28.58 28.19 -2.16
CA GLU A 71 -27.47 28.41 -1.24
C GLU A 71 -26.21 28.85 -1.96
N ARG A 72 -25.99 28.35 -3.18
CA ARG A 72 -24.78 28.72 -3.91
C ARG A 72 -24.79 30.18 -4.36
N ASP A 73 -25.93 30.87 -4.27
CA ASP A 73 -25.95 32.29 -4.56
C ASP A 73 -25.12 33.09 -3.56
N PHE A 74 -24.81 32.51 -2.41
CA PHE A 74 -23.91 33.17 -1.46
C PHE A 74 -22.47 33.19 -1.98
N PHE A 75 -22.09 32.19 -2.76
CA PHE A 75 -20.74 32.06 -3.28
C PHE A 75 -20.60 32.61 -4.70
N TYR A 76 -21.65 33.19 -5.26
CA TYR A 76 -21.57 33.79 -6.58
C TYR A 76 -20.80 35.10 -6.51
N HIS A 77 -19.74 35.22 -7.31
CA HIS A 77 -18.94 36.43 -7.33
C HIS A 77 -19.30 37.16 -8.62
N PRO A 78 -20.01 38.30 -8.55
CA PRO A 78 -20.77 38.73 -9.73
C PRO A 78 -19.93 39.29 -10.87
N GLU A 79 -18.93 40.12 -10.56
CA GLU A 79 -18.24 40.85 -11.63
C GLU A 79 -17.48 39.91 -12.56
N THR A 80 -17.07 38.74 -12.08
CA THR A 80 -16.44 37.75 -12.94
C THR A 80 -17.43 36.74 -13.52
N GLN A 81 -18.71 36.84 -13.15
CA GLN A 81 -19.75 35.94 -13.63
C GLN A 81 -19.37 34.47 -13.41
N GLN A 82 -18.95 34.17 -12.19
CA GLN A 82 -18.57 32.81 -11.84
C GLN A 82 -18.80 32.60 -10.35
N TYR A 83 -18.94 31.33 -9.97
CA TYR A 83 -19.04 30.94 -8.57
C TYR A 83 -17.64 30.61 -8.05
N PHE A 84 -17.20 31.34 -7.03
CA PHE A 84 -15.88 31.15 -6.44
C PHE A 84 -16.02 30.48 -5.08
N PHE A 85 -15.52 29.25 -4.98
CA PHE A 85 -15.38 28.56 -3.71
C PHE A 85 -13.91 28.52 -3.32
N ASP A 86 -13.66 28.56 -2.01
CA ASP A 86 -12.31 28.56 -1.47
C ASP A 86 -11.97 27.19 -0.89
N ARG A 87 -12.41 26.14 -1.58
CA ARG A 87 -12.27 24.77 -1.10
C ARG A 87 -11.15 24.06 -1.85
N ASP A 88 -10.98 22.77 -1.55
CA ASP A 88 -9.91 21.99 -2.16
C ASP A 88 -10.19 21.74 -3.63
N PRO A 89 -9.26 22.03 -4.53
CA PRO A 89 -9.53 21.84 -5.97
C PRO A 89 -9.53 20.38 -6.39
N ASP A 90 -8.77 19.52 -5.71
CA ASP A 90 -8.70 18.11 -6.09
C ASP A 90 -9.68 17.24 -5.32
N ILE A 91 -10.48 17.81 -4.43
CA ILE A 91 -11.57 17.10 -3.80
C ILE A 91 -12.93 17.55 -4.33
N PHE A 92 -13.04 18.78 -4.81
CA PHE A 92 -14.27 19.21 -5.49
C PHE A 92 -14.47 18.48 -6.81
N ARG A 93 -13.42 17.84 -7.33
CA ARG A 93 -13.56 17.03 -8.53
C ARG A 93 -14.52 15.88 -8.32
N HIS A 94 -14.45 15.22 -7.16
CA HIS A 94 -15.36 14.14 -6.84
C HIS A 94 -16.75 14.64 -6.46
N ILE A 95 -16.86 15.92 -6.10
CA ILE A 95 -18.18 16.50 -5.83
C ILE A 95 -18.95 16.66 -7.13
N LEU A 96 -18.28 17.11 -8.20
CA LEU A 96 -18.95 17.29 -9.48
C LEU A 96 -19.33 15.95 -10.10
N ASN A 97 -18.49 14.93 -9.92
CA ASN A 97 -18.80 13.61 -10.46
C ASN A 97 -20.06 13.03 -9.85
N PHE A 98 -20.38 13.43 -8.62
CA PHE A 98 -21.63 12.99 -8.00
C PHE A 98 -22.84 13.55 -8.76
N TYR A 99 -22.78 14.81 -9.17
CA TYR A 99 -23.91 15.43 -9.84
C TYR A 99 -24.16 14.87 -11.23
N ARG A 100 -23.19 14.14 -11.79
CA ARG A 100 -23.40 13.49 -13.08
C ARG A 100 -24.01 12.11 -12.90
N THR A 101 -23.34 11.23 -12.17
CA THR A 101 -23.80 9.85 -12.00
C THR A 101 -24.74 9.71 -10.81
N GLY A 102 -24.27 10.06 -9.62
CA GLY A 102 -25.09 9.93 -8.42
C GLY A 102 -24.37 9.20 -7.31
N LYS A 103 -23.18 8.68 -7.61
CA LYS A 103 -22.38 7.93 -6.63
C LYS A 103 -21.06 8.66 -6.41
N LEU A 104 -20.74 8.90 -5.14
CA LEU A 104 -19.47 9.51 -4.78
C LEU A 104 -18.34 8.48 -4.86
N HIS A 105 -17.15 8.97 -5.18
CA HIS A 105 -15.95 8.15 -5.23
C HIS A 105 -14.95 8.64 -4.20
N TYR A 106 -14.39 7.71 -3.43
CA TYR A 106 -13.44 8.06 -2.39
C TYR A 106 -12.02 8.01 -2.92
N PRO A 107 -11.24 9.07 -2.80
CA PRO A 107 -9.84 9.04 -3.26
C PRO A 107 -8.97 8.33 -2.23
N ARG A 108 -8.30 7.26 -2.67
CA ARG A 108 -7.45 6.49 -1.76
C ARG A 108 -6.24 7.27 -1.29
N HIS A 109 -5.88 8.36 -1.97
CA HIS A 109 -4.70 9.14 -1.64
C HIS A 109 -5.02 10.39 -0.82
N GLU A 110 -6.29 10.62 -0.48
CA GLU A 110 -6.71 11.82 0.22
C GLU A 110 -7.05 11.49 1.67
N CYS A 111 -6.66 12.38 2.57
CA CYS A 111 -6.98 12.22 3.98
C CYS A 111 -8.50 12.25 4.18
N ILE A 112 -8.99 11.32 5.00
CA ILE A 112 -10.43 11.21 5.20
C ILE A 112 -10.99 12.34 6.06
N SER A 113 -10.15 13.00 6.85
CA SER A 113 -10.61 14.14 7.63
C SER A 113 -10.84 15.38 6.78
N ALA A 114 -10.19 15.45 5.62
CA ALA A 114 -10.45 16.53 4.67
C ALA A 114 -11.53 16.16 3.67
N TYR A 115 -11.65 14.87 3.34
CA TYR A 115 -12.74 14.43 2.46
C TYR A 115 -14.10 14.66 3.12
N ASP A 116 -14.21 14.34 4.41
CA ASP A 116 -15.46 14.57 5.12
C ASP A 116 -15.75 16.06 5.27
N GLU A 117 -14.71 16.89 5.32
CA GLU A 117 -14.91 18.33 5.42
C GLU A 117 -15.59 18.88 4.17
N GLU A 118 -15.20 18.39 2.99
CA GLU A 118 -15.81 18.87 1.75
C GLU A 118 -17.22 18.31 1.58
N LEU A 119 -17.44 17.08 2.01
CA LEU A 119 -18.79 16.51 1.94
C LEU A 119 -19.76 17.28 2.82
N ALA A 120 -19.34 17.63 4.04
CA ALA A 120 -20.19 18.43 4.91
C ALA A 120 -20.40 19.83 4.36
N PHE A 121 -19.35 20.41 3.76
CA PHE A 121 -19.44 21.76 3.21
C PHE A 121 -20.48 21.83 2.09
N PHE A 122 -20.40 20.90 1.14
CA PHE A 122 -21.23 20.96 -0.06
C PHE A 122 -22.58 20.29 0.11
N GLY A 123 -22.90 19.77 1.30
CA GLY A 123 -24.19 19.19 1.58
C GLY A 123 -24.30 17.70 1.34
N LEU A 124 -23.29 17.08 0.76
CA LEU A 124 -23.34 15.63 0.56
C LEU A 124 -23.17 14.90 1.88
N ILE A 125 -23.55 13.62 1.88
CA ILE A 125 -23.52 12.81 3.09
C ILE A 125 -22.74 11.52 2.79
N PRO A 126 -22.08 10.92 3.80
CA PRO A 126 -21.36 9.67 3.55
C PRO A 126 -22.24 8.47 3.25
N GLU A 127 -23.56 8.62 3.29
CA GLU A 127 -24.46 7.52 3.00
C GLU A 127 -24.73 7.33 1.51
N ILE A 128 -24.33 8.28 0.67
CA ILE A 128 -24.59 8.21 -0.77
C ILE A 128 -23.36 7.82 -1.57
N ILE A 129 -22.24 7.53 -0.91
CA ILE A 129 -21.03 7.12 -1.61
C ILE A 129 -21.27 5.76 -2.26
N GLY A 130 -20.72 5.57 -3.45
CA GLY A 130 -20.98 4.37 -4.20
C GLY A 130 -20.45 3.12 -3.53
N ASP A 131 -21.08 1.99 -3.85
CA ASP A 131 -20.67 0.71 -3.29
C ASP A 131 -19.28 0.27 -3.75
N CYS A 132 -18.80 0.82 -4.86
CA CYS A 132 -17.48 0.44 -5.36
C CYS A 132 -16.40 0.75 -4.34
N CYS A 133 -16.41 1.95 -3.78
CA CYS A 133 -15.51 2.34 -2.70
C CYS A 133 -16.35 2.83 -1.52
N TYR A 134 -16.79 1.89 -0.70
CA TYR A 134 -17.49 2.21 0.54
C TYR A 134 -16.92 1.36 1.66
N GLU A 135 -16.44 0.16 1.31
CA GLU A 135 -15.79 -0.69 2.29
C GLU A 135 -14.49 -0.06 2.78
N GLU A 136 -13.70 0.51 1.87
CA GLU A 136 -12.45 1.16 2.27
C GLU A 136 -12.71 2.51 2.92
N TYR A 137 -13.78 3.20 2.52
CA TYR A 137 -14.13 4.47 3.15
C TYR A 137 -14.45 4.28 4.62
N LYS A 138 -15.22 3.24 4.95
CA LYS A 138 -15.51 2.95 6.35
C LYS A 138 -14.26 2.51 7.10
N ASP A 139 -13.41 1.71 6.44
CA ASP A 139 -12.17 1.25 7.08
C ASP A 139 -11.26 2.42 7.42
N ARG A 140 -11.12 3.38 6.50
CA ARG A 140 -10.32 4.57 6.80
C ARG A 140 -11.04 5.48 7.79
N ARG A 141 -12.37 5.43 7.80
CA ARG A 141 -13.12 6.19 8.81
C ARG A 141 -12.96 5.58 10.18
N ARG A 142 -12.82 4.25 10.26
CA ARG A 142 -12.61 3.61 11.55
C ARG A 142 -11.29 4.02 12.17
N GLU A 143 -10.22 4.08 11.36
CA GLU A 143 -8.92 4.46 11.89
C GLU A 143 -8.91 5.90 12.40
N ASN A 144 -9.55 6.81 11.67
CA ASN A 144 -9.68 8.19 12.14
C ASN A 144 -10.53 8.25 13.41
N ALA A 145 -11.61 7.46 13.46
CA ALA A 145 -12.45 7.43 14.66
C ALA A 145 -11.68 6.88 15.86
N GLU A 146 -10.89 5.83 15.66
CA GLU A 146 -10.07 5.30 16.75
C GLU A 146 -9.02 6.30 17.20
N ARG A 147 -8.49 7.10 16.26
CA ARG A 147 -7.52 8.12 16.64
C ARG A 147 -8.15 9.16 17.56
N LEU A 148 -9.40 9.56 17.27
CA LEU A 148 -10.09 10.51 18.14
C LEU A 148 -10.36 9.91 19.51
N GLN A 149 -10.78 8.64 19.56
CA GLN A 149 -11.10 8.01 20.84
C GLN A 149 -9.86 7.87 21.71
N ASP A 150 -8.74 7.45 21.12
CA ASP A 150 -7.50 7.31 21.89
C ASP A 150 -7.01 8.67 22.36
N ASP A 151 -7.10 9.70 21.52
CA ASP A 151 -6.64 11.03 21.89
C ASP A 151 -7.58 11.71 22.88
N ALA A 152 -8.80 11.20 23.05
CA ALA A 152 -9.79 11.78 23.96
C ALA A 152 -10.18 10.77 25.03
N ASP A 153 -9.21 10.03 25.55
CA ASP A 153 -9.45 9.06 26.60
C ASP A 153 -9.46 9.67 28.00
N THR A 154 -9.18 10.97 28.10
CA THR A 154 -9.21 11.70 29.38
C THR A 154 -8.25 11.06 30.40
N ASP A 155 -6.97 11.11 30.06
CA ASP A 155 -5.92 10.61 30.94
C ASP A 155 -5.36 11.68 31.87
N THR A 156 -6.09 12.77 32.06
CA THR A 156 -5.63 13.84 32.93
C THR A 156 -5.59 13.38 34.38
N ALA A 157 -4.49 13.66 35.06
CA ALA A 157 -4.32 13.27 36.46
C ALA A 157 -3.37 14.20 37.18
N PRO A 163 -7.10 17.58 43.53
CA PRO A 163 -7.27 17.24 44.95
C PRO A 163 -8.18 18.22 45.69
N THR A 164 -9.22 18.70 45.00
CA THR A 164 -10.18 19.62 45.59
C THR A 164 -11.12 18.93 46.57
N MET A 165 -11.12 17.59 46.62
CA MET A 165 -11.99 16.84 47.51
C MET A 165 -11.16 15.88 48.36
N THR A 166 -11.83 14.96 49.05
CA THR A 166 -11.17 14.14 50.07
C THR A 166 -10.07 13.24 49.52
N ALA A 167 -9.41 12.49 50.39
CA ALA A 167 -8.25 11.70 50.01
C ALA A 167 -8.58 10.55 49.08
N ARG A 168 -9.86 10.24 48.88
CA ARG A 168 -10.24 9.09 48.05
C ARG A 168 -9.68 9.21 46.64
N GLN A 169 -9.93 10.34 45.98
CA GLN A 169 -9.47 10.50 44.60
C GLN A 169 -7.95 10.58 44.51
N ARG A 170 -7.32 11.28 45.45
CA ARG A 170 -5.87 11.45 45.41
C ARG A 170 -5.11 10.22 45.86
N VAL A 171 -5.79 9.21 46.40
CA VAL A 171 -5.14 7.95 46.71
C VAL A 171 -5.50 6.93 45.63
N TRP A 172 -6.64 7.13 44.98
CA TRP A 172 -7.00 6.26 43.85
C TRP A 172 -6.14 6.56 42.63
N ARG A 173 -5.78 7.83 42.43
CA ARG A 173 -4.85 8.16 41.36
C ARG A 173 -3.49 7.52 41.60
N ALA A 174 -3.12 7.32 42.87
CA ALA A 174 -1.89 6.58 43.17
C ALA A 174 -2.08 5.09 42.95
N PHE A 175 -3.25 4.55 43.34
CA PHE A 175 -3.53 3.13 43.12
C PHE A 175 -3.61 2.80 41.63
N GLU A 176 -4.33 3.62 40.87
CA GLU A 176 -4.47 3.36 39.43
C GLU A 176 -3.15 3.53 38.70
N ASN A 177 -2.37 4.56 39.07
CA ASN A 177 -1.09 4.86 38.43
C ASN A 177 0.00 4.77 39.48
N PRO A 178 0.66 3.61 39.63
CA PRO A 178 1.72 3.49 40.65
C PRO A 178 3.05 4.07 40.21
N HIS A 179 3.21 4.48 38.96
CA HIS A 179 4.47 5.03 38.48
C HIS A 179 4.66 6.50 38.86
N THR A 180 3.64 7.15 39.38
CA THR A 180 3.72 8.54 39.82
C THR A 180 3.90 8.61 41.33
N SER A 181 4.18 9.83 41.81
CA SER A 181 4.39 10.10 43.22
C SER A 181 5.52 9.25 43.79
N THR A 182 5.54 9.08 45.11
CA THR A 182 6.58 8.26 45.74
C THR A 182 5.95 7.19 46.64
N MET A 183 4.75 7.46 47.14
CA MET A 183 4.06 6.44 47.94
C MET A 183 3.47 5.35 47.07
N ALA A 184 2.98 5.70 45.88
CA ALA A 184 2.41 4.71 44.98
C ALA A 184 3.46 3.70 44.53
N LEU A 185 4.66 4.17 44.21
CA LEU A 185 5.73 3.25 43.80
C LEU A 185 6.12 2.32 44.95
N VAL A 186 6.18 2.85 46.18
CA VAL A 186 6.51 2.02 47.33
C VAL A 186 5.44 0.95 47.53
N PHE A 187 4.16 1.34 47.44
CA PHE A 187 3.08 0.38 47.58
C PHE A 187 3.14 -0.68 46.49
N TYR A 188 3.41 -0.27 45.26
CA TYR A 188 3.53 -1.23 44.15
C TYR A 188 4.65 -2.22 44.41
N TYR A 189 5.81 -1.72 44.83
CA TYR A 189 6.96 -2.59 45.06
C TYR A 189 6.69 -3.55 46.21
N VAL A 190 6.08 -3.07 47.30
CA VAL A 190 5.86 -3.93 48.45
C VAL A 190 4.80 -4.99 48.12
N THR A 191 3.77 -4.62 47.34
CA THR A 191 2.78 -5.61 46.93
C THR A 191 3.39 -6.68 46.05
N GLY A 192 4.22 -6.27 45.08
CA GLY A 192 4.90 -7.26 44.24
C GLY A 192 5.82 -8.16 45.04
N PHE A 193 6.57 -7.59 45.97
CA PHE A 193 7.46 -8.38 46.81
C PHE A 193 6.69 -9.36 47.67
N PHE A 194 5.55 -8.93 48.22
CA PHE A 194 4.75 -9.82 49.05
C PHE A 194 4.16 -10.97 48.22
N ILE A 195 3.67 -10.68 47.01
CA ILE A 195 3.16 -11.74 46.16
C ILE A 195 4.27 -12.75 45.83
N ALA A 196 5.44 -12.23 45.46
CA ALA A 196 6.55 -13.10 45.11
C ALA A 196 6.99 -13.95 46.30
N VAL A 197 7.10 -13.35 47.47
CA VAL A 197 7.53 -14.10 48.64
C VAL A 197 6.48 -15.12 49.04
N SER A 198 5.19 -14.80 48.86
CA SER A 198 4.15 -15.78 49.19
C SER A 198 4.23 -16.99 48.28
N VAL A 199 4.38 -16.76 46.96
CA VAL A 199 4.43 -17.90 46.04
C VAL A 199 5.71 -18.70 46.25
N ILE A 200 6.83 -18.02 46.53
CA ILE A 200 8.07 -18.72 46.79
C ILE A 200 7.98 -19.53 48.08
N ALA A 201 7.32 -18.98 49.10
CA ALA A 201 7.13 -19.71 50.35
C ALA A 201 6.27 -20.94 50.13
N ASN A 202 5.23 -20.83 49.31
CA ASN A 202 4.42 -22.00 48.98
C ASN A 202 5.27 -23.06 48.28
N VAL A 203 6.08 -22.64 47.32
CA VAL A 203 6.93 -23.57 46.60
C VAL A 203 7.90 -24.27 47.55
N VAL A 204 8.49 -23.52 48.48
CA VAL A 204 9.47 -24.10 49.40
C VAL A 204 8.79 -25.04 50.40
N GLU A 205 7.63 -24.66 50.90
CA GLU A 205 6.94 -25.53 51.84
C GLU A 205 6.39 -26.78 51.17
N THR A 206 6.22 -26.75 49.84
CA THR A 206 5.84 -27.98 49.15
C THR A 206 7.00 -28.94 48.99
N VAL A 207 8.21 -28.43 48.77
CA VAL A 207 9.38 -29.28 48.54
C VAL A 207 9.87 -29.83 49.87
N PRO A 208 10.29 -31.10 49.93
CA PRO A 208 10.87 -31.63 51.17
C PRO A 208 12.15 -30.88 51.56
N CYS A 209 12.35 -30.76 52.86
CA CYS A 209 13.53 -30.09 53.42
C CYS A 209 14.50 -31.04 54.09
N GLY A 210 14.00 -32.10 54.74
CA GLY A 210 14.87 -33.05 55.42
C GLY A 210 14.99 -34.37 54.68
N HIS A 215 16.32 -40.87 59.90
CA HIS A 215 15.05 -40.21 60.14
C HIS A 215 13.89 -41.19 59.95
N ILE A 216 12.75 -40.86 60.55
CA ILE A 216 11.58 -41.73 60.44
C ILE A 216 11.07 -41.76 59.01
N LYS A 217 11.07 -40.61 58.32
CA LYS A 217 10.60 -40.52 56.95
C LYS A 217 11.16 -39.26 56.33
N GLU A 218 11.08 -39.19 55.00
CA GLU A 218 11.49 -37.99 54.27
C GLU A 218 10.41 -36.94 54.47
N LEU A 219 10.42 -36.33 55.65
CA LEU A 219 9.38 -35.39 56.02
C LEU A 219 9.52 -34.10 55.24
N PRO A 220 8.47 -33.62 54.57
CA PRO A 220 8.57 -32.34 53.86
C PRO A 220 8.65 -31.16 54.80
N CYS A 221 8.67 -29.95 54.24
CA CYS A 221 8.77 -28.72 55.02
C CYS A 221 7.42 -28.25 55.57
N GLY A 222 6.43 -29.13 55.64
CA GLY A 222 5.10 -28.75 56.10
C GLY A 222 4.65 -29.40 57.38
N GLU A 223 5.46 -30.28 57.96
CA GLU A 223 5.10 -30.97 59.18
C GLU A 223 5.95 -30.53 60.37
N ARG A 224 7.27 -30.68 60.29
CA ARG A 224 8.15 -30.13 61.32
C ARG A 224 8.19 -28.61 61.23
N TYR A 225 8.37 -28.10 60.01
CA TYR A 225 8.23 -26.68 59.71
C TYR A 225 6.76 -26.33 59.51
N ALA A 226 6.51 -25.18 58.88
CA ALA A 226 5.16 -24.66 58.61
C ALA A 226 4.49 -24.12 59.87
N VAL A 227 5.30 -23.68 60.83
CA VAL A 227 4.82 -22.86 61.94
C VAL A 227 5.01 -21.38 61.64
N ALA A 228 6.20 -21.01 61.20
CA ALA A 228 6.43 -19.64 60.70
C ALA A 228 5.86 -19.47 59.29
N PHE A 229 5.76 -20.56 58.53
CA PHE A 229 5.16 -20.48 57.20
C PHE A 229 3.69 -20.07 57.27
N PHE A 230 2.96 -20.58 58.27
CA PHE A 230 1.59 -20.16 58.47
C PHE A 230 1.52 -18.67 58.82
N CYS A 231 2.47 -18.19 59.62
CA CYS A 231 2.51 -16.76 59.93
C CYS A 231 2.77 -15.93 58.69
N LEU A 232 3.69 -16.38 57.83
CA LEU A 232 3.95 -15.65 56.58
C LEU A 232 2.71 -15.65 55.69
N ASP A 233 2.04 -16.80 55.59
CA ASP A 233 0.84 -16.89 54.74
C ASP A 233 -0.25 -15.97 55.26
N THR A 234 -0.49 -15.97 56.57
CA THR A 234 -1.55 -15.11 57.11
C THR A 234 -1.17 -13.64 57.03
N ALA A 235 0.13 -13.31 57.13
CA ALA A 235 0.54 -11.93 56.94
C ALA A 235 0.31 -11.48 55.50
N CYS A 236 0.63 -12.35 54.53
CA CYS A 236 0.37 -12.00 53.13
C CYS A 236 -1.12 -11.86 52.86
N VAL A 237 -1.94 -12.75 53.43
CA VAL A 237 -3.38 -12.64 53.24
C VAL A 237 -3.92 -11.37 53.87
N MET A 238 -3.40 -11.01 55.06
CA MET A 238 -3.83 -9.77 55.70
C MET A 238 -3.45 -8.56 54.88
N ILE A 239 -2.24 -8.56 54.29
CA ILE A 239 -1.83 -7.45 53.44
C ILE A 239 -2.74 -7.36 52.22
N PHE A 240 -3.06 -8.50 51.61
CA PHE A 240 -3.95 -8.49 50.46
C PHE A 240 -5.32 -7.94 50.83
N THR A 241 -5.86 -8.37 51.98
CA THR A 241 -7.17 -7.89 52.41
C THR A 241 -7.16 -6.39 52.70
N VAL A 242 -6.11 -5.90 53.37
CA VAL A 242 -6.10 -4.47 53.70
C VAL A 242 -5.91 -3.63 52.45
N GLU A 243 -5.09 -4.09 51.49
CA GLU A 243 -4.96 -3.32 50.25
C GLU A 243 -6.25 -3.36 49.44
N TYR A 244 -6.97 -4.48 49.47
CA TYR A 244 -8.28 -4.53 48.83
C TYR A 244 -9.25 -3.55 49.49
N LEU A 245 -9.21 -3.46 50.82
CA LEU A 245 -10.07 -2.52 51.53
C LEU A 245 -9.72 -1.07 51.18
N LEU A 246 -8.41 -0.76 51.09
CA LEU A 246 -8.00 0.58 50.69
C LEU A 246 -8.46 0.88 49.26
N ARG A 247 -8.39 -0.10 48.37
CA ARG A 247 -8.92 0.09 47.02
C ARG A 247 -10.42 0.35 47.05
N LEU A 248 -11.15 -0.38 47.90
CA LEU A 248 -12.58 -0.16 48.07
C LEU A 248 -12.89 1.23 48.63
N ALA A 249 -12.00 1.78 49.44
CA ALA A 249 -12.21 3.09 50.04
C ALA A 249 -11.87 4.23 49.08
N ALA A 250 -11.52 3.93 47.82
CA ALA A 250 -11.20 4.96 46.85
C ALA A 250 -11.81 4.69 45.49
N ALA A 251 -12.84 3.84 45.41
CA ALA A 251 -13.45 3.50 44.13
C ALA A 251 -14.78 4.22 43.99
N PRO A 252 -14.89 5.21 43.09
CA PRO A 252 -16.20 5.82 42.85
C PRO A 252 -17.23 4.83 42.30
N SER A 253 -16.76 3.76 41.66
CA SER A 253 -17.62 2.71 41.11
C SER A 253 -17.59 1.46 41.97
N ARG A 254 -17.61 1.65 43.30
CA ARG A 254 -17.43 0.57 44.27
C ARG A 254 -18.10 -0.74 43.87
N TYR A 255 -19.40 -0.70 43.57
CA TYR A 255 -20.09 -1.91 43.14
C TYR A 255 -19.57 -2.38 41.78
N ARG A 256 -19.45 -1.46 40.83
CA ARG A 256 -18.91 -1.81 39.52
C ARG A 256 -17.46 -2.23 39.61
N PHE A 257 -16.68 -1.57 40.48
CA PHE A 257 -15.29 -1.97 40.68
C PHE A 257 -15.20 -3.39 41.23
N VAL A 258 -16.09 -3.74 42.17
CA VAL A 258 -16.14 -5.12 42.65
C VAL A 258 -16.52 -6.06 41.51
N ARG A 259 -17.47 -5.65 40.67
CA ARG A 259 -17.84 -6.46 39.52
C ARG A 259 -16.74 -6.57 38.48
N SER A 260 -15.68 -5.76 38.57
CA SER A 260 -14.59 -5.82 37.61
C SER A 260 -13.78 -7.10 37.79
N VAL A 261 -13.01 -7.44 36.76
CA VAL A 261 -12.25 -8.68 36.75
C VAL A 261 -11.15 -8.65 37.80
N MET A 262 -10.49 -7.50 37.98
CA MET A 262 -9.39 -7.40 38.93
C MET A 262 -9.85 -7.64 40.36
N SER A 263 -10.99 -7.05 40.74
CA SER A 263 -11.52 -7.28 42.08
C SER A 263 -11.95 -8.73 42.27
N ILE A 264 -12.48 -9.35 41.21
CA ILE A 264 -12.85 -10.76 41.28
C ILE A 264 -11.62 -11.62 41.51
N ILE A 265 -10.52 -11.31 40.81
CA ILE A 265 -9.27 -12.05 41.00
C ILE A 265 -8.76 -11.84 42.42
N ASP A 266 -8.83 -10.62 42.93
CA ASP A 266 -8.40 -10.36 44.30
C ASP A 266 -9.22 -11.16 45.31
N VAL A 267 -10.54 -11.21 45.12
CA VAL A 267 -11.40 -11.97 46.02
C VAL A 267 -11.07 -13.45 45.95
N VAL A 268 -10.85 -13.97 44.74
CA VAL A 268 -10.51 -15.38 44.57
C VAL A 268 -9.17 -15.68 45.23
N ALA A 269 -8.23 -14.74 45.20
CA ALA A 269 -6.94 -14.96 45.84
C ALA A 269 -7.07 -14.92 47.35
N ILE A 270 -7.87 -14.01 47.90
CA ILE A 270 -7.93 -13.84 49.35
C ILE A 270 -8.87 -14.82 50.06
N LEU A 271 -9.85 -15.37 49.35
CA LEU A 271 -10.81 -16.28 49.99
C LEU A 271 -10.20 -17.54 50.60
N PRO A 272 -9.26 -18.25 49.96
CA PRO A 272 -8.85 -19.56 50.49
C PRO A 272 -8.43 -19.57 51.95
N TYR A 273 -7.71 -18.54 52.42
CA TYR A 273 -7.26 -18.54 53.80
C TYR A 273 -8.42 -18.50 54.78
N TYR A 274 -9.37 -17.59 54.56
CA TYR A 274 -10.54 -17.50 55.43
C TYR A 274 -11.42 -18.74 55.31
N ILE A 275 -11.55 -19.29 54.10
CA ILE A 275 -12.33 -20.50 53.93
C ILE A 275 -11.72 -21.65 54.71
N GLY A 276 -10.39 -21.79 54.64
CA GLY A 276 -9.72 -22.84 55.40
C GLY A 276 -9.83 -22.64 56.90
N LEU A 277 -9.72 -21.39 57.36
CA LEU A 277 -9.88 -21.12 58.78
C LEU A 277 -11.28 -21.48 59.26
N VAL A 278 -12.30 -21.13 58.49
CA VAL A 278 -13.67 -21.48 58.84
C VAL A 278 -13.85 -23.00 58.85
N MET A 279 -13.28 -23.67 57.84
CA MET A 279 -13.43 -25.11 57.74
C MET A 279 -12.75 -25.83 58.91
N THR A 280 -11.57 -25.37 59.31
CA THR A 280 -10.85 -26.00 60.41
C THR A 280 -11.36 -25.56 61.78
N ASP A 281 -12.16 -24.49 61.85
CA ASP A 281 -12.76 -24.10 63.11
C ASP A 281 -13.69 -25.18 63.65
N ASN A 282 -14.49 -25.79 62.77
CA ASN A 282 -15.40 -26.87 63.13
C ASN A 282 -15.04 -28.09 62.29
N GLU A 283 -14.56 -29.14 62.95
CA GLU A 283 -14.15 -30.38 62.30
C GLU A 283 -13.01 -30.15 61.30
N ASP A 284 -12.56 -31.21 60.63
CA ASP A 284 -11.48 -31.09 59.66
C ASP A 284 -11.44 -32.35 58.81
N VAL A 285 -11.50 -32.17 57.48
CA VAL A 285 -11.35 -33.26 56.54
C VAL A 285 -10.42 -32.80 55.41
N SER A 286 -9.90 -33.77 54.67
CA SER A 286 -8.95 -33.52 53.60
C SER A 286 -9.60 -33.33 52.24
N GLY A 287 -10.94 -33.31 52.19
CA GLY A 287 -11.60 -33.14 50.89
C GLY A 287 -11.32 -31.80 50.25
N ALA A 288 -11.42 -30.73 51.04
CA ALA A 288 -11.17 -29.38 50.55
C ALA A 288 -9.78 -28.86 50.89
N PHE A 289 -8.92 -29.71 51.45
CA PHE A 289 -7.57 -29.28 51.81
C PHE A 289 -6.72 -29.05 50.55
N VAL A 290 -6.61 -30.08 49.71
CA VAL A 290 -5.83 -29.96 48.48
C VAL A 290 -6.47 -28.94 47.53
N THR A 291 -7.80 -28.86 47.50
CA THR A 291 -8.47 -27.89 46.64
C THR A 291 -8.11 -26.47 47.05
N LEU A 292 -8.13 -26.19 48.37
CA LEU A 292 -7.77 -24.86 48.84
C LEU A 292 -6.29 -24.58 48.63
N ARG A 293 -5.44 -25.59 48.79
CA ARG A 293 -4.02 -25.40 48.53
C ARG A 293 -3.78 -25.07 47.06
N VAL A 294 -4.53 -25.70 46.15
CA VAL A 294 -4.45 -25.37 44.74
C VAL A 294 -4.94 -23.94 44.50
N PHE A 295 -6.06 -23.58 45.12
CA PHE A 295 -6.61 -22.24 44.93
C PHE A 295 -5.69 -21.16 45.49
N ARG A 296 -4.81 -21.50 46.43
CA ARG A 296 -3.94 -20.50 47.04
C ARG A 296 -3.02 -19.85 46.01
N VAL A 297 -2.56 -20.62 45.00
CA VAL A 297 -1.61 -20.10 44.04
C VAL A 297 -2.24 -19.10 43.09
N PHE A 298 -3.55 -18.87 43.18
CA PHE A 298 -4.25 -17.96 42.27
C PHE A 298 -3.87 -16.51 42.54
N ARG A 299 -3.03 -16.26 43.54
CA ARG A 299 -2.45 -14.93 43.72
C ARG A 299 -1.42 -14.59 42.65
N ILE A 300 -1.03 -15.57 41.82
CA ILE A 300 -0.14 -15.31 40.71
C ILE A 300 -0.77 -14.33 39.72
N PHE A 301 -2.06 -14.49 39.45
CA PHE A 301 -2.76 -13.62 38.51
C PHE A 301 -2.88 -12.19 39.00
N LYS A 302 -2.57 -11.93 40.28
CA LYS A 302 -2.54 -10.56 40.78
C LYS A 302 -1.44 -9.72 40.14
N PHE A 303 -0.50 -10.35 39.44
CA PHE A 303 0.55 -9.64 38.72
C PHE A 303 0.03 -8.91 37.49
N SER A 304 -1.25 -9.03 37.16
CA SER A 304 -1.80 -8.36 35.99
C SER A 304 -1.67 -6.86 36.11
N ARG A 305 -1.91 -6.31 37.31
CA ARG A 305 -1.73 -4.89 37.52
C ARG A 305 -0.26 -4.49 37.34
N HIS A 306 0.66 -5.33 37.82
CA HIS A 306 2.07 -4.98 37.79
C HIS A 306 2.63 -5.00 36.37
N SER A 307 2.28 -6.01 35.59
CA SER A 307 2.85 -6.20 34.26
C SER A 307 1.79 -5.91 33.20
N GLN A 308 2.14 -5.05 32.24
CA GLN A 308 1.24 -4.75 31.14
C GLN A 308 1.07 -5.95 30.21
N GLY A 309 2.05 -6.85 30.18
CA GLY A 309 1.95 -8.02 29.32
C GLY A 309 0.78 -8.92 29.67
N LEU A 310 0.54 -9.12 30.97
CA LEU A 310 -0.60 -9.92 31.39
C LEU A 310 -1.91 -9.27 30.96
N ARG A 311 -2.02 -7.96 31.10
CA ARG A 311 -3.23 -7.27 30.67
C ARG A 311 -3.44 -7.38 29.16
N ILE A 312 -2.36 -7.25 28.39
CA ILE A 312 -2.47 -7.39 26.93
C ILE A 312 -2.88 -8.80 26.56
N LEU A 313 -2.31 -9.80 27.25
CA LEU A 313 -2.67 -11.19 26.97
C LEU A 313 -4.14 -11.43 27.30
N GLY A 314 -4.62 -10.92 28.43
CA GLY A 314 -6.03 -11.05 28.76
C GLY A 314 -6.93 -10.39 27.73
N TYR A 315 -6.54 -9.19 27.29
CA TYR A 315 -7.33 -8.48 26.29
C TYR A 315 -7.38 -9.25 24.98
N THR A 316 -6.25 -9.84 24.56
CA THR A 316 -6.24 -10.53 23.27
C THR A 316 -6.97 -11.87 23.37
N LEU A 317 -6.96 -12.53 24.52
CA LEU A 317 -7.78 -13.73 24.67
C LEU A 317 -9.27 -13.38 24.71
N LYS A 318 -9.63 -12.27 25.35
CA LYS A 318 -11.04 -11.88 25.39
C LYS A 318 -11.53 -11.43 24.01
N SER A 319 -10.67 -10.78 23.23
CA SER A 319 -11.10 -10.27 21.93
C SER A 319 -11.45 -11.41 20.97
N CYS A 320 -10.55 -12.37 20.81
CA CYS A 320 -10.78 -13.50 19.91
C CYS A 320 -11.32 -14.70 20.68
N ALA A 321 -12.43 -14.48 21.37
CA ALA A 321 -13.03 -15.57 22.15
C ALA A 321 -13.70 -16.60 21.26
N SER A 322 -14.25 -16.18 20.12
CA SER A 322 -14.89 -17.10 19.20
C SER A 322 -13.89 -18.09 18.62
N GLU A 323 -12.69 -17.61 18.27
CA GLU A 323 -11.67 -18.50 17.71
C GLU A 323 -11.22 -19.55 18.71
N LEU A 324 -11.12 -19.19 19.99
CA LEU A 324 -10.81 -20.19 21.01
C LEU A 324 -11.93 -21.21 21.15
N GLY A 325 -13.19 -20.76 21.02
CA GLY A 325 -14.29 -21.71 21.04
C GLY A 325 -14.23 -22.70 19.89
N PHE A 326 -13.91 -22.21 18.69
CA PHE A 326 -13.73 -23.11 17.55
C PHE A 326 -12.54 -24.04 17.77
N LEU A 327 -11.47 -23.53 18.36
CA LEU A 327 -10.33 -24.37 18.70
C LEU A 327 -10.76 -25.53 19.60
N LEU A 328 -11.49 -25.21 20.67
CA LEU A 328 -11.94 -26.25 21.60
C LEU A 328 -12.88 -27.24 20.91
N PHE A 329 -13.80 -26.73 20.09
CA PHE A 329 -14.76 -27.60 19.42
C PHE A 329 -14.07 -28.56 18.46
N SER A 330 -13.19 -28.03 17.60
CA SER A 330 -12.48 -28.88 16.65
C SER A 330 -11.55 -29.84 17.35
N LEU A 331 -10.90 -29.40 18.44
CA LEU A 331 -10.04 -30.29 19.21
C LEU A 331 -10.85 -31.44 19.80
N THR A 332 -12.03 -31.15 20.34
CA THR A 332 -12.87 -32.21 20.89
C THR A 332 -13.32 -33.17 19.80
N MET A 333 -13.72 -32.65 18.64
CA MET A 333 -14.13 -33.49 17.53
C MET A 333 -13.00 -34.44 17.12
N ALA A 334 -11.81 -33.89 16.89
CA ALA A 334 -10.68 -34.71 16.46
C ALA A 334 -10.29 -35.71 17.54
N ILE A 335 -10.30 -35.29 18.81
CA ILE A 335 -9.93 -36.20 19.89
C ILE A 335 -10.90 -37.36 19.96
N ILE A 336 -12.20 -37.09 19.88
CA ILE A 336 -13.19 -38.16 19.95
C ILE A 336 -13.03 -39.12 18.78
N ILE A 337 -12.90 -38.57 17.56
CA ILE A 337 -12.81 -39.40 16.37
C ILE A 337 -11.58 -40.30 16.44
N PHE A 338 -10.42 -39.70 16.71
CA PHE A 338 -9.18 -40.49 16.70
C PHE A 338 -9.12 -41.45 17.87
N ALA A 339 -9.67 -41.08 19.04
CA ALA A 339 -9.71 -42.01 20.15
C ALA A 339 -10.58 -43.22 19.83
N THR A 340 -11.72 -42.99 19.19
CA THR A 340 -12.58 -44.11 18.78
C THR A 340 -11.84 -45.01 17.79
N VAL A 341 -11.17 -44.40 16.80
CA VAL A 341 -10.48 -45.17 15.78
C VAL A 341 -9.37 -46.00 16.39
N MET A 342 -8.56 -45.40 17.26
CA MET A 342 -7.45 -46.12 17.87
C MET A 342 -7.95 -47.20 18.83
N PHE A 343 -9.03 -46.93 19.57
CA PHE A 343 -9.56 -47.93 20.48
C PHE A 343 -10.06 -49.14 19.70
N TYR A 344 -10.85 -48.92 18.65
CA TYR A 344 -11.36 -50.04 17.87
C TYR A 344 -10.31 -50.67 16.96
N ALA A 345 -9.16 -50.02 16.77
CA ALA A 345 -8.09 -50.58 15.96
C ALA A 345 -6.98 -51.22 16.78
N GLU A 346 -6.87 -50.88 18.07
CA GLU A 346 -5.82 -51.40 18.96
C GLU A 346 -6.47 -51.95 20.23
N LYS A 347 -7.48 -52.79 20.04
CA LYS A 347 -8.23 -53.37 21.16
C LYS A 347 -7.81 -54.79 21.51
N GLY A 348 -7.51 -55.62 20.49
CA GLY A 348 -7.25 -57.02 20.73
C GLY A 348 -5.78 -57.36 20.93
N SER A 349 -4.97 -56.36 21.25
CA SER A 349 -3.55 -56.60 21.48
C SER A 349 -3.35 -57.38 22.78
N SER A 350 -2.16 -57.99 22.88
CA SER A 350 -1.83 -58.79 24.06
C SER A 350 -1.80 -57.93 25.32
N ALA A 351 -0.89 -56.96 25.36
CA ALA A 351 -0.76 -56.04 26.48
C ALA A 351 -1.02 -54.63 25.95
N SER A 352 -2.30 -54.24 25.94
CA SER A 352 -2.72 -52.95 25.40
C SER A 352 -3.28 -52.09 26.52
N LYS A 353 -2.85 -50.83 26.55
CA LYS A 353 -3.39 -49.86 27.49
C LYS A 353 -4.61 -49.14 26.95
N PHE A 354 -5.00 -49.40 25.71
CA PHE A 354 -6.17 -48.78 25.10
C PHE A 354 -7.43 -49.53 25.54
N THR A 355 -7.75 -49.39 26.82
CA THR A 355 -8.89 -50.10 27.38
C THR A 355 -10.21 -49.49 26.96
N SER A 356 -10.24 -48.18 26.68
CA SER A 356 -11.48 -47.50 26.39
C SER A 356 -11.19 -46.21 25.63
N ILE A 357 -12.24 -45.63 25.06
CA ILE A 357 -12.11 -44.32 24.43
C ILE A 357 -11.64 -43.24 25.41
N PRO A 358 -12.20 -43.13 26.63
CA PRO A 358 -11.61 -42.20 27.60
C PRO A 358 -10.16 -42.53 27.92
N ALA A 359 -9.78 -43.80 27.91
CA ALA A 359 -8.37 -44.16 28.07
C ALA A 359 -7.55 -43.77 26.85
N ALA A 360 -8.15 -43.84 25.66
CA ALA A 360 -7.48 -43.40 24.44
C ALA A 360 -7.45 -41.88 24.30
N PHE A 361 -8.21 -41.16 25.13
CA PHE A 361 -8.16 -39.70 25.11
C PHE A 361 -6.77 -39.19 25.44
N TRP A 362 -6.11 -39.83 26.41
CA TRP A 362 -4.76 -39.43 26.79
C TRP A 362 -3.79 -39.58 25.63
N TYR A 363 -3.82 -40.75 24.97
CA TYR A 363 -2.95 -40.97 23.82
C TYR A 363 -3.26 -39.99 22.69
N THR A 364 -4.55 -39.75 22.43
CA THR A 364 -4.92 -38.85 21.35
C THR A 364 -4.44 -37.43 21.61
N ILE A 365 -4.61 -36.94 22.84
CA ILE A 365 -4.18 -35.56 23.12
C ILE A 365 -2.66 -35.47 23.18
N VAL A 366 -1.98 -36.55 23.55
CA VAL A 366 -0.52 -36.56 23.51
C VAL A 366 -0.02 -36.52 22.08
N THR A 367 -0.65 -37.29 21.19
CA THR A 367 -0.18 -37.38 19.81
C THR A 367 -0.52 -36.12 19.02
N MET A 368 -1.71 -35.55 19.25
CA MET A 368 -2.14 -34.37 18.49
C MET A 368 -1.22 -33.18 18.74
N THR A 369 -0.81 -32.98 20.00
CA THR A 369 0.06 -31.87 20.36
C THR A 369 1.53 -32.14 20.04
N THR A 370 1.84 -33.24 19.38
CA THR A 370 3.21 -33.64 19.06
C THR A 370 4.07 -33.64 20.32
N LEU A 371 3.54 -34.21 21.41
CA LEU A 371 4.27 -34.29 22.65
C LEU A 371 5.04 -35.61 22.76
N GLY A 372 4.32 -36.73 22.78
CA GLY A 372 4.97 -38.02 22.76
C GLY A 372 5.45 -38.45 24.11
N TYR A 373 5.04 -39.63 24.58
CA TYR A 373 5.50 -40.10 25.88
C TYR A 373 6.08 -41.51 25.75
N GLY A 374 5.48 -42.34 24.90
CA GLY A 374 5.96 -43.67 24.65
C GLY A 374 5.47 -44.73 25.62
N ASP A 375 4.76 -44.33 26.69
CA ASP A 375 4.24 -45.32 27.62
C ASP A 375 3.02 -46.04 27.05
N MET A 376 2.20 -45.33 26.28
CA MET A 376 1.01 -45.87 25.64
C MET A 376 1.13 -45.64 24.14
N VAL A 377 1.53 -46.68 23.40
CA VAL A 377 1.76 -46.54 21.97
C VAL A 377 1.01 -47.65 21.22
N PRO A 378 0.61 -47.43 19.97
CA PRO A 378 -0.03 -48.50 19.20
C PRO A 378 0.97 -49.60 18.87
N LYS A 379 0.46 -50.82 18.73
CA LYS A 379 1.28 -51.98 18.41
C LYS A 379 0.69 -52.77 17.25
N THR A 380 -0.10 -52.14 16.38
CA THR A 380 -0.70 -52.80 15.24
C THR A 380 -0.48 -51.96 13.99
N ILE A 381 -0.47 -52.63 12.84
CA ILE A 381 -0.27 -51.92 11.57
C ILE A 381 -1.42 -50.95 11.32
N ALA A 382 -2.64 -51.36 11.68
CA ALA A 382 -3.78 -50.47 11.50
C ALA A 382 -3.70 -49.27 12.43
N GLY A 383 -3.24 -49.47 13.67
CA GLY A 383 -3.20 -48.38 14.63
C GLY A 383 -2.12 -47.36 14.37
N LYS A 384 -0.98 -47.79 13.80
CA LYS A 384 0.12 -46.85 13.58
C LYS A 384 -0.22 -45.83 12.51
N ILE A 385 -0.90 -46.26 11.44
CA ILE A 385 -1.29 -45.34 10.38
C ILE A 385 -2.23 -44.27 10.92
N PHE A 386 -3.23 -44.69 11.69
CA PHE A 386 -4.16 -43.73 12.27
C PHE A 386 -3.50 -42.88 13.34
N GLY A 387 -2.48 -43.39 14.02
CA GLY A 387 -1.73 -42.55 14.95
C GLY A 387 -0.96 -41.45 14.23
N SER A 388 -0.32 -41.79 13.12
CA SER A 388 0.36 -40.77 12.32
C SER A 388 -0.63 -39.75 11.76
N ILE A 389 -1.78 -40.22 11.28
CA ILE A 389 -2.81 -39.31 10.80
C ILE A 389 -3.32 -38.43 11.93
N CYS A 390 -3.43 -38.99 13.14
CA CYS A 390 -3.83 -38.20 14.30
C CYS A 390 -2.82 -37.11 14.61
N SER A 391 -1.52 -37.44 14.54
CA SER A 391 -0.50 -36.42 14.76
C SER A 391 -0.59 -35.30 13.73
N LEU A 392 -0.72 -35.67 12.45
CA LEU A 392 -0.81 -34.66 11.40
C LEU A 392 -2.06 -33.80 11.56
N SER A 393 -3.20 -34.43 11.89
CA SER A 393 -4.43 -33.68 12.06
C SER A 393 -4.36 -32.79 13.29
N GLY A 394 -3.68 -33.22 14.35
CA GLY A 394 -3.48 -32.35 15.49
C GLY A 394 -2.64 -31.14 15.15
N VAL A 395 -1.57 -31.34 14.36
CA VAL A 395 -0.78 -30.22 13.88
C VAL A 395 -1.66 -29.25 13.10
N LEU A 396 -2.48 -29.79 12.19
CA LEU A 396 -3.34 -28.94 11.36
C LEU A 396 -4.35 -28.18 12.22
N VAL A 397 -4.96 -28.85 13.20
CA VAL A 397 -6.00 -28.23 14.00
C VAL A 397 -5.43 -27.15 14.91
N ILE A 398 -4.31 -27.46 15.59
CA ILE A 398 -3.72 -26.48 16.49
C ILE A 398 -3.12 -25.31 15.71
N ALA A 399 -2.60 -25.57 14.51
CA ALA A 399 -1.92 -24.53 13.75
C ALA A 399 -2.89 -23.49 13.17
N LEU A 400 -4.20 -23.72 13.20
CA LEU A 400 -5.12 -22.75 12.63
C LEU A 400 -5.34 -21.55 13.53
N PRO A 401 -5.71 -21.71 14.81
CA PRO A 401 -5.97 -20.53 15.65
C PRO A 401 -4.73 -19.94 16.30
N VAL A 402 -3.56 -20.56 16.16
CA VAL A 402 -2.35 -19.99 16.76
C VAL A 402 -1.98 -18.65 16.13
N PRO A 403 -1.89 -18.51 14.81
CA PRO A 403 -1.50 -17.19 14.25
C PRO A 403 -2.45 -16.06 14.59
N VAL A 404 -3.75 -16.32 14.65
CA VAL A 404 -4.70 -15.24 14.90
C VAL A 404 -4.57 -14.72 16.33
N ILE A 405 -4.29 -15.60 17.28
CA ILE A 405 -4.04 -15.16 18.65
C ILE A 405 -2.78 -14.31 18.70
N VAL A 406 -1.71 -14.77 18.06
CA VAL A 406 -0.45 -14.02 18.05
C VAL A 406 -0.61 -12.71 17.29
N SER A 407 -1.33 -12.74 16.17
CA SER A 407 -1.53 -11.51 15.39
C SER A 407 -2.31 -10.48 16.20
N ASN A 408 -3.39 -10.90 16.86
CA ASN A 408 -4.16 -9.97 17.68
C ASN A 408 -3.33 -9.46 18.85
N PHE A 409 -2.55 -10.33 19.48
CA PHE A 409 -1.69 -9.90 20.57
C PHE A 409 -0.68 -8.84 20.11
N SER A 410 -0.05 -9.09 18.95
CA SER A 410 0.92 -8.12 18.43
C SER A 410 0.25 -6.81 18.07
N ARG A 411 -0.93 -6.87 17.44
CA ARG A 411 -1.63 -5.65 17.08
C ARG A 411 -2.02 -4.84 18.32
N ILE A 412 -2.54 -5.52 19.35
CA ILE A 412 -2.94 -4.84 20.57
C ILE A 412 -1.72 -4.22 21.25
N TYR A 413 -0.62 -4.95 21.32
CA TYR A 413 0.58 -4.43 21.96
C TYR A 413 1.14 -3.23 21.20
N HIS A 414 1.16 -3.30 19.87
CA HIS A 414 1.65 -2.19 19.06
C HIS A 414 0.76 -0.96 19.21
N GLN A 415 -0.56 -1.15 19.21
CA GLN A 415 -1.47 -0.01 19.39
C GLN A 415 -1.43 0.52 20.80
N ASN A 416 -1.03 -0.24 21.79
CA ASN A 416 -0.97 0.36 23.15
C ASN A 416 0.40 0.97 23.33
N GLN A 417 1.33 0.65 22.43
CA GLN A 417 2.72 1.15 22.38
C GLN A 417 2.60 2.46 21.61
N ARG A 418 1.74 2.45 20.62
CA ARG A 418 1.37 3.68 19.88
C ARG A 418 0.73 4.67 20.83
N ALA A 419 -0.56 4.43 21.16
CA ALA A 419 -1.38 5.24 22.05
C ALA A 419 -0.55 6.08 23.01
N ASP A 420 0.60 5.58 23.45
CA ASP A 420 1.45 6.36 24.34
C ASP A 420 2.01 7.60 23.64
N LYS A 421 2.44 7.43 22.38
CA LYS A 421 2.88 8.59 21.61
C LYS A 421 1.71 9.50 21.24
N ARG A 422 0.50 8.93 21.12
CA ARG A 422 -0.67 9.74 20.87
C ARG A 422 -0.95 10.67 22.06
N ARG A 423 -0.76 10.16 23.28
CA ARG A 423 -0.89 11.01 24.45
C ARG A 423 0.24 12.05 24.51
N ALA A 424 1.43 11.67 24.06
CA ALA A 424 2.56 12.60 24.09
C ALA A 424 2.33 13.79 23.17
N GLN A 425 1.79 13.55 21.97
CA GLN A 425 1.53 14.65 21.05
C GLN A 425 0.38 15.53 21.52
N LYS A 426 -0.53 14.97 22.33
CA LYS A 426 -1.63 15.78 22.87
C LYS A 426 -1.12 16.81 23.87
N LYS A 427 -0.21 16.40 24.76
CA LYS A 427 0.34 17.35 25.72
C LYS A 427 1.15 18.44 25.04
N ALA A 428 1.91 18.07 24.00
CA ALA A 428 2.65 19.07 23.24
C ALA A 428 1.70 20.01 22.51
N ARG A 429 0.61 19.48 21.98
CA ARG A 429 -0.37 20.32 21.29
C ARG A 429 -1.00 21.34 22.23
N LEU A 430 -1.34 20.90 23.46
CA LEU A 430 -1.89 21.83 24.43
C LEU A 430 -0.85 22.87 24.84
N ALA A 431 0.42 22.48 24.90
CA ALA A 431 1.47 23.44 25.21
C ALA A 431 1.59 24.51 24.12
N ARG A 432 1.44 24.11 22.85
CA ARG A 432 1.46 25.09 21.77
C ARG A 432 0.25 26.00 21.84
N ILE A 433 -0.91 25.46 22.21
CA ILE A 433 -2.11 26.28 22.38
C ILE A 433 -1.91 27.28 23.51
N ARG A 434 -1.35 26.83 24.63
CA ARG A 434 -1.08 27.73 25.74
C ARG A 434 -0.01 28.75 25.37
N ALA A 435 0.99 28.34 24.59
CA ALA A 435 2.00 29.29 24.13
C ALA A 435 1.40 30.35 23.23
N ALA A 436 0.47 29.96 22.35
CA ALA A 436 -0.22 30.94 21.52
C ALA A 436 -1.07 31.89 22.36
N LYS A 437 -1.75 31.36 23.38
CA LYS A 437 -2.53 32.20 24.27
C LYS A 437 -1.64 33.18 25.02
N SER A 438 -0.49 32.71 25.50
CA SER A 438 0.46 33.60 26.17
C SER A 438 1.03 34.62 25.20
N GLY A 439 1.33 34.19 23.97
CA GLY A 439 1.84 35.12 22.98
C GLY A 439 0.81 36.17 22.56
N SER A 440 -0.45 35.75 22.43
CA SER A 440 -1.51 36.70 22.10
C SER A 440 -1.71 37.70 23.22
N ALA A 441 -1.68 37.25 24.48
CA ALA A 441 -1.79 38.17 25.60
C ALA A 441 -0.58 39.09 25.68
N ASN A 442 0.62 38.55 25.45
CA ASN A 442 1.82 39.38 25.48
C ASN A 442 1.83 40.39 24.34
N ALA A 443 1.31 40.01 23.17
CA ALA A 443 1.27 40.93 22.04
C ALA A 443 0.43 42.15 22.35
N TYR A 444 -0.66 41.97 23.10
CA TYR A 444 -1.50 43.10 23.48
C TYR A 444 -0.74 44.05 24.40
N MET A 445 0.05 43.52 25.33
CA MET A 445 0.82 44.37 26.23
C MET A 445 1.86 45.19 25.47
N GLN A 446 2.52 44.57 24.49
CA GLN A 446 3.50 45.31 23.70
C GLN A 446 2.84 46.45 22.94
N SER A 447 1.64 46.24 22.42
CA SER A 447 0.90 47.32 21.80
C SER A 447 0.50 48.38 22.82
N LYS A 448 0.11 47.95 24.02
CA LYS A 448 -0.28 48.91 25.05
C LYS A 448 0.91 49.74 25.51
N ARG A 449 2.10 49.13 25.64
CA ARG A 449 3.28 49.86 26.04
C ARG A 449 3.66 50.93 25.01
N SER A 450 3.58 50.58 23.74
CA SER A 450 3.91 51.53 22.67
C SER A 450 2.65 52.15 22.09
N SER A 472 -0.44 45.04 13.04
CA SER A 472 -1.04 44.37 11.90
C SER A 472 -2.41 44.94 11.58
N SER A 473 -3.12 44.29 10.65
CA SER A 473 -4.44 44.77 10.27
C SER A 473 -5.50 44.30 11.26
N PHE A 474 -5.68 42.98 11.40
CA PHE A 474 -6.67 42.46 12.34
C PHE A 474 -6.24 42.67 13.78
N GLU A 475 -4.93 42.64 14.05
CA GLU A 475 -4.45 42.81 15.42
C GLU A 475 -4.86 44.16 16.00
N THR A 476 -4.97 45.18 15.17
CA THR A 476 -5.38 46.50 15.65
C THR A 476 -6.82 46.46 16.18
N GLN A 477 -7.72 45.80 15.46
CA GLN A 477 -9.11 45.73 15.90
C GLN A 477 -9.27 44.77 17.07
N HIS A 478 -8.52 43.67 17.08
CA HIS A 478 -8.62 42.72 18.18
C HIS A 478 -8.18 43.34 19.49
N HIS A 479 -7.10 44.12 19.48
CA HIS A 479 -6.64 44.78 20.69
C HIS A 479 -7.63 45.84 21.16
N HIS A 480 -8.45 46.38 20.26
CA HIS A 480 -9.49 47.31 20.66
C HIS A 480 -10.58 46.61 21.46
N LEU A 481 -10.90 45.36 21.09
CA LEU A 481 -11.87 44.58 21.86
C LEU A 481 -11.37 44.33 23.27
N LEU A 482 -10.08 43.96 23.41
CA LEU A 482 -9.50 43.81 24.74
C LEU A 482 -9.47 45.14 25.48
N HIS A 483 -9.23 46.23 24.75
CA HIS A 483 -9.25 47.55 25.37
C HIS A 483 -10.64 47.88 25.90
N CYS A 484 -11.68 47.51 25.15
CA CYS A 484 -13.05 47.69 25.63
C CYS A 484 -13.31 46.85 26.87
N LEU A 485 -12.81 45.62 26.90
CA LEU A 485 -13.02 44.76 28.06
C LEU A 485 -12.27 45.31 29.27
N GLU A 486 -11.13 45.95 29.07
CA GLU A 486 -10.41 46.56 30.17
C GLU A 486 -11.22 47.67 30.82
N LYS A 487 -11.82 48.54 30.01
CA LYS A 487 -12.44 49.75 30.51
C LYS A 487 -13.93 49.59 30.82
N THR A 488 -14.50 48.41 30.61
CA THR A 488 -15.85 48.15 31.07
C THR A 488 -15.90 47.68 32.52
N THR A 489 -14.75 47.26 33.06
CA THR A 489 -14.63 46.85 34.46
C THR A 489 -13.55 47.65 35.18
N ASN A 490 -13.15 48.80 34.62
CA ASN A 490 -12.09 49.67 35.13
C ASN A 490 -10.89 48.88 35.65
N HIS A 491 -10.47 47.88 34.89
CA HIS A 491 -9.31 47.07 35.22
C HIS A 491 -8.36 47.05 34.04
N GLU A 492 -7.09 46.75 34.31
CA GLU A 492 -6.06 46.76 33.28
C GLU A 492 -5.27 45.47 33.32
N PHE A 493 -5.00 44.91 32.14
CA PHE A 493 -4.13 43.74 32.04
C PHE A 493 -2.68 44.16 32.25
N VAL A 494 -1.97 43.39 33.08
CA VAL A 494 -0.55 43.63 33.32
C VAL A 494 0.19 42.31 33.17
N ASP A 495 1.51 42.42 32.99
CA ASP A 495 2.36 41.25 32.76
C ASP A 495 2.31 40.27 33.93
N ALA B 2 -0.17 0.46 -40.15
CA ALA B 2 -1.47 0.77 -39.59
C ALA B 2 -1.65 2.26 -39.41
N ALA B 3 -2.78 2.66 -38.83
CA ALA B 3 -3.05 4.08 -38.60
C ALA B 3 -2.35 4.62 -37.37
N GLY B 4 -1.85 3.74 -36.49
CA GLY B 4 -1.15 4.22 -35.31
C GLY B 4 0.12 4.97 -35.66
N VAL B 5 0.92 4.41 -36.55
CA VAL B 5 2.12 5.09 -37.05
C VAL B 5 1.70 5.84 -38.31
N ALA B 6 1.15 7.04 -38.11
CA ALA B 6 0.67 7.87 -39.20
C ALA B 6 1.61 9.01 -39.53
N ALA B 7 2.39 9.49 -38.56
CA ALA B 7 3.36 10.54 -38.81
C ALA B 7 4.56 10.05 -39.61
N TRP B 8 4.69 8.73 -39.79
CA TRP B 8 5.78 8.15 -40.56
C TRP B 8 5.38 7.85 -42.00
N LEU B 9 4.23 8.36 -42.44
CA LEU B 9 3.84 8.17 -43.84
C LEU B 9 4.84 8.75 -44.82
N PRO B 10 5.40 9.96 -44.63
CA PRO B 10 6.47 10.40 -45.55
C PRO B 10 7.68 9.48 -45.54
N PHE B 11 7.98 8.84 -44.42
CA PHE B 11 9.05 7.85 -44.39
C PHE B 11 8.72 6.66 -45.27
N ALA B 12 7.48 6.16 -45.17
CA ALA B 12 7.06 5.04 -46.00
C ALA B 12 7.01 5.41 -47.47
N ARG B 13 6.55 6.64 -47.78
CA ARG B 13 6.55 7.09 -49.16
C ARG B 13 7.96 7.25 -49.71
N ALA B 14 8.89 7.70 -48.86
CA ALA B 14 10.28 7.79 -49.27
C ALA B 14 10.86 6.39 -49.52
N ALA B 15 10.46 5.42 -48.72
CA ALA B 15 10.91 4.04 -48.93
C ALA B 15 10.40 3.48 -50.25
N ALA B 16 9.20 3.88 -50.68
CA ALA B 16 8.64 3.39 -51.93
C ALA B 16 9.41 3.87 -53.15
N ILE B 17 10.30 4.86 -53.00
CA ILE B 17 11.09 5.34 -54.13
C ILE B 17 12.01 4.25 -54.65
N GLY B 18 12.47 3.36 -53.76
CA GLY B 18 13.33 2.26 -54.18
C GLY B 18 12.67 1.28 -55.12
N TRP B 19 11.34 1.20 -55.11
CA TRP B 19 10.64 0.30 -56.02
C TRP B 19 10.66 0.81 -57.45
N MET B 20 10.67 2.13 -57.64
CA MET B 20 10.56 2.69 -58.98
C MET B 20 11.63 2.22 -59.95
N PRO B 21 12.92 2.15 -59.60
CA PRO B 21 13.91 1.64 -60.58
C PRO B 21 13.61 0.23 -61.06
N VAL B 22 13.08 -0.64 -60.20
CA VAL B 22 12.80 -2.02 -60.57
C VAL B 22 11.31 -2.22 -60.91
N ALA B 23 10.60 -1.15 -61.21
CA ALA B 23 9.16 -1.21 -61.45
C ALA B 23 8.86 -0.97 -62.93
N SER B 24 7.58 -1.02 -63.26
CA SER B 24 7.05 -0.69 -64.59
C SER B 24 5.93 0.31 -64.36
N GLY B 25 6.25 1.59 -64.46
CA GLY B 25 5.37 2.67 -64.06
C GLY B 25 3.99 2.63 -64.69
N PRO B 26 2.98 2.34 -63.86
CA PRO B 26 1.58 2.31 -64.35
C PRO B 26 0.79 3.58 -64.10
N MET B 27 1.43 4.67 -63.65
CA MET B 27 0.76 5.89 -63.20
C MET B 27 -0.16 5.49 -62.05
N PRO B 28 0.40 5.24 -60.86
CA PRO B 28 -0.41 4.69 -59.77
C PRO B 28 -1.47 5.63 -59.20
N ALA B 29 -1.67 6.82 -59.81
CA ALA B 29 -2.76 7.72 -59.44
C ALA B 29 -2.71 8.14 -57.98
N PRO B 30 -1.80 9.03 -57.61
CA PRO B 30 -1.74 9.49 -56.21
C PRO B 30 -3.05 10.13 -55.80
N PRO B 31 -3.44 9.98 -54.53
CA PRO B 31 -4.78 10.43 -54.12
C PRO B 31 -4.99 11.93 -54.24
N ARG B 32 -3.93 12.74 -54.17
CA ARG B 32 -4.04 14.20 -54.24
C ARG B 32 -4.94 14.73 -53.11
N GLN B 33 -4.44 14.56 -51.90
CA GLN B 33 -5.19 14.92 -50.70
C GLN B 33 -5.43 16.44 -50.64
N GLU B 34 -6.19 16.85 -49.63
CA GLU B 34 -6.57 18.25 -49.50
C GLU B 34 -5.36 19.14 -49.26
N ARG B 35 -4.53 18.76 -48.29
CA ARG B 35 -3.35 19.55 -47.95
C ARG B 35 -2.30 18.71 -47.22
N ASP B 40 -3.99 22.12 -39.55
CA ASP B 40 -3.43 21.19 -38.57
C ASP B 40 -3.36 21.82 -37.19
N ALA B 41 -4.15 22.87 -36.98
CA ALA B 41 -4.15 23.54 -35.69
C ALA B 41 -4.67 22.62 -34.59
N LEU B 42 -4.06 22.73 -33.41
CA LEU B 42 -4.45 21.90 -32.28
C LEU B 42 -5.84 22.28 -31.79
N ILE B 43 -6.60 21.28 -31.35
CA ILE B 43 -7.96 21.47 -30.90
C ILE B 43 -8.01 21.38 -29.38
N VAL B 44 -9.11 21.87 -28.82
CA VAL B 44 -9.30 21.94 -27.37
C VAL B 44 -10.32 20.89 -26.96
N LEU B 45 -9.99 20.13 -25.92
CA LEU B 45 -10.87 19.10 -25.36
C LEU B 45 -11.11 19.47 -23.89
N ASN B 46 -12.13 20.29 -23.65
CA ASN B 46 -12.42 20.82 -22.32
C ASN B 46 -13.32 19.83 -21.58
N VAL B 47 -12.69 18.97 -20.77
CA VAL B 47 -13.43 17.98 -19.99
C VAL B 47 -13.75 18.61 -18.64
N SER B 48 -14.85 19.36 -18.60
CA SER B 48 -15.38 19.96 -17.37
C SER B 48 -14.35 20.88 -16.71
N GLY B 49 -14.01 21.95 -17.42
CA GLY B 49 -13.18 23.00 -16.87
C GLY B 49 -11.71 22.92 -17.24
N THR B 50 -11.14 21.72 -17.21
CA THR B 50 -9.72 21.52 -17.51
C THR B 50 -9.58 21.28 -19.01
N ARG B 51 -9.13 22.30 -19.74
CA ARG B 51 -8.99 22.17 -21.18
C ARG B 51 -7.79 21.30 -21.53
N PHE B 52 -7.98 20.39 -22.48
CA PHE B 52 -6.93 19.52 -22.98
C PHE B 52 -6.71 19.83 -24.46
N GLN B 53 -5.47 20.03 -24.85
CA GLN B 53 -5.13 20.45 -26.20
C GLN B 53 -4.29 19.37 -26.88
N THR B 54 -4.78 18.85 -28.00
CA THR B 54 -4.04 17.90 -28.82
C THR B 54 -4.36 18.18 -30.29
N TRP B 55 -3.42 17.79 -31.15
CA TRP B 55 -3.66 17.91 -32.58
C TRP B 55 -4.78 16.98 -33.03
N GLN B 56 -5.55 17.45 -34.02
CA GLN B 56 -6.65 16.63 -34.53
C GLN B 56 -6.15 15.34 -35.17
N ASP B 57 -4.96 15.37 -35.77
CA ASP B 57 -4.39 14.18 -36.37
C ASP B 57 -4.05 13.12 -35.31
N THR B 58 -3.78 13.55 -34.08
CA THR B 58 -3.50 12.61 -33.01
C THR B 58 -4.73 11.76 -32.68
N LEU B 59 -5.90 12.38 -32.65
CA LEU B 59 -7.13 11.65 -32.33
C LEU B 59 -7.59 10.78 -33.49
N GLU B 60 -7.36 11.24 -34.73
CA GLU B 60 -7.88 10.54 -35.91
C GLU B 60 -7.14 9.24 -36.20
N ARG B 61 -6.02 8.95 -35.54
CA ARG B 61 -5.28 7.74 -35.82
C ARG B 61 -5.94 6.49 -35.25
N TYR B 62 -6.98 6.64 -34.44
CA TYR B 62 -7.76 5.52 -33.93
C TYR B 62 -9.22 5.80 -34.22
N PRO B 63 -9.66 5.59 -35.48
CA PRO B 63 -11.01 5.96 -35.91
C PRO B 63 -12.09 4.92 -35.59
N ASP B 64 -12.06 4.41 -34.35
CA ASP B 64 -13.08 3.49 -33.90
C ASP B 64 -13.52 3.78 -32.47
N THR B 65 -13.16 4.94 -31.93
CA THR B 65 -13.52 5.34 -30.58
C THR B 65 -14.29 6.67 -30.64
N LEU B 66 -14.59 7.23 -29.47
CA LEU B 66 -15.36 8.46 -29.42
C LEU B 66 -14.55 9.66 -29.89
N LEU B 67 -13.29 9.77 -29.44
CA LEU B 67 -12.51 10.96 -29.74
C LEU B 67 -12.17 11.05 -31.23
N GLY B 68 -11.67 9.96 -31.81
CA GLY B 68 -11.48 9.96 -33.24
C GLY B 68 -12.65 9.33 -33.97
N SER B 69 -13.61 10.16 -34.38
CA SER B 69 -14.83 9.73 -35.06
C SER B 69 -15.69 10.93 -35.40
N SER B 70 -16.80 10.69 -36.11
CA SER B 70 -17.85 11.68 -36.22
C SER B 70 -18.74 11.72 -34.99
N GLU B 71 -18.47 10.84 -34.01
CA GLU B 71 -19.26 10.82 -32.78
C GLU B 71 -18.98 12.03 -31.90
N ARG B 72 -17.74 12.53 -31.91
CA ARG B 72 -17.41 13.67 -31.06
C ARG B 72 -18.05 14.97 -31.54
N ASP B 73 -18.64 14.98 -32.74
CA ASP B 73 -19.39 16.15 -33.18
C ASP B 73 -20.63 16.38 -32.34
N PHE B 74 -21.07 15.37 -31.59
CA PHE B 74 -22.18 15.56 -30.66
C PHE B 74 -21.77 16.40 -29.46
N PHE B 75 -20.50 16.33 -29.06
CA PHE B 75 -19.98 17.05 -27.92
C PHE B 75 -19.30 18.36 -28.29
N TYR B 76 -19.30 18.73 -29.57
CA TYR B 76 -18.74 20.01 -29.98
C TYR B 76 -19.65 21.15 -29.55
N HIS B 77 -19.09 22.11 -28.81
CA HIS B 77 -19.88 23.25 -28.36
C HIS B 77 -19.44 24.43 -29.21
N PRO B 78 -20.28 24.93 -30.12
CA PRO B 78 -19.73 25.70 -31.26
C PRO B 78 -19.24 27.09 -30.91
N GLU B 79 -19.99 27.83 -30.08
CA GLU B 79 -19.67 29.25 -29.90
C GLU B 79 -18.32 29.45 -29.21
N THR B 80 -17.86 28.48 -28.42
CA THR B 80 -16.54 28.54 -27.82
C THR B 80 -15.47 27.85 -28.66
N GLN B 81 -15.85 27.24 -29.79
CA GLN B 81 -14.93 26.53 -30.67
C GLN B 81 -14.09 25.51 -29.91
N GLN B 82 -14.77 24.69 -29.12
CA GLN B 82 -14.10 23.66 -28.34
C GLN B 82 -15.07 22.50 -28.11
N TYR B 83 -14.50 21.33 -27.83
CA TYR B 83 -15.27 20.15 -27.46
C TYR B 83 -15.37 20.09 -25.94
N PHE B 84 -16.60 20.13 -25.43
CA PHE B 84 -16.85 20.09 -24.00
C PHE B 84 -17.41 18.74 -23.60
N PHE B 85 -16.64 17.99 -22.82
CA PHE B 85 -17.11 16.77 -22.19
C PHE B 85 -17.31 17.02 -20.70
N ASP B 86 -18.29 16.32 -20.13
CA ASP B 86 -18.65 16.47 -18.73
C ASP B 86 -18.13 15.27 -17.93
N ARG B 87 -16.93 14.81 -18.27
CA ARG B 87 -16.35 13.61 -17.68
C ARG B 87 -15.27 13.98 -16.66
N ASP B 88 -14.63 12.95 -16.12
CA ASP B 88 -13.61 13.16 -15.09
C ASP B 88 -12.37 13.81 -15.69
N PRO B 89 -11.87 14.90 -15.12
CA PRO B 89 -10.69 15.56 -15.71
C PRO B 89 -9.40 14.81 -15.47
N ASP B 90 -9.28 14.05 -14.38
CA ASP B 90 -8.06 13.33 -14.08
C ASP B 90 -8.07 11.89 -14.59
N ILE B 91 -9.14 11.46 -15.22
CA ILE B 91 -9.16 10.18 -15.91
C ILE B 91 -9.13 10.34 -17.43
N PHE B 92 -9.61 11.45 -17.96
CA PHE B 92 -9.45 11.75 -19.38
C PHE B 92 -7.99 11.98 -19.74
N ARG B 93 -7.13 12.23 -18.75
CA ARG B 93 -5.70 12.37 -19.01
C ARG B 93 -5.12 11.09 -19.57
N HIS B 94 -5.53 9.93 -19.03
CA HIS B 94 -5.06 8.66 -19.55
C HIS B 94 -5.74 8.28 -20.86
N ILE B 95 -6.87 8.90 -21.18
CA ILE B 95 -7.50 8.68 -22.48
C ILE B 95 -6.68 9.32 -23.58
N LEU B 96 -6.17 10.53 -23.34
CA LEU B 96 -5.38 11.21 -24.35
C LEU B 96 -4.03 10.54 -24.55
N ASN B 97 -3.44 10.01 -23.47
CA ASN B 97 -2.16 9.32 -23.59
C ASN B 97 -2.27 8.08 -24.47
N PHE B 98 -3.45 7.48 -24.54
CA PHE B 98 -3.66 6.35 -25.44
C PHE B 98 -3.53 6.77 -26.90
N TYR B 99 -4.07 7.94 -27.26
CA TYR B 99 -4.04 8.38 -28.64
C TYR B 99 -2.64 8.77 -29.09
N ARG B 100 -1.70 8.96 -28.17
CA ARG B 100 -0.32 9.23 -28.55
C ARG B 100 0.46 7.93 -28.75
N THR B 101 0.54 7.10 -27.72
CA THR B 101 1.33 5.87 -27.77
C THR B 101 0.52 4.70 -28.30
N GLY B 102 -0.58 4.37 -27.63
CA GLY B 102 -1.40 3.25 -28.04
C GLY B 102 -1.72 2.30 -26.90
N LYS B 103 -1.10 2.55 -25.74
CA LYS B 103 -1.28 1.70 -24.56
C LYS B 103 -1.89 2.54 -23.44
N LEU B 104 -2.98 2.03 -22.86
CA LEU B 104 -3.61 2.68 -21.73
C LEU B 104 -2.81 2.43 -20.45
N HIS B 105 -2.86 3.38 -19.54
CA HIS B 105 -2.23 3.27 -18.24
C HIS B 105 -3.29 3.33 -17.14
N TYR B 106 -3.20 2.40 -16.19
CA TYR B 106 -4.18 2.32 -15.12
C TYR B 106 -3.69 3.11 -13.92
N PRO B 107 -4.47 4.07 -13.41
CA PRO B 107 -4.05 4.82 -12.22
C PRO B 107 -4.31 4.01 -10.97
N ARG B 108 -3.25 3.77 -10.20
CA ARG B 108 -3.35 2.98 -8.97
C ARG B 108 -4.18 3.66 -7.90
N HIS B 109 -4.40 4.98 -8.00
CA HIS B 109 -5.14 5.73 -7.00
C HIS B 109 -6.59 5.98 -7.39
N GLU B 110 -7.04 5.47 -8.53
CA GLU B 110 -8.38 5.73 -9.03
C GLU B 110 -9.25 4.48 -8.90
N CYS B 111 -10.50 4.68 -8.49
CA CYS B 111 -11.44 3.57 -8.39
C CYS B 111 -11.66 2.93 -9.76
N ILE B 112 -11.66 1.59 -9.77
CA ILE B 112 -11.79 0.88 -11.05
C ILE B 112 -13.20 0.93 -11.60
N SER B 113 -14.20 1.21 -10.77
CA SER B 113 -15.56 1.35 -11.27
C SER B 113 -15.78 2.66 -12.00
N ALA B 114 -14.95 3.67 -11.72
CA ALA B 114 -14.99 4.92 -12.48
C ALA B 114 -14.04 4.89 -13.67
N TYR B 115 -12.92 4.17 -13.56
CA TYR B 115 -12.02 4.01 -14.70
C TYR B 115 -12.71 3.28 -15.84
N ASP B 116 -13.44 2.22 -15.53
CA ASP B 116 -14.17 1.49 -16.57
C ASP B 116 -15.30 2.33 -17.16
N GLU B 117 -15.86 3.25 -16.37
CA GLU B 117 -16.91 4.12 -16.88
C GLU B 117 -16.38 5.04 -17.97
N GLU B 118 -15.17 5.58 -17.81
CA GLU B 118 -14.61 6.46 -18.82
C GLU B 118 -14.16 5.67 -20.04
N LEU B 119 -13.65 4.46 -19.84
CA LEU B 119 -13.26 3.64 -20.98
C LEU B 119 -14.46 3.28 -21.85
N ALA B 120 -15.58 2.92 -21.21
CA ALA B 120 -16.80 2.63 -21.96
C ALA B 120 -17.33 3.88 -22.64
N PHE B 121 -17.25 5.03 -21.96
CA PHE B 121 -17.76 6.28 -22.52
C PHE B 121 -17.02 6.65 -23.80
N PHE B 122 -15.69 6.62 -23.76
CA PHE B 122 -14.88 7.11 -24.86
C PHE B 122 -14.60 6.06 -25.91
N GLY B 123 -15.13 4.85 -25.77
CA GLY B 123 -14.99 3.81 -26.76
C GLY B 123 -13.82 2.88 -26.57
N LEU B 124 -12.94 3.15 -25.63
CA LEU B 124 -11.82 2.26 -25.39
C LEU B 124 -12.29 0.98 -24.71
N ILE B 125 -11.44 -0.04 -24.75
CA ILE B 125 -11.77 -1.34 -24.21
C ILE B 125 -10.67 -1.78 -23.25
N PRO B 126 -10.97 -2.59 -22.23
CA PRO B 126 -9.92 -3.05 -21.32
C PRO B 126 -8.93 -4.02 -21.93
N GLU B 127 -9.11 -4.40 -23.19
CA GLU B 127 -8.18 -5.31 -23.85
C GLU B 127 -6.96 -4.61 -24.45
N ILE B 128 -6.97 -3.29 -24.53
CA ILE B 128 -5.88 -2.54 -25.13
C ILE B 128 -4.97 -1.88 -24.10
N ILE B 129 -5.23 -2.09 -22.82
CA ILE B 129 -4.39 -1.50 -21.78
C ILE B 129 -3.00 -2.14 -21.84
N GLY B 130 -1.98 -1.33 -21.59
CA GLY B 130 -0.61 -1.80 -21.76
C GLY B 130 -0.25 -2.90 -20.78
N ASP B 131 0.73 -3.71 -21.18
CA ASP B 131 1.19 -4.82 -20.34
C ASP B 131 1.87 -4.34 -19.07
N CYS B 132 2.34 -3.09 -19.04
CA CYS B 132 3.01 -2.57 -17.85
C CYS B 132 2.09 -2.61 -16.64
N CYS B 133 0.87 -2.13 -16.80
CA CYS B 133 -0.16 -2.20 -15.76
C CYS B 133 -1.39 -2.88 -16.35
N TYR B 134 -1.38 -4.21 -16.32
CA TYR B 134 -2.53 -5.01 -16.72
C TYR B 134 -2.76 -6.10 -15.69
N GLU B 135 -1.68 -6.54 -15.05
CA GLU B 135 -1.80 -7.51 -13.96
C GLU B 135 -2.54 -6.92 -12.78
N GLU B 136 -2.23 -5.67 -12.42
CA GLU B 136 -2.91 -5.03 -11.30
C GLU B 136 -4.31 -4.58 -11.70
N TYR B 137 -4.51 -4.23 -12.97
CA TYR B 137 -5.85 -3.85 -13.43
C TYR B 137 -6.82 -5.02 -13.29
N LYS B 138 -6.39 -6.22 -13.67
CA LYS B 138 -7.24 -7.39 -13.50
C LYS B 138 -7.45 -7.72 -12.03
N ASP B 139 -6.40 -7.56 -11.21
CA ASP B 139 -6.52 -7.84 -9.78
C ASP B 139 -7.52 -6.92 -9.11
N ARG B 140 -7.49 -5.63 -9.45
CA ARG B 140 -8.48 -4.71 -8.91
C ARG B 140 -9.85 -4.94 -9.54
N ARG B 141 -9.88 -5.45 -10.77
CA ARG B 141 -11.15 -5.81 -11.39
C ARG B 141 -11.75 -7.04 -10.72
N ARG B 142 -10.91 -7.96 -10.26
CA ARG B 142 -11.41 -9.15 -9.57
C ARG B 142 -12.09 -8.77 -8.26
N GLU B 143 -11.50 -7.85 -7.50
CA GLU B 143 -12.10 -7.44 -6.23
C GLU B 143 -13.45 -6.76 -6.44
N ASN B 144 -13.54 -5.90 -7.45
CA ASN B 144 -14.82 -5.28 -7.77
C ASN B 144 -15.83 -6.32 -8.24
N ALA B 145 -15.38 -7.29 -9.05
CA ALA B 145 -16.27 -8.36 -9.51
C ALA B 145 -16.76 -9.20 -8.34
N GLU B 146 -15.88 -9.53 -7.40
CA GLU B 146 -16.30 -10.29 -6.23
C GLU B 146 -17.26 -9.50 -5.36
N ARG B 147 -17.09 -8.17 -5.31
CA ARG B 147 -18.02 -7.34 -4.55
C ARG B 147 -19.42 -7.42 -5.14
N LEU B 148 -19.53 -7.40 -6.48
CA LEU B 148 -20.83 -7.53 -7.12
C LEU B 148 -21.44 -8.89 -6.86
N GLN B 149 -20.64 -9.96 -6.95
CA GLN B 149 -21.18 -11.31 -6.75
C GLN B 149 -21.68 -11.51 -5.33
N ASP B 150 -20.91 -11.04 -4.34
CA ASP B 150 -21.34 -11.16 -2.95
C ASP B 150 -22.60 -10.34 -2.68
N ASP B 151 -22.66 -9.13 -3.24
CA ASP B 151 -23.82 -8.27 -3.03
C ASP B 151 -25.05 -8.74 -3.81
N ALA B 152 -24.87 -9.63 -4.78
CA ALA B 152 -25.96 -10.15 -5.60
C ALA B 152 -26.09 -11.67 -5.44
N ASP B 153 -25.93 -12.15 -4.22
CA ASP B 153 -26.06 -13.57 -3.93
C ASP B 153 -27.50 -14.02 -3.73
N THR B 154 -28.46 -13.08 -3.74
CA THR B 154 -29.88 -13.37 -3.60
C THR B 154 -30.17 -14.11 -2.29
N ASP B 155 -29.92 -13.41 -1.18
CA ASP B 155 -30.19 -13.93 0.15
C ASP B 155 -31.57 -13.55 0.66
N THR B 156 -32.49 -13.17 -0.23
CA THR B 156 -33.83 -12.80 0.18
C THR B 156 -34.58 -14.02 0.71
N ALA B 157 -35.23 -13.86 1.85
CA ALA B 157 -35.99 -14.94 2.47
C ALA B 157 -37.11 -14.39 3.33
N PRO B 163 -44.20 -17.34 0.73
CA PRO B 163 -45.04 -18.50 1.03
C PRO B 163 -46.27 -18.58 0.12
N THR B 164 -46.11 -18.18 -1.14
CA THR B 164 -47.21 -18.24 -2.09
C THR B 164 -47.49 -19.66 -2.57
N MET B 165 -46.63 -20.62 -2.23
CA MET B 165 -46.82 -22.00 -2.66
C MET B 165 -46.79 -22.92 -1.44
N THR B 166 -46.69 -24.23 -1.66
CA THR B 166 -46.88 -25.22 -0.60
C THR B 166 -45.83 -25.12 0.50
N ALA B 167 -45.96 -25.96 1.53
CA ALA B 167 -45.11 -25.86 2.72
C ALA B 167 -43.65 -26.19 2.45
N ARG B 168 -43.32 -26.73 1.27
CA ARG B 168 -41.96 -27.15 0.99
C ARG B 168 -40.97 -25.99 1.13
N GLN B 169 -41.25 -24.87 0.46
CA GLN B 169 -40.33 -23.74 0.51
C GLN B 169 -40.27 -23.12 1.90
N ARG B 170 -41.42 -22.99 2.57
CA ARG B 170 -41.46 -22.34 3.87
C ARG B 170 -40.92 -23.23 4.99
N VAL B 171 -40.69 -24.52 4.74
CA VAL B 171 -39.96 -25.34 5.69
C VAL B 171 -38.49 -25.49 5.29
N TRP B 172 -38.17 -25.39 3.99
CA TRP B 172 -36.77 -25.42 3.59
C TRP B 172 -36.06 -24.14 4.00
N ARG B 173 -36.77 -23.00 3.97
CA ARG B 173 -36.17 -21.76 4.47
C ARG B 173 -35.85 -21.86 5.95
N ALA B 174 -36.63 -22.63 6.70
CA ALA B 174 -36.30 -22.87 8.10
C ALA B 174 -35.14 -23.86 8.22
N PHE B 175 -35.11 -24.88 7.37
CA PHE B 175 -34.02 -25.84 7.39
C PHE B 175 -32.69 -25.18 7.01
N GLU B 176 -32.70 -24.39 5.93
CA GLU B 176 -31.47 -23.74 5.49
C GLU B 176 -31.00 -22.69 6.49
N ASN B 177 -31.94 -21.93 7.07
CA ASN B 177 -31.63 -20.87 8.03
C ASN B 177 -32.30 -21.20 9.35
N PRO B 178 -31.61 -21.87 10.27
CA PRO B 178 -32.23 -22.22 11.56
C PRO B 178 -32.26 -21.08 12.56
N HIS B 179 -31.61 -19.95 12.27
CA HIS B 179 -31.60 -18.83 13.19
C HIS B 179 -32.86 -17.97 13.12
N THR B 180 -33.73 -18.20 12.14
CA THR B 180 -34.98 -17.47 12.00
C THR B 180 -36.14 -18.30 12.55
N SER B 181 -37.30 -17.64 12.64
CA SER B 181 -38.53 -18.25 13.14
C SER B 181 -38.32 -18.79 14.56
N THR B 182 -39.19 -19.72 14.98
CA THR B 182 -39.06 -20.31 16.30
C THR B 182 -39.01 -21.84 16.22
N MET B 183 -39.59 -22.40 15.16
CA MET B 183 -39.53 -23.84 14.97
C MET B 183 -38.16 -24.28 14.45
N ALA B 184 -37.54 -23.47 13.59
CA ALA B 184 -36.23 -23.79 13.06
C ALA B 184 -35.18 -23.86 14.16
N LEU B 185 -35.22 -22.91 15.09
CA LEU B 185 -34.26 -22.92 16.20
C LEU B 185 -34.46 -24.14 17.08
N VAL B 186 -35.72 -24.51 17.35
CA VAL B 186 -36.00 -25.69 18.17
C VAL B 186 -35.48 -26.95 17.47
N PHE B 187 -35.72 -27.07 16.16
CA PHE B 187 -35.21 -28.21 15.42
C PHE B 187 -33.69 -28.26 15.43
N TYR B 188 -33.05 -27.12 15.25
CA TYR B 188 -31.59 -27.05 15.30
C TYR B 188 -31.07 -27.51 16.65
N TYR B 189 -31.66 -27.00 17.73
CA TYR B 189 -31.21 -27.35 19.07
C TYR B 189 -31.42 -28.83 19.36
N VAL B 190 -32.57 -29.38 18.97
CA VAL B 190 -32.84 -30.79 19.27
C VAL B 190 -31.94 -31.69 18.44
N THR B 191 -31.66 -31.32 17.19
CA THR B 191 -30.73 -32.12 16.39
C THR B 191 -29.33 -32.10 16.99
N GLY B 192 -28.85 -30.92 17.38
CA GLY B 192 -27.54 -30.84 18.01
C GLY B 192 -27.47 -31.63 19.30
N PHE B 193 -28.51 -31.53 20.13
CA PHE B 193 -28.55 -32.29 21.38
C PHE B 193 -28.56 -33.79 21.12
N PHE B 194 -29.31 -34.24 20.11
CA PHE B 194 -29.34 -35.66 19.81
C PHE B 194 -27.99 -36.16 19.31
N ILE B 195 -27.31 -35.39 18.45
CA ILE B 195 -25.99 -35.80 17.98
C ILE B 195 -25.02 -35.88 19.16
N ALA B 196 -25.02 -34.86 20.02
CA ALA B 196 -24.12 -34.84 21.16
C ALA B 196 -24.39 -36.00 22.11
N VAL B 197 -25.66 -36.26 22.40
CA VAL B 197 -25.98 -37.35 23.32
C VAL B 197 -25.65 -38.70 22.70
N SER B 198 -25.80 -38.84 21.38
CA SER B 198 -25.44 -40.09 20.73
C SER B 198 -23.95 -40.36 20.86
N VAL B 199 -23.12 -39.36 20.55
CA VAL B 199 -21.68 -39.58 20.61
C VAL B 199 -21.22 -39.77 22.05
N ILE B 200 -21.81 -39.03 23.00
CA ILE B 200 -21.46 -39.18 24.40
C ILE B 200 -21.84 -40.58 24.90
N ALA B 201 -23.04 -41.05 24.54
CA ALA B 201 -23.46 -42.38 24.94
C ALA B 201 -22.55 -43.45 24.35
N ASN B 202 -22.13 -43.27 23.10
CA ASN B 202 -21.17 -44.20 22.50
C ASN B 202 -19.89 -44.24 23.34
N VAL B 203 -19.40 -43.06 23.74
CA VAL B 203 -18.24 -42.99 24.62
C VAL B 203 -18.50 -43.75 25.91
N VAL B 204 -19.71 -43.64 26.45
CA VAL B 204 -20.02 -44.31 27.72
C VAL B 204 -19.98 -45.83 27.55
N GLU B 205 -20.61 -46.36 26.50
CA GLU B 205 -20.59 -47.82 26.41
C GLU B 205 -19.21 -48.34 26.00
N THR B 206 -18.36 -47.49 25.42
CA THR B 206 -17.01 -47.96 25.14
C THR B 206 -16.18 -48.10 26.42
N VAL B 207 -16.43 -47.27 27.42
CA VAL B 207 -15.64 -47.30 28.65
C VAL B 207 -16.24 -48.32 29.62
N PRO B 208 -15.41 -49.09 30.34
CA PRO B 208 -15.94 -50.01 31.35
C PRO B 208 -16.73 -49.28 32.42
N CYS B 209 -17.77 -49.94 32.91
CA CYS B 209 -18.62 -49.40 33.97
C CYS B 209 -18.47 -50.11 35.30
N GLY B 210 -18.20 -51.41 35.29
CA GLY B 210 -18.04 -52.16 36.52
C GLY B 210 -16.61 -52.61 36.78
N HIS B 215 -15.96 -59.96 40.98
CA HIS B 215 -16.62 -60.10 39.68
C HIS B 215 -15.87 -61.07 38.79
N ILE B 216 -16.57 -61.63 37.79
CA ILE B 216 -15.94 -62.58 36.88
C ILE B 216 -14.87 -61.89 36.04
N LYS B 217 -15.15 -60.67 35.58
CA LYS B 217 -14.20 -59.92 34.76
C LYS B 217 -14.58 -58.45 34.82
N GLU B 218 -13.66 -57.60 34.37
CA GLU B 218 -13.91 -56.17 34.28
C GLU B 218 -14.80 -55.94 33.06
N LEU B 219 -16.08 -56.24 33.24
CA LEU B 219 -17.03 -56.21 32.13
C LEU B 219 -17.33 -54.76 31.74
N PRO B 220 -17.19 -54.39 30.47
CA PRO B 220 -17.52 -53.02 30.07
C PRO B 220 -19.02 -52.75 30.10
N CYS B 221 -19.43 -51.56 29.68
CA CYS B 221 -20.83 -51.15 29.70
C CYS B 221 -21.60 -51.64 28.48
N GLY B 222 -21.11 -52.65 27.77
CA GLY B 222 -21.75 -53.12 26.57
C GLY B 222 -22.28 -54.54 26.63
N GLU B 223 -22.06 -55.23 27.75
CA GLU B 223 -22.53 -56.61 27.90
C GLU B 223 -23.64 -56.73 28.93
N ARG B 224 -23.40 -56.32 30.18
CA ARG B 224 -24.48 -56.27 31.16
C ARG B 224 -25.44 -55.13 30.83
N TYR B 225 -24.90 -53.95 30.54
CA TYR B 225 -25.67 -52.83 30.03
C TYR B 225 -25.83 -52.95 28.52
N ALA B 226 -26.19 -51.84 27.87
CA ALA B 226 -26.39 -51.72 26.43
C ALA B 226 -27.69 -52.35 25.97
N VAL B 227 -28.64 -52.55 26.87
CA VAL B 227 -30.00 -52.88 26.49
C VAL B 227 -30.82 -51.61 26.25
N ALA B 228 -30.52 -50.55 27.00
CA ALA B 228 -31.12 -49.24 26.73
C ALA B 228 -30.23 -48.41 25.81
N PHE B 229 -28.94 -48.71 25.75
CA PHE B 229 -28.06 -48.01 24.82
C PHE B 229 -28.46 -48.30 23.37
N PHE B 230 -28.88 -49.54 23.10
CA PHE B 230 -29.39 -49.86 21.77
C PHE B 230 -30.65 -49.06 21.46
N CYS B 231 -31.52 -48.88 22.46
CA CYS B 231 -32.72 -48.07 22.26
C CYS B 231 -32.36 -46.61 21.97
N LEU B 232 -31.38 -46.07 22.70
CA LEU B 232 -30.95 -44.70 22.43
C LEU B 232 -30.35 -44.57 21.04
N ASP B 233 -29.52 -45.54 20.64
CA ASP B 233 -28.90 -45.49 19.32
C ASP B 233 -29.95 -45.57 18.22
N THR B 234 -30.93 -46.47 18.36
CA THR B 234 -31.96 -46.58 17.32
C THR B 234 -32.87 -45.37 17.31
N ALA B 235 -33.11 -44.75 18.47
CA ALA B 235 -33.89 -43.51 18.48
C ALA B 235 -33.14 -42.40 17.75
N CYS B 236 -31.83 -42.28 18.00
CA CYS B 236 -31.04 -41.27 17.32
C CYS B 236 -31.00 -41.52 15.81
N VAL B 237 -30.85 -42.78 15.40
CA VAL B 237 -30.85 -43.10 13.98
C VAL B 237 -32.20 -42.80 13.35
N MET B 238 -33.29 -43.10 14.07
CA MET B 238 -34.62 -42.79 13.55
C MET B 238 -34.81 -41.29 13.40
N ILE B 239 -34.34 -40.51 14.37
CA ILE B 239 -34.43 -39.05 14.25
C ILE B 239 -33.64 -38.55 13.05
N PHE B 240 -32.43 -39.08 12.87
CA PHE B 240 -31.62 -38.69 11.72
C PHE B 240 -32.32 -39.03 10.41
N THR B 241 -32.90 -40.23 10.32
CA THR B 241 -33.59 -40.62 9.10
C THR B 241 -34.81 -39.75 8.83
N VAL B 242 -35.60 -39.45 9.87
CA VAL B 242 -36.80 -38.64 9.63
C VAL B 242 -36.44 -37.22 9.27
N GLU B 243 -35.39 -36.66 9.89
CA GLU B 243 -34.99 -35.30 9.49
C GLU B 243 -34.42 -35.28 8.09
N TYR B 244 -33.71 -36.35 7.68
CA TYR B 244 -33.26 -36.44 6.30
C TYR B 244 -34.44 -36.52 5.33
N LEU B 245 -35.48 -37.27 5.71
CA LEU B 245 -36.67 -37.35 4.87
C LEU B 245 -37.38 -36.00 4.76
N LEU B 246 -37.46 -35.27 5.88
CA LEU B 246 -38.04 -33.93 5.84
C LEU B 246 -37.23 -32.99 4.96
N ARG B 247 -35.89 -33.11 5.02
CA ARG B 247 -35.05 -32.32 4.12
C ARG B 247 -35.30 -32.69 2.66
N LEU B 248 -35.47 -33.99 2.39
CA LEU B 248 -35.79 -34.44 1.04
C LEU B 248 -37.14 -33.93 0.56
N ALA B 249 -38.10 -33.77 1.47
CA ALA B 249 -39.44 -33.29 1.12
C ALA B 249 -39.49 -31.78 0.92
N ALA B 250 -38.34 -31.09 0.98
CA ALA B 250 -38.31 -29.65 0.80
C ALA B 250 -37.14 -29.20 -0.08
N ALA B 251 -36.54 -30.11 -0.84
CA ALA B 251 -35.39 -29.77 -1.67
C ALA B 251 -35.81 -29.65 -3.12
N PRO B 252 -35.83 -28.44 -3.70
CA PRO B 252 -36.11 -28.34 -5.14
C PRO B 252 -35.08 -29.04 -6.00
N SER B 253 -33.86 -29.22 -5.49
CA SER B 253 -32.78 -29.92 -6.18
C SER B 253 -32.58 -31.31 -5.63
N ARG B 254 -33.68 -32.03 -5.34
CA ARG B 254 -33.64 -33.31 -4.65
C ARG B 254 -32.48 -34.21 -5.07
N TYR B 255 -32.35 -34.46 -6.37
CA TYR B 255 -31.23 -35.27 -6.84
C TYR B 255 -29.90 -34.58 -6.61
N ARG B 256 -29.81 -33.29 -6.97
CA ARG B 256 -28.59 -32.53 -6.74
C ARG B 256 -28.32 -32.36 -5.24
N PHE B 257 -29.39 -32.18 -4.45
CA PHE B 257 -29.21 -32.07 -3.00
C PHE B 257 -28.66 -33.37 -2.43
N VAL B 258 -29.13 -34.51 -2.91
CA VAL B 258 -28.56 -35.79 -2.51
C VAL B 258 -27.10 -35.87 -2.92
N ARG B 259 -26.79 -35.41 -4.14
CA ARG B 259 -25.40 -35.39 -4.60
C ARG B 259 -24.52 -34.43 -3.81
N SER B 260 -25.11 -33.55 -3.01
CA SER B 260 -24.32 -32.61 -2.23
C SER B 260 -23.56 -33.34 -1.11
N VAL B 261 -22.53 -32.66 -0.60
CA VAL B 261 -21.67 -33.28 0.41
C VAL B 261 -22.41 -33.49 1.73
N MET B 262 -23.30 -32.56 2.09
CA MET B 262 -24.02 -32.68 3.35
C MET B 262 -24.94 -33.90 3.35
N SER B 263 -25.66 -34.13 2.26
CA SER B 263 -26.51 -35.30 2.18
C SER B 263 -25.69 -36.58 2.16
N ILE B 264 -24.52 -36.55 1.53
CA ILE B 264 -23.63 -37.71 1.55
C ILE B 264 -23.19 -38.03 2.97
N ILE B 265 -22.84 -36.99 3.74
CA ILE B 265 -22.44 -37.18 5.12
C ILE B 265 -23.62 -37.74 5.93
N ASP B 266 -24.81 -37.23 5.69
CA ASP B 266 -26.00 -37.74 6.40
C ASP B 266 -26.24 -39.21 6.08
N VAL B 267 -26.11 -39.59 4.80
CA VAL B 267 -26.30 -40.98 4.41
C VAL B 267 -25.24 -41.86 5.06
N VAL B 268 -23.99 -41.41 5.08
CA VAL B 268 -22.92 -42.17 5.72
C VAL B 268 -23.20 -42.34 7.21
N ALA B 269 -23.75 -41.31 7.83
CA ALA B 269 -24.06 -41.38 9.26
C ALA B 269 -25.21 -42.35 9.54
N ILE B 270 -26.23 -42.37 8.67
CA ILE B 270 -27.41 -43.18 8.94
C ILE B 270 -27.28 -44.63 8.46
N LEU B 271 -26.36 -44.91 7.53
CA LEU B 271 -26.22 -46.27 7.02
C LEU B 271 -25.84 -47.31 8.07
N PRO B 272 -24.86 -47.08 8.95
CA PRO B 272 -24.32 -48.21 9.76
C PRO B 272 -25.35 -48.96 10.58
N TYR B 273 -26.36 -48.26 11.14
CA TYR B 273 -27.36 -48.95 11.95
C TYR B 273 -28.15 -49.95 11.11
N TYR B 274 -28.64 -49.52 9.95
CA TYR B 274 -29.39 -50.42 9.09
C TYR B 274 -28.51 -51.52 8.53
N ILE B 275 -27.25 -51.19 8.22
CA ILE B 275 -26.33 -52.22 7.73
C ILE B 275 -26.10 -53.29 8.80
N GLY B 276 -25.93 -52.87 10.05
CA GLY B 276 -25.76 -53.84 11.12
C GLY B 276 -27.01 -54.66 11.38
N LEU B 277 -28.18 -54.03 11.29
CA LEU B 277 -29.42 -54.78 11.44
C LEU B 277 -29.57 -55.84 10.34
N VAL B 278 -29.25 -55.46 9.10
CA VAL B 278 -29.31 -56.43 8.01
C VAL B 278 -28.30 -57.55 8.23
N MET B 279 -27.08 -57.21 8.66
CA MET B 279 -26.05 -58.22 8.88
C MET B 279 -26.46 -59.19 9.98
N THR B 280 -27.04 -58.69 11.07
CA THR B 280 -27.44 -59.54 12.18
C THR B 280 -28.76 -60.25 11.94
N ASP B 281 -29.54 -59.84 10.93
CA ASP B 281 -30.76 -60.57 10.60
C ASP B 281 -30.46 -61.98 10.14
N ASN B 282 -29.42 -62.15 9.32
CA ASN B 282 -28.99 -63.46 8.83
C ASN B 282 -27.53 -63.66 9.23
N GLU B 283 -27.29 -64.64 10.10
CA GLU B 283 -25.96 -64.95 10.62
C GLU B 283 -25.35 -63.76 11.36
N ASP B 284 -24.12 -63.92 11.85
CA ASP B 284 -23.45 -62.86 12.57
C ASP B 284 -21.96 -63.17 12.65
N VAL B 285 -21.14 -62.20 12.23
CA VAL B 285 -19.69 -62.31 12.31
C VAL B 285 -19.14 -61.00 12.85
N SER B 286 -17.91 -61.07 13.37
CA SER B 286 -17.25 -59.91 13.95
C SER B 286 -16.36 -59.17 12.97
N GLY B 287 -16.32 -59.60 11.71
CA GLY B 287 -15.46 -58.94 10.74
C GLY B 287 -15.88 -57.51 10.46
N ALA B 288 -17.18 -57.29 10.28
CA ALA B 288 -17.71 -55.97 10.00
C ALA B 288 -18.28 -55.28 11.23
N PHE B 289 -18.21 -55.92 12.40
CA PHE B 289 -18.71 -55.30 13.62
C PHE B 289 -17.87 -54.10 14.02
N VAL B 290 -16.55 -54.26 14.07
CA VAL B 290 -15.66 -53.17 14.44
C VAL B 290 -15.69 -52.07 13.39
N THR B 291 -15.79 -52.44 12.11
CA THR B 291 -15.87 -51.44 11.05
C THR B 291 -17.13 -50.59 11.19
N LEU B 292 -18.27 -51.22 11.48
CA LEU B 292 -19.50 -50.47 11.66
C LEU B 292 -19.45 -49.61 12.92
N ARG B 293 -18.85 -50.13 13.99
CA ARG B 293 -18.70 -49.32 15.21
C ARG B 293 -17.83 -48.11 14.95
N VAL B 294 -16.77 -48.27 14.16
CA VAL B 294 -15.93 -47.14 13.78
C VAL B 294 -16.72 -46.13 12.95
N PHE B 295 -17.49 -46.63 11.98
CA PHE B 295 -18.29 -45.74 11.13
C PHE B 295 -19.39 -45.03 11.89
N ARG B 296 -19.81 -45.58 13.04
CA ARG B 296 -20.88 -44.96 13.81
C ARG B 296 -20.52 -43.56 14.31
N VAL B 297 -19.23 -43.28 14.48
CA VAL B 297 -18.82 -41.97 15.00
C VAL B 297 -18.90 -40.88 13.94
N PHE B 298 -19.15 -41.25 12.68
CA PHE B 298 -19.19 -40.28 11.59
C PHE B 298 -20.35 -39.29 11.70
N ARG B 299 -21.22 -39.43 12.69
CA ARG B 299 -22.21 -38.40 12.97
C ARG B 299 -21.59 -37.15 13.56
N ILE B 300 -20.32 -37.20 13.94
CA ILE B 300 -19.62 -36.01 14.44
C ILE B 300 -19.55 -34.95 13.35
N PHE B 301 -19.31 -35.37 12.11
CA PHE B 301 -19.24 -34.42 10.99
C PHE B 301 -20.57 -33.77 10.67
N LYS B 302 -21.68 -34.25 11.25
CA LYS B 302 -22.97 -33.60 11.05
C LYS B 302 -23.03 -32.22 11.67
N PHE B 303 -22.06 -31.86 12.51
CA PHE B 303 -21.98 -30.52 13.10
C PHE B 303 -21.59 -29.45 12.09
N SER B 304 -21.34 -29.81 10.83
CA SER B 304 -20.97 -28.82 9.83
C SER B 304 -22.07 -27.80 9.62
N ARG B 305 -23.33 -28.25 9.59
CA ARG B 305 -24.45 -27.32 9.50
C ARG B 305 -24.51 -26.42 10.73
N HIS B 306 -24.27 -26.99 11.91
CA HIS B 306 -24.43 -26.24 13.15
C HIS B 306 -23.35 -25.17 13.31
N SER B 307 -22.11 -25.50 12.98
CA SER B 307 -20.97 -24.62 13.20
C SER B 307 -20.42 -24.12 11.87
N GLN B 308 -20.29 -22.81 11.74
CA GLN B 308 -19.70 -22.23 10.54
C GLN B 308 -18.22 -22.55 10.42
N GLY B 309 -17.56 -22.81 11.56
CA GLY B 309 -16.14 -23.12 11.52
C GLY B 309 -15.83 -24.37 10.74
N LEU B 310 -16.66 -25.41 10.89
CA LEU B 310 -16.46 -26.64 10.12
C LEU B 310 -16.63 -26.39 8.63
N ARG B 311 -17.62 -25.58 8.25
CA ARG B 311 -17.81 -25.26 6.84
C ARG B 311 -16.62 -24.49 6.28
N ILE B 312 -16.11 -23.53 7.06
CA ILE B 312 -14.95 -22.76 6.61
C ILE B 312 -13.73 -23.67 6.48
N LEU B 313 -13.54 -24.58 7.43
CA LEU B 313 -12.43 -25.52 7.35
C LEU B 313 -12.54 -26.41 6.11
N GLY B 314 -13.75 -26.92 5.83
CA GLY B 314 -13.94 -27.71 4.63
C GLY B 314 -13.66 -26.93 3.38
N TYR B 315 -14.13 -25.67 3.33
CA TYR B 315 -13.89 -24.83 2.17
C TYR B 315 -12.40 -24.58 1.96
N THR B 316 -11.65 -24.33 3.05
CA THR B 316 -10.24 -24.03 2.89
C THR B 316 -9.42 -25.28 2.57
N LEU B 317 -9.87 -26.46 3.03
CA LEU B 317 -9.20 -27.69 2.61
C LEU B 317 -9.47 -28.00 1.14
N LYS B 318 -10.71 -27.78 0.69
CA LYS B 318 -11.02 -28.03 -0.71
C LYS B 318 -10.36 -27.02 -1.65
N SER B 319 -10.18 -25.78 -1.18
CA SER B 319 -9.60 -24.75 -2.05
C SER B 319 -8.15 -25.06 -2.39
N CYS B 320 -7.33 -25.32 -1.38
CA CYS B 320 -5.92 -25.66 -1.59
C CYS B 320 -5.72 -27.17 -1.60
N ALA B 321 -6.45 -27.85 -2.49
CA ALA B 321 -6.32 -29.30 -2.60
C ALA B 321 -4.99 -29.70 -3.22
N SER B 322 -4.45 -28.87 -4.13
CA SER B 322 -3.15 -29.17 -4.72
C SER B 322 -2.04 -29.13 -3.68
N GLU B 323 -2.10 -28.17 -2.76
CA GLU B 323 -1.07 -28.06 -1.73
C GLU B 323 -1.05 -29.28 -0.82
N LEU B 324 -2.22 -29.81 -0.46
CA LEU B 324 -2.25 -31.04 0.35
C LEU B 324 -1.71 -32.22 -0.44
N GLY B 325 -1.95 -32.25 -1.75
CA GLY B 325 -1.37 -33.30 -2.57
C GLY B 325 0.15 -33.26 -2.58
N PHE B 326 0.72 -32.05 -2.72
CA PHE B 326 2.17 -31.91 -2.64
C PHE B 326 2.69 -32.27 -1.26
N LEU B 327 1.93 -31.91 -0.22
CA LEU B 327 2.29 -32.31 1.15
C LEU B 327 2.40 -33.83 1.25
N LEU B 328 1.37 -34.54 0.76
CA LEU B 328 1.38 -36.00 0.83
C LEU B 328 2.52 -36.59 0.02
N PHE B 329 2.75 -36.05 -1.18
CA PHE B 329 3.81 -36.58 -2.04
C PHE B 329 5.18 -36.41 -1.39
N SER B 330 5.47 -35.20 -0.90
CA SER B 330 6.76 -34.94 -0.26
C SER B 330 6.91 -35.74 1.02
N LEU B 331 5.83 -35.88 1.79
CA LEU B 331 5.89 -36.66 3.02
C LEU B 331 6.20 -38.12 2.72
N THR B 332 5.54 -38.70 1.71
CA THR B 332 5.83 -40.08 1.34
C THR B 332 7.25 -40.23 0.83
N MET B 333 7.71 -39.26 0.03
CA MET B 333 9.08 -39.30 -0.49
C MET B 333 10.10 -39.33 0.65
N ALA B 334 9.98 -38.37 1.57
CA ALA B 334 10.93 -38.28 2.68
C ALA B 334 10.82 -39.49 3.59
N ILE B 335 9.60 -39.98 3.83
CA ILE B 335 9.41 -41.15 4.68
C ILE B 335 10.12 -42.36 4.06
N ILE B 336 9.94 -42.57 2.76
CA ILE B 336 10.57 -43.72 2.11
C ILE B 336 12.09 -43.59 2.17
N ILE B 337 12.61 -42.41 1.84
CA ILE B 337 14.06 -42.23 1.80
C ILE B 337 14.68 -42.46 3.19
N PHE B 338 14.11 -41.80 4.20
CA PHE B 338 14.68 -41.91 5.53
C PHE B 338 14.48 -43.29 6.14
N ALA B 339 13.34 -43.94 5.86
CA ALA B 339 13.15 -45.30 6.34
C ALA B 339 14.17 -46.25 5.73
N THR B 340 14.44 -46.10 4.43
CA THR B 340 15.46 -46.92 3.79
C THR B 340 16.82 -46.69 4.42
N VAL B 341 17.17 -45.41 4.65
CA VAL B 341 18.48 -45.08 5.20
C VAL B 341 18.62 -45.66 6.61
N MET B 342 17.60 -45.46 7.45
CA MET B 342 17.67 -45.95 8.83
C MET B 342 17.68 -47.48 8.87
N PHE B 343 16.91 -48.13 8.00
CA PHE B 343 16.89 -49.60 7.99
C PHE B 343 18.26 -50.14 7.61
N TYR B 344 18.84 -49.62 6.53
CA TYR B 344 20.16 -50.11 6.11
C TYR B 344 21.29 -49.62 7.00
N ALA B 345 21.03 -48.64 7.88
CA ALA B 345 22.06 -48.17 8.79
C ALA B 345 21.92 -48.73 10.21
N GLU B 346 20.76 -49.28 10.56
CA GLU B 346 20.49 -49.77 11.91
C GLU B 346 19.84 -51.15 11.82
N LYS B 347 20.46 -52.04 11.05
CA LYS B 347 19.96 -53.39 10.85
C LYS B 347 20.75 -54.44 11.62
N GLY B 348 22.06 -54.27 11.73
CA GLY B 348 22.91 -55.28 12.34
C GLY B 348 23.06 -55.13 13.84
N SER B 349 22.18 -54.36 14.47
CA SER B 349 22.24 -54.17 15.91
C SER B 349 21.83 -55.44 16.64
N SER B 350 22.22 -55.52 17.91
CA SER B 350 21.93 -56.68 18.73
C SER B 350 20.41 -56.87 18.89
N ALA B 351 19.76 -55.88 19.50
CA ALA B 351 18.31 -55.89 19.71
C ALA B 351 17.75 -54.67 18.99
N SER B 352 17.44 -54.82 17.71
CA SER B 352 16.94 -53.73 16.88
C SER B 352 15.51 -54.03 16.44
N LYS B 353 14.65 -53.02 16.54
CA LYS B 353 13.28 -53.12 16.06
C LYS B 353 13.12 -52.66 14.63
N PHE B 354 14.21 -52.25 13.97
CA PHE B 354 14.19 -51.84 12.57
C PHE B 354 14.32 -53.08 11.69
N THR B 355 13.28 -53.92 11.74
CA THR B 355 13.31 -55.19 11.01
C THR B 355 13.15 -54.98 9.51
N SER B 356 12.49 -53.91 9.09
CA SER B 356 12.20 -53.70 7.69
C SER B 356 11.90 -52.23 7.45
N ILE B 357 11.85 -51.86 6.17
CA ILE B 357 11.46 -50.50 5.80
C ILE B 357 10.03 -50.17 6.27
N PRO B 358 9.02 -51.03 6.06
CA PRO B 358 7.72 -50.73 6.69
C PRO B 358 7.78 -50.66 8.20
N ALA B 359 8.66 -51.43 8.83
CA ALA B 359 8.84 -51.32 10.28
C ALA B 359 9.52 -49.99 10.64
N ALA B 360 10.34 -49.46 9.75
CA ALA B 360 10.96 -48.16 9.96
C ALA B 360 10.04 -47.00 9.57
N PHE B 361 8.91 -47.29 8.92
CA PHE B 361 7.96 -46.23 8.58
C PHE B 361 7.40 -45.56 9.83
N TRP B 362 7.10 -46.37 10.86
CA TRP B 362 6.56 -45.81 12.10
C TRP B 362 7.57 -44.88 12.76
N TYR B 363 8.83 -45.32 12.86
CA TYR B 363 9.87 -44.48 13.43
C TYR B 363 10.08 -43.22 12.61
N THR B 364 10.07 -43.34 11.29
CA THR B 364 10.28 -42.18 10.43
C THR B 364 9.17 -41.16 10.60
N ILE B 365 7.91 -41.61 10.64
CA ILE B 365 6.81 -40.66 10.77
C ILE B 365 6.73 -40.10 12.19
N VAL B 366 7.22 -40.85 13.18
CA VAL B 366 7.29 -40.31 14.53
C VAL B 366 8.37 -39.22 14.62
N THR B 367 9.52 -39.45 13.99
CA THR B 367 10.62 -38.50 14.08
C THR B 367 10.35 -37.26 13.24
N MET B 368 9.75 -37.42 12.06
CA MET B 368 9.52 -36.28 11.18
C MET B 368 8.57 -35.27 11.81
N THR B 369 7.52 -35.76 12.48
CA THR B 369 6.53 -34.88 13.10
C THR B 369 6.99 -34.34 14.45
N THR B 370 8.24 -34.59 14.84
CA THR B 370 8.78 -34.19 16.14
C THR B 370 7.88 -34.65 17.28
N LEU B 371 7.44 -35.90 17.19
CA LEU B 371 6.59 -36.48 18.22
C LEU B 371 7.43 -37.21 19.28
N GLY B 372 8.14 -38.25 18.87
CA GLY B 372 9.06 -38.93 19.76
C GLY B 372 8.35 -39.91 20.67
N TYR B 373 8.75 -41.17 20.67
CA TYR B 373 8.13 -42.14 21.55
C TYR B 373 9.18 -42.87 22.37
N GLY B 374 10.34 -43.12 21.77
CA GLY B 374 11.41 -43.83 22.43
C GLY B 374 11.35 -45.34 22.34
N ASP B 375 10.28 -45.88 21.76
CA ASP B 375 10.20 -47.33 21.57
C ASP B 375 11.25 -47.80 20.59
N MET B 376 11.43 -47.09 19.49
CA MET B 376 12.49 -47.35 18.51
C MET B 376 13.42 -46.15 18.49
N VAL B 377 14.66 -46.35 18.91
CA VAL B 377 15.67 -45.29 18.87
C VAL B 377 16.92 -45.86 18.21
N PRO B 378 17.61 -45.08 17.37
CA PRO B 378 18.85 -45.58 16.78
C PRO B 378 19.91 -45.83 17.85
N LYS B 379 20.69 -46.89 17.63
CA LYS B 379 21.75 -47.27 18.56
C LYS B 379 23.10 -47.32 17.86
N THR B 380 23.25 -46.64 16.73
CA THR B 380 24.50 -46.59 15.99
C THR B 380 24.83 -45.14 15.66
N ILE B 381 26.13 -44.86 15.53
CA ILE B 381 26.56 -43.50 15.21
C ILE B 381 26.03 -43.07 13.85
N ALA B 382 26.00 -44.01 12.89
CA ALA B 382 25.47 -43.69 11.57
C ALA B 382 23.98 -43.40 11.63
N GLY B 383 23.23 -44.16 12.43
CA GLY B 383 21.79 -44.00 12.46
C GLY B 383 21.31 -42.75 13.17
N LYS B 384 22.06 -42.28 14.18
CA LYS B 384 21.62 -41.11 14.93
C LYS B 384 21.71 -39.84 14.09
N ILE B 385 22.76 -39.72 13.27
CA ILE B 385 22.90 -38.55 12.42
C ILE B 385 21.75 -38.48 11.42
N PHE B 386 21.44 -39.61 10.79
CA PHE B 386 20.33 -39.64 9.84
C PHE B 386 18.99 -39.48 10.54
N GLY B 387 18.86 -39.89 11.80
CA GLY B 387 17.65 -39.62 12.53
C GLY B 387 17.45 -38.14 12.80
N SER B 388 18.52 -37.45 13.19
CA SER B 388 18.46 -36.00 13.36
C SER B 388 18.13 -35.29 12.05
N ILE B 389 18.77 -35.72 10.96
CA ILE B 389 18.46 -35.15 9.65
C ILE B 389 17.02 -35.43 9.27
N CYS B 390 16.50 -36.61 9.61
CA CYS B 390 15.10 -36.92 9.36
C CYS B 390 14.17 -35.99 10.13
N SER B 391 14.50 -35.71 11.39
CA SER B 391 13.68 -34.79 12.17
C SER B 391 13.69 -33.40 11.55
N LEU B 392 14.87 -32.90 11.17
CA LEU B 392 14.95 -31.58 10.57
C LEU B 392 14.21 -31.52 9.23
N SER B 393 14.35 -32.56 8.41
CA SER B 393 13.68 -32.60 7.12
C SER B 393 12.17 -32.71 7.29
N GLY B 394 11.71 -33.42 8.32
CA GLY B 394 10.29 -33.45 8.60
C GLY B 394 9.75 -32.10 9.01
N VAL B 395 10.51 -31.38 9.84
CA VAL B 395 10.13 -30.01 10.19
C VAL B 395 10.03 -29.16 8.93
N LEU B 396 11.03 -29.26 8.05
CA LEU B 396 11.03 -28.47 6.83
C LEU B 396 9.85 -28.82 5.93
N VAL B 397 9.56 -30.11 5.78
CA VAL B 397 8.52 -30.55 4.87
C VAL B 397 7.13 -30.15 5.39
N ILE B 398 6.88 -30.39 6.68
CA ILE B 398 5.58 -30.06 7.24
C ILE B 398 5.38 -28.55 7.31
N ALA B 399 6.47 -27.79 7.55
CA ALA B 399 6.35 -26.35 7.72
C ALA B 399 6.03 -25.61 6.43
N LEU B 400 6.11 -26.27 5.27
CA LEU B 400 5.86 -25.57 4.01
C LEU B 400 4.36 -25.36 3.77
N PRO B 401 3.52 -26.39 3.79
CA PRO B 401 2.10 -26.18 3.50
C PRO B 401 1.26 -25.73 4.68
N VAL B 402 1.82 -25.66 5.88
CA VAL B 402 1.04 -25.20 7.04
C VAL B 402 0.61 -23.74 6.90
N PRO B 403 1.50 -22.78 6.59
CA PRO B 403 1.04 -21.39 6.50
C PRO B 403 -0.02 -21.16 5.43
N VAL B 404 0.07 -21.84 4.28
CA VAL B 404 -0.87 -21.57 3.20
C VAL B 404 -2.27 -22.04 3.58
N ILE B 405 -2.38 -23.15 4.31
CA ILE B 405 -3.68 -23.60 4.80
C ILE B 405 -4.25 -22.58 5.79
N VAL B 406 -3.41 -22.12 6.72
CA VAL B 406 -3.87 -21.16 7.71
C VAL B 406 -4.19 -19.82 7.05
N SER B 407 -3.37 -19.40 6.09
CA SER B 407 -3.63 -18.14 5.41
C SER B 407 -4.96 -18.19 4.64
N ASN B 408 -5.21 -19.28 3.92
CA ASN B 408 -6.47 -19.42 3.21
C ASN B 408 -7.64 -19.49 4.17
N PHE B 409 -7.49 -20.21 5.29
CA PHE B 409 -8.56 -20.27 6.28
C PHE B 409 -8.88 -18.89 6.83
N SER B 410 -7.84 -18.11 7.17
CA SER B 410 -8.06 -16.78 7.70
C SER B 410 -8.71 -15.87 6.67
N ARG B 411 -8.26 -15.95 5.42
CA ARG B 411 -8.84 -15.12 4.36
C ARG B 411 -10.31 -15.47 4.14
N ILE B 412 -10.63 -16.76 4.10
CA ILE B 412 -12.01 -17.18 3.90
C ILE B 412 -12.89 -16.74 5.08
N TYR B 413 -12.39 -16.89 6.31
CA TYR B 413 -13.17 -16.50 7.47
C TYR B 413 -13.40 -14.99 7.48
N HIS B 414 -12.37 -14.20 7.15
CA HIS B 414 -12.51 -12.76 7.11
C HIS B 414 -13.50 -12.32 6.02
N GLN B 415 -13.43 -12.95 4.84
CA GLN B 415 -14.34 -12.58 3.76
C GLN B 415 -15.76 -13.07 4.02
N ASN B 416 -15.93 -14.11 4.84
CA ASN B 416 -17.25 -14.57 5.22
C ASN B 416 -17.79 -13.86 6.46
N GLN B 417 -16.92 -13.03 7.02
CA GLN B 417 -17.19 -12.15 8.17
C GLN B 417 -17.49 -10.80 7.56
N ARG B 418 -16.77 -10.50 6.48
CA ARG B 418 -17.07 -9.31 5.66
C ARG B 418 -18.45 -9.43 5.05
N ALA B 419 -18.58 -10.26 4.01
CA ALA B 419 -19.82 -10.52 3.28
C ALA B 419 -21.06 -10.25 4.13
N ASP B 420 -20.99 -10.48 5.44
CA ASP B 420 -22.13 -10.20 6.30
C ASP B 420 -22.44 -8.70 6.34
N LYS B 421 -21.41 -7.87 6.43
CA LYS B 421 -21.61 -6.43 6.38
C LYS B 421 -21.99 -5.97 4.97
N ARG B 422 -21.57 -6.73 3.95
CA ARG B 422 -21.99 -6.43 2.58
C ARG B 422 -23.49 -6.62 2.42
N ARG B 423 -24.05 -7.65 3.04
CA ARG B 423 -25.50 -7.84 3.03
C ARG B 423 -26.19 -6.74 3.84
N ALA B 424 -25.56 -6.29 4.93
CA ALA B 424 -26.16 -5.27 5.77
C ALA B 424 -26.30 -3.94 5.02
N GLN B 425 -25.28 -3.57 4.25
CA GLN B 425 -25.35 -2.32 3.51
C GLN B 425 -26.34 -2.41 2.35
N LYS B 426 -26.59 -3.61 1.84
CA LYS B 426 -27.57 -3.78 0.77
C LYS B 426 -28.98 -3.50 1.26
N LYS B 427 -29.33 -4.01 2.45
CA LYS B 427 -30.66 -3.76 3.00
C LYS B 427 -30.85 -2.28 3.31
N ALA B 428 -29.82 -1.63 3.83
CA ALA B 428 -29.90 -0.19 4.08
C ALA B 428 -30.02 0.59 2.77
N ARG B 429 -29.32 0.15 1.73
CA ARG B 429 -29.41 0.82 0.44
C ARG B 429 -30.81 0.72 -0.14
N LEU B 430 -31.44 -0.47 -0.03
CA LEU B 430 -32.82 -0.62 -0.51
C LEU B 430 -33.77 0.23 0.33
N ALA B 431 -33.50 0.36 1.62
CA ALA B 431 -34.34 1.22 2.46
C ALA B 431 -34.26 2.67 2.01
N ARG B 432 -33.07 3.14 1.64
CA ARG B 432 -32.92 4.50 1.14
C ARG B 432 -33.64 4.66 -0.20
N ILE B 433 -33.59 3.64 -1.05
CA ILE B 433 -34.30 3.69 -2.32
C ILE B 433 -35.81 3.75 -2.07
N ARG B 434 -36.31 2.94 -1.15
CA ARG B 434 -37.73 2.97 -0.81
C ARG B 434 -38.11 4.30 -0.16
N ALA B 435 -37.22 4.85 0.67
CA ALA B 435 -37.48 6.16 1.26
C ALA B 435 -37.56 7.24 0.21
N ALA B 436 -36.68 7.18 -0.80
CA ALA B 436 -36.75 8.14 -1.90
C ALA B 436 -38.03 7.98 -2.69
N LYS B 437 -38.46 6.73 -2.93
CA LYS B 437 -39.71 6.49 -3.63
C LYS B 437 -40.90 7.02 -2.83
N SER B 438 -40.90 6.81 -1.52
CA SER B 438 -41.95 7.35 -0.67
C SER B 438 -41.90 8.87 -0.63
N GLY B 439 -40.69 9.44 -0.58
CA GLY B 439 -40.57 10.90 -0.60
C GLY B 439 -41.01 11.50 -1.92
N SER B 440 -40.67 10.85 -3.03
CA SER B 440 -41.12 11.34 -4.33
C SER B 440 -42.62 11.28 -4.46
N ALA B 441 -43.24 10.19 -3.99
CA ALA B 441 -44.70 10.10 -4.01
C ALA B 441 -45.33 11.12 -3.09
N ASN B 442 -44.75 11.31 -1.89
CA ASN B 442 -45.29 12.29 -0.96
C ASN B 442 -45.14 13.71 -1.50
N ALA B 443 -44.03 13.98 -2.20
CA ALA B 443 -43.82 15.31 -2.76
C ALA B 443 -44.91 15.67 -3.77
N TYR B 444 -45.39 14.69 -4.52
CA TYR B 444 -46.46 14.94 -5.48
C TYR B 444 -47.75 15.32 -4.76
N MET B 445 -48.04 14.65 -3.64
CA MET B 445 -49.25 14.96 -2.88
C MET B 445 -49.20 16.37 -2.32
N GLN B 446 -48.03 16.78 -1.81
CA GLN B 446 -47.90 18.13 -1.28
C GLN B 446 -48.14 19.17 -2.36
N SER B 447 -47.67 18.91 -3.58
CA SER B 447 -47.96 19.81 -4.70
C SER B 447 -49.45 19.78 -5.04
N LYS B 448 -50.06 18.60 -4.99
CA LYS B 448 -51.48 18.49 -5.29
C LYS B 448 -52.33 19.24 -4.28
N ARG B 449 -51.97 19.13 -2.99
CA ARG B 449 -52.72 19.82 -1.95
C ARG B 449 -52.67 21.33 -2.13
N SER B 450 -51.49 21.86 -2.45
CA SER B 450 -51.32 23.29 -2.65
C SER B 450 -51.37 23.65 -4.13
N SER B 472 -40.03 23.18 -7.73
CA SER B 472 -38.74 23.20 -8.43
C SER B 472 -38.95 23.32 -9.94
N SER B 473 -37.86 23.18 -10.69
CA SER B 473 -37.94 23.29 -12.14
C SER B 473 -38.40 21.97 -12.76
N PHE B 474 -37.62 20.90 -12.56
CA PHE B 474 -37.99 19.60 -13.12
C PHE B 474 -39.19 19.00 -12.39
N GLU B 475 -39.31 19.27 -11.08
CA GLU B 475 -40.41 18.71 -10.31
C GLU B 475 -41.77 19.14 -10.86
N THR B 476 -41.86 20.34 -11.43
CA THR B 476 -43.11 20.80 -12.00
C THR B 476 -43.53 19.95 -13.20
N GLN B 477 -42.58 19.61 -14.07
CA GLN B 477 -42.92 18.80 -15.23
C GLN B 477 -43.14 17.34 -14.85
N HIS B 478 -42.37 16.84 -13.88
CA HIS B 478 -42.54 15.45 -13.46
C HIS B 478 -43.92 15.23 -12.84
N HIS B 479 -44.39 16.17 -12.02
CA HIS B 479 -45.72 16.04 -11.44
C HIS B 479 -46.81 16.14 -12.49
N HIS B 480 -46.53 16.79 -13.62
CA HIS B 480 -47.51 16.81 -14.71
C HIS B 480 -47.66 15.43 -15.34
N LEU B 481 -46.56 14.69 -15.44
CA LEU B 481 -46.65 13.32 -15.96
C LEU B 481 -47.50 12.44 -15.05
N LEU B 482 -47.31 12.56 -13.74
CA LEU B 482 -48.16 11.83 -12.81
C LEU B 482 -49.61 12.30 -12.89
N HIS B 483 -49.80 13.61 -13.10
CA HIS B 483 -51.16 14.14 -13.29
C HIS B 483 -51.80 13.56 -14.54
N CYS B 484 -51.02 13.39 -15.61
CA CYS B 484 -51.53 12.73 -16.81
C CYS B 484 -51.89 11.28 -16.53
N LEU B 485 -51.05 10.58 -15.76
CA LEU B 485 -51.33 9.19 -15.42
C LEU B 485 -52.57 9.08 -14.53
N GLU B 486 -52.82 10.08 -13.68
CA GLU B 486 -54.02 10.06 -12.86
C GLU B 486 -55.27 10.09 -13.71
N LYS B 487 -55.31 10.96 -14.71
CA LYS B 487 -56.52 11.24 -15.45
C LYS B 487 -56.68 10.41 -16.71
N THR B 488 -55.74 9.53 -17.01
CA THR B 488 -55.94 8.53 -18.06
C THR B 488 -56.60 7.27 -17.55
N THR B 489 -56.61 7.06 -16.22
CA THR B 489 -57.29 5.94 -15.60
C THR B 489 -58.37 6.42 -14.63
N ASN B 490 -58.76 7.69 -14.71
CA ASN B 490 -59.72 8.35 -13.83
C ASN B 490 -59.54 7.96 -12.38
N HIS B 491 -58.29 7.91 -11.91
CA HIS B 491 -57.96 7.57 -10.54
C HIS B 491 -57.01 8.63 -9.98
N GLU B 492 -57.02 8.75 -8.65
CA GLU B 492 -56.19 9.74 -7.97
C GLU B 492 -55.37 9.09 -6.88
N PHE B 493 -54.08 9.42 -6.84
CA PHE B 493 -53.23 8.98 -5.73
C PHE B 493 -53.63 9.71 -4.46
N VAL B 494 -53.69 8.95 -3.35
CA VAL B 494 -53.98 9.51 -2.04
C VAL B 494 -52.96 8.98 -1.05
N ASP B 495 -52.86 9.66 0.08
CA ASP B 495 -51.88 9.32 1.12
C ASP B 495 -52.09 7.90 1.65
N ALA C 2 29.29 25.21 -10.93
CA ALA C 2 28.61 24.62 -12.07
C ALA C 2 27.45 25.49 -12.54
N ALA C 3 26.72 25.00 -13.55
CA ALA C 3 25.59 25.76 -14.08
C ALA C 3 24.34 25.62 -13.22
N GLY C 4 24.30 24.63 -12.31
CA GLY C 4 23.13 24.49 -11.46
C GLY C 4 22.93 25.67 -10.54
N VAL C 5 23.99 26.13 -9.90
CA VAL C 5 23.94 27.34 -9.07
C VAL C 5 24.35 28.49 -9.98
N ALA C 6 23.37 29.00 -10.73
CA ALA C 6 23.61 30.09 -11.67
C ALA C 6 23.10 31.43 -11.15
N ALA C 7 22.10 31.44 -10.28
CA ALA C 7 21.62 32.68 -9.69
C ALA C 7 22.59 33.26 -8.66
N TRP C 8 23.61 32.50 -8.27
CA TRP C 8 24.60 32.95 -7.32
C TRP C 8 25.85 33.50 -8.01
N LEU C 9 25.79 33.71 -9.32
CA LEU C 9 26.93 34.32 -10.02
C LEU C 9 27.30 35.69 -9.47
N PRO C 10 26.38 36.61 -9.19
CA PRO C 10 26.78 37.87 -8.54
C PRO C 10 27.46 37.66 -7.19
N PHE C 11 27.07 36.62 -6.46
CA PHE C 11 27.75 36.29 -5.21
C PHE C 11 29.19 35.88 -5.47
N ALA C 12 29.40 35.03 -6.49
CA ALA C 12 30.76 34.62 -6.82
C ALA C 12 31.58 35.79 -7.36
N ARG C 13 30.97 36.67 -8.15
CA ARG C 13 31.69 37.83 -8.63
C ARG C 13 32.03 38.79 -7.50
N ALA C 14 31.14 38.91 -6.51
CA ALA C 14 31.44 39.72 -5.34
C ALA C 14 32.58 39.11 -4.53
N ALA C 15 32.64 37.78 -4.47
CA ALA C 15 33.73 37.11 -3.77
C ALA C 15 35.06 37.37 -4.46
N ALA C 16 35.07 37.47 -5.79
CA ALA C 16 36.30 37.72 -6.53
C ALA C 16 36.90 39.09 -6.25
N ILE C 17 36.15 40.00 -5.62
CA ILE C 17 36.69 41.31 -5.29
C ILE C 17 37.85 41.20 -4.32
N GLY C 18 37.82 40.19 -3.43
CA GLY C 18 38.89 40.00 -2.48
C GLY C 18 40.23 39.66 -3.11
N TRP C 19 40.22 39.13 -4.33
CA TRP C 19 41.48 38.81 -5.01
C TRP C 19 42.19 40.07 -5.49
N MET C 20 41.43 41.11 -5.85
CA MET C 20 42.03 42.31 -6.44
C MET C 20 43.11 42.96 -5.58
N PRO C 21 42.94 43.14 -4.26
CA PRO C 21 44.04 43.74 -3.47
C PRO C 21 45.34 42.96 -3.54
N VAL C 22 45.27 41.64 -3.62
CA VAL C 22 46.47 40.80 -3.65
C VAL C 22 46.78 40.32 -5.08
N ALA C 23 46.28 41.01 -6.09
CA ALA C 23 46.45 40.61 -7.48
C ALA C 23 47.38 41.57 -8.20
N SER C 24 47.58 41.30 -9.49
CA SER C 24 48.32 42.16 -10.40
C SER C 24 47.46 42.33 -11.64
N GLY C 25 46.67 43.39 -11.68
CA GLY C 25 45.62 43.57 -12.65
C GLY C 25 46.06 43.44 -14.09
N PRO C 26 45.62 42.37 -14.75
CA PRO C 26 45.93 42.14 -16.17
C PRO C 26 44.86 42.59 -17.15
N MET C 27 43.82 43.30 -16.69
CA MET C 27 42.65 43.64 -17.49
C MET C 27 42.03 42.33 -17.93
N PRO C 28 41.34 41.62 -17.04
CA PRO C 28 40.86 40.27 -17.37
C PRO C 28 39.78 40.21 -18.43
N ALA C 29 39.41 41.34 -19.06
CA ALA C 29 38.50 41.37 -20.21
C ALA C 29 37.14 40.76 -19.89
N PRO C 30 36.29 41.46 -19.14
CA PRO C 30 34.97 40.92 -18.82
C PRO C 30 34.18 40.65 -20.08
N PRO C 31 33.33 39.62 -20.09
CA PRO C 31 32.66 39.21 -21.33
C PRO C 31 31.73 40.27 -21.92
N ARG C 32 31.19 41.17 -21.10
CA ARG C 32 30.24 42.19 -21.57
C ARG C 32 29.03 41.55 -22.24
N GLN C 33 28.26 40.84 -21.41
CA GLN C 33 27.10 40.08 -21.88
C GLN C 33 26.03 41.02 -22.45
N GLU C 34 24.98 40.41 -23.00
CA GLU C 34 23.93 41.17 -23.65
C GLU C 34 23.19 42.06 -22.66
N ARG C 35 22.76 41.50 -21.54
CA ARG C 35 22.02 42.26 -20.54
C ARG C 35 22.10 41.59 -19.17
N ASP C 40 14.07 38.60 -19.52
CA ASP C 40 14.00 37.54 -18.52
C ASP C 40 12.56 37.15 -18.23
N ALA C 41 11.66 37.47 -19.16
CA ALA C 41 10.26 37.14 -18.99
C ALA C 41 10.05 35.63 -18.96
N LEU C 42 9.14 35.19 -18.11
CA LEU C 42 8.85 33.77 -17.97
C LEU C 42 8.18 33.24 -19.23
N ILE C 43 8.50 31.99 -19.58
CA ILE C 43 7.99 31.36 -20.78
C ILE C 43 6.94 30.34 -20.40
N VAL C 44 6.14 29.94 -21.39
CA VAL C 44 5.02 29.02 -21.21
C VAL C 44 5.39 27.67 -21.79
N LEU C 45 5.15 26.61 -21.03
CA LEU C 45 5.39 25.23 -21.45
C LEU C 45 4.06 24.49 -21.38
N ASN C 46 3.29 24.55 -22.47
CA ASN C 46 1.94 23.99 -22.51
C ASN C 46 2.04 22.52 -22.91
N VAL C 47 2.04 21.64 -21.91
CA VAL C 47 2.11 20.19 -22.15
C VAL C 47 0.67 19.69 -22.24
N SER C 48 0.10 19.79 -23.44
CA SER C 48 -1.23 19.26 -23.76
C SER C 48 -2.30 19.85 -22.84
N GLY C 49 -2.48 21.17 -22.97
CA GLY C 49 -3.57 21.85 -22.29
C GLY C 49 -3.19 22.55 -21.00
N THR C 50 -2.39 21.90 -20.17
CA THR C 50 -1.98 22.45 -18.88
C THR C 50 -0.70 23.26 -19.09
N ARG C 51 -0.84 24.59 -19.10
CA ARG C 51 0.32 25.44 -19.32
C ARG C 51 1.21 25.48 -18.08
N PHE C 52 2.51 25.37 -18.30
CA PHE C 52 3.51 25.45 -17.24
C PHE C 52 4.40 26.66 -17.51
N GLN C 53 4.60 27.48 -16.50
CA GLN C 53 5.32 28.73 -16.64
C GLN C 53 6.58 28.70 -15.78
N THR C 54 7.74 28.87 -16.41
CA THR C 54 9.01 28.97 -15.71
C THR C 54 9.89 29.96 -16.46
N TRP C 55 10.82 30.56 -15.73
CA TRP C 55 11.79 31.45 -16.36
C TRP C 55 12.71 30.69 -17.30
N GLN C 56 13.10 31.35 -18.39
CA GLN C 56 13.98 30.70 -19.35
C GLN C 56 15.34 30.38 -18.75
N ASP C 57 15.81 31.20 -17.81
CA ASP C 57 17.07 30.94 -17.15
C ASP C 57 17.02 29.67 -16.30
N THR C 58 15.83 29.30 -15.82
CA THR C 58 15.69 28.07 -15.05
C THR C 58 15.98 26.84 -15.91
N LEU C 59 15.50 26.83 -17.15
CA LEU C 59 15.71 25.69 -18.03
C LEU C 59 17.13 25.64 -18.56
N GLU C 60 17.74 26.81 -18.79
CA GLU C 60 19.06 26.87 -19.41
C GLU C 60 20.19 26.41 -18.50
N ARG C 61 19.93 26.20 -17.21
CA ARG C 61 20.99 25.79 -16.29
C ARG C 61 21.38 24.33 -16.46
N TYR C 62 20.64 23.56 -17.26
CA TYR C 62 21.00 22.18 -17.57
C TYR C 62 20.98 22.04 -19.09
N PRO C 63 22.03 22.52 -19.77
CA PRO C 63 22.05 22.57 -21.25
C PRO C 63 22.46 21.26 -21.92
N ASP C 64 21.90 20.14 -21.44
CA ASP C 64 22.14 18.85 -22.05
C ASP C 64 20.88 18.01 -22.15
N THR C 65 19.72 18.61 -21.95
CA THR C 65 18.43 17.93 -22.03
C THR C 65 17.55 18.62 -23.08
N LEU C 66 16.30 18.18 -23.18
CA LEU C 66 15.41 18.73 -24.18
C LEU C 66 14.98 20.15 -23.84
N LEU C 67 14.62 20.39 -22.58
CA LEU C 67 14.06 21.70 -22.21
C LEU C 67 15.11 22.79 -22.31
N GLY C 68 16.29 22.57 -21.73
CA GLY C 68 17.37 23.53 -21.93
C GLY C 68 18.28 23.12 -23.07
N SER C 69 17.98 23.62 -24.27
CA SER C 69 18.73 23.31 -25.48
C SER C 69 18.15 24.06 -26.67
N SER C 70 18.78 23.93 -27.83
CA SER C 70 18.16 24.33 -29.09
C SER C 70 17.19 23.27 -29.59
N GLU C 71 17.07 22.14 -28.88
CA GLU C 71 16.15 21.09 -29.29
C GLU C 71 14.69 21.48 -29.08
N ARG C 72 14.41 22.26 -28.04
CA ARG C 72 13.03 22.65 -27.77
C ARG C 72 12.48 23.62 -28.81
N ASP C 73 13.34 24.17 -29.68
CA ASP C 73 12.85 24.99 -30.78
C ASP C 73 12.02 24.19 -31.77
N PHE C 74 12.14 22.87 -31.75
CA PHE C 74 11.28 22.02 -32.58
C PHE C 74 9.85 22.02 -32.08
N PHE C 75 9.66 22.17 -30.77
CA PHE C 75 8.34 22.14 -30.15
C PHE C 75 7.76 23.54 -29.93
N TYR C 76 8.44 24.58 -30.37
CA TYR C 76 7.90 25.93 -30.25
C TYR C 76 6.79 26.14 -31.26
N HIS C 77 5.62 26.55 -30.77
CA HIS C 77 4.48 26.78 -31.66
C HIS C 77 4.33 28.29 -31.75
N PRO C 78 4.63 28.91 -32.90
CA PRO C 78 4.97 30.35 -32.87
C PRO C 78 3.79 31.28 -32.66
N GLU C 79 2.66 31.02 -33.31
CA GLU C 79 1.57 32.01 -33.31
C GLU C 79 0.98 32.19 -31.91
N THR C 80 1.07 31.19 -31.04
CA THR C 80 0.63 31.33 -29.67
C THR C 80 1.76 31.75 -28.73
N GLN C 81 2.99 31.89 -29.24
CA GLN C 81 4.15 32.27 -28.44
C GLN C 81 4.31 31.38 -27.20
N GLN C 82 4.26 30.08 -27.44
CA GLN C 82 4.41 29.11 -26.36
C GLN C 82 4.98 27.82 -26.92
N TYR C 83 5.59 27.03 -26.03
CA TYR C 83 6.08 25.70 -26.37
C TYR C 83 4.99 24.68 -26.05
N PHE C 84 4.55 23.96 -27.07
CA PHE C 84 3.51 22.96 -26.92
C PHE C 84 4.11 21.56 -27.01
N PHE C 85 4.06 20.83 -25.91
CA PHE C 85 4.41 19.41 -25.88
C PHE C 85 3.14 18.59 -25.74
N ASP C 86 3.15 17.40 -26.34
CA ASP C 86 2.00 16.50 -26.33
C ASP C 86 2.24 15.36 -25.35
N ARG C 87 2.85 15.67 -24.21
CA ARG C 87 3.25 14.68 -23.22
C ARG C 87 2.29 14.68 -22.03
N ASP C 88 2.60 13.86 -21.04
CA ASP C 88 1.74 13.72 -19.87
C ASP C 88 1.79 14.99 -19.03
N PRO C 89 0.65 15.58 -18.67
CA PRO C 89 0.68 16.83 -17.88
C PRO C 89 1.06 16.61 -16.43
N ASP C 90 0.77 15.45 -15.85
CA ASP C 90 1.08 15.19 -14.45
C ASP C 90 2.42 14.50 -14.25
N ILE C 91 3.15 14.21 -15.32
CA ILE C 91 4.52 13.73 -15.22
C ILE C 91 5.53 14.81 -15.62
N PHE C 92 5.15 15.74 -16.48
CA PHE C 92 6.01 16.89 -16.77
C PHE C 92 6.17 17.80 -15.57
N ARG C 93 5.30 17.65 -14.57
CA ARG C 93 5.46 18.42 -13.33
C ARG C 93 6.75 18.09 -12.62
N HIS C 94 7.12 16.80 -12.59
CA HIS C 94 8.38 16.39 -11.99
C HIS C 94 9.58 16.71 -12.87
N ILE C 95 9.35 16.93 -14.17
CA ILE C 95 10.43 17.36 -15.04
C ILE C 95 10.84 18.79 -14.72
N LEU C 96 9.87 19.67 -14.49
CA LEU C 96 10.18 21.06 -14.17
C LEU C 96 10.84 21.19 -12.79
N ASN C 97 10.42 20.36 -11.84
CA ASN C 97 11.01 20.41 -10.51
C ASN C 97 12.49 20.05 -10.55
N PHE C 98 12.90 19.26 -11.53
CA PHE C 98 14.32 18.95 -11.69
C PHE C 98 15.12 20.20 -12.04
N TYR C 99 14.58 21.05 -12.92
CA TYR C 99 15.32 22.22 -13.38
C TYR C 99 15.46 23.28 -12.28
N ARG C 100 14.68 23.18 -11.21
CA ARG C 100 14.85 24.09 -10.08
C ARG C 100 15.89 23.57 -9.09
N THR C 101 15.68 22.38 -8.55
CA THR C 101 16.56 21.83 -7.53
C THR C 101 17.72 21.04 -8.15
N GLY C 102 17.40 20.01 -8.94
CA GLY C 102 18.42 19.19 -9.54
C GLY C 102 18.21 17.72 -9.30
N LYS C 103 17.21 17.38 -8.48
CA LYS C 103 16.90 16.00 -8.13
C LYS C 103 15.49 15.67 -8.61
N LEU C 104 15.37 14.57 -9.33
CA LEU C 104 14.07 14.09 -9.78
C LEU C 104 13.33 13.39 -8.64
N HIS C 105 12.01 13.50 -8.67
CA HIS C 105 11.15 12.84 -7.70
C HIS C 105 10.27 11.82 -8.41
N TYR C 106 10.19 10.60 -7.86
CA TYR C 106 9.42 9.54 -8.47
C TYR C 106 8.02 9.52 -7.89
N PRO C 107 6.97 9.59 -8.71
CA PRO C 107 5.60 9.53 -8.20
C PRO C 107 5.23 8.08 -7.90
N ARG C 108 4.85 7.82 -6.63
CA ARG C 108 4.49 6.47 -6.23
C ARG C 108 3.21 5.98 -6.89
N HIS C 109 2.39 6.89 -7.42
CA HIS C 109 1.11 6.53 -8.03
C HIS C 109 1.17 6.43 -9.55
N GLU C 110 2.34 6.63 -10.15
CA GLU C 110 2.49 6.63 -11.60
C GLU C 110 3.19 5.37 -12.07
N CYS C 111 2.73 4.81 -13.18
CA CYS C 111 3.35 3.64 -13.76
C CYS C 111 4.79 3.95 -14.18
N ILE C 112 5.70 3.04 -13.86
CA ILE C 112 7.11 3.28 -14.14
C ILE C 112 7.44 3.16 -15.63
N SER C 113 6.60 2.48 -16.40
CA SER C 113 6.83 2.41 -17.84
C SER C 113 6.47 3.71 -18.56
N ALA C 114 5.62 4.53 -17.96
CA ALA C 114 5.34 5.86 -18.48
C ALA C 114 6.26 6.92 -17.91
N TYR C 115 6.71 6.75 -16.66
CA TYR C 115 7.68 7.66 -16.09
C TYR C 115 9.00 7.62 -16.86
N ASP C 116 9.46 6.42 -17.21
CA ASP C 116 10.68 6.30 -17.99
C ASP C 116 10.51 6.85 -19.40
N GLU C 117 9.29 6.81 -19.93
CA GLU C 117 9.04 7.35 -21.26
C GLU C 117 9.24 8.86 -21.28
N GLU C 118 8.80 9.56 -20.23
CA GLU C 118 8.97 11.01 -20.18
C GLU C 118 10.43 11.38 -19.90
N LEU C 119 11.12 10.60 -19.08
CA LEU C 119 12.53 10.87 -18.82
C LEU C 119 13.36 10.72 -20.09
N ALA C 120 13.10 9.68 -20.88
CA ALA C 120 13.80 9.51 -22.15
C ALA C 120 13.43 10.62 -23.13
N PHE C 121 12.16 11.02 -23.15
CA PHE C 121 11.71 12.06 -24.08
C PHE C 121 12.42 13.38 -23.81
N PHE C 122 12.46 13.81 -22.55
CA PHE C 122 12.97 15.12 -22.20
C PHE C 122 14.47 15.15 -21.97
N GLY C 123 15.16 14.02 -22.14
CA GLY C 123 16.60 13.97 -22.02
C GLY C 123 17.13 13.61 -20.65
N LEU C 124 16.28 13.54 -19.65
CA LEU C 124 16.75 13.16 -18.32
C LEU C 124 17.09 11.67 -18.27
N ILE C 125 17.85 11.29 -17.25
CA ILE C 125 18.31 9.91 -17.09
C ILE C 125 17.94 9.42 -15.71
N PRO C 126 17.74 8.10 -15.53
CA PRO C 126 17.41 7.59 -14.18
C PRO C 126 18.55 7.65 -13.20
N GLU C 127 19.74 8.11 -13.61
CA GLU C 127 20.88 8.21 -12.70
C GLU C 127 20.88 9.50 -11.89
N ILE C 128 20.04 10.47 -12.23
CA ILE C 128 20.02 11.76 -11.55
C ILE C 128 18.85 11.90 -10.59
N ILE C 129 18.03 10.86 -10.44
CA ILE C 129 16.90 10.92 -9.52
C ILE C 129 17.43 11.02 -8.09
N GLY C 130 16.74 11.79 -7.26
CA GLY C 130 17.22 12.04 -5.92
C GLY C 130 17.26 10.80 -5.06
N ASP C 131 18.14 10.83 -4.05
CA ASP C 131 18.28 9.71 -3.14
C ASP C 131 17.05 9.49 -2.28
N CYS C 132 16.20 10.51 -2.13
CA CYS C 132 15.00 10.37 -1.31
C CYS C 132 14.10 9.26 -1.84
N CYS C 133 13.84 9.27 -3.14
CA CYS C 133 13.09 8.20 -3.81
C CYS C 133 13.95 7.66 -4.95
N TYR C 134 14.82 6.71 -4.61
CA TYR C 134 15.61 6.00 -5.60
C TYR C 134 15.58 4.51 -5.28
N GLU C 135 15.44 4.19 -4.00
CA GLU C 135 15.30 2.79 -3.59
C GLU C 135 14.00 2.21 -4.11
N GLU C 136 12.90 2.97 -4.02
CA GLU C 136 11.61 2.48 -4.52
C GLU C 136 11.55 2.54 -6.03
N TYR C 137 12.25 3.50 -6.65
CA TYR C 137 12.28 3.57 -8.10
C TYR C 137 12.93 2.32 -8.70
N LYS C 138 14.05 1.88 -8.12
CA LYS C 138 14.68 0.65 -8.57
C LYS C 138 13.80 -0.56 -8.28
N ASP C 139 13.13 -0.59 -7.13
CA ASP C 139 12.26 -1.70 -6.79
C ASP C 139 11.11 -1.83 -7.77
N ARG C 140 10.50 -0.71 -8.15
CA ARG C 140 9.43 -0.76 -9.15
C ARG C 140 10.00 -1.02 -10.55
N ARG C 141 11.24 -0.61 -10.79
CA ARG C 141 11.89 -0.92 -12.06
C ARG C 141 12.20 -2.41 -12.16
N ARG C 142 12.56 -3.03 -11.03
CA ARG C 142 12.86 -4.46 -11.04
C ARG C 142 11.63 -5.28 -11.38
N GLU C 143 10.47 -4.92 -10.82
CA GLU C 143 9.24 -5.65 -11.12
C GLU C 143 8.87 -5.51 -12.59
N ASN C 144 9.03 -4.31 -13.16
CA ASN C 144 8.79 -4.13 -14.59
C ASN C 144 9.79 -4.93 -15.41
N ALA C 145 11.05 -4.95 -14.99
CA ALA C 145 12.07 -5.73 -15.71
C ALA C 145 11.76 -7.21 -15.66
N GLU C 146 11.32 -7.71 -14.50
CA GLU C 146 10.95 -9.13 -14.40
C GLU C 146 9.73 -9.45 -15.26
N ARG C 147 8.80 -8.49 -15.40
CA ARG C 147 7.66 -8.71 -16.28
C ARG C 147 8.09 -8.89 -17.73
N LEU C 148 9.06 -8.08 -18.17
CA LEU C 148 9.58 -8.24 -19.54
C LEU C 148 10.28 -9.57 -19.72
N GLN C 149 11.09 -9.97 -18.74
CA GLN C 149 11.83 -11.23 -18.86
C GLN C 149 10.90 -12.43 -18.90
N ASP C 150 9.89 -12.45 -18.03
CA ASP C 150 8.93 -13.56 -18.04
C ASP C 150 8.13 -13.58 -19.34
N ASP C 151 7.72 -12.42 -19.84
CA ASP C 151 6.94 -12.36 -21.07
C ASP C 151 7.79 -12.64 -22.31
N ALA C 152 9.11 -12.60 -22.18
CA ALA C 152 10.03 -12.84 -23.30
C ALA C 152 10.93 -14.04 -23.02
N ASP C 153 10.36 -15.09 -22.43
CA ASP C 153 11.11 -16.30 -22.14
C ASP C 153 11.20 -17.25 -23.32
N THR C 154 10.54 -16.92 -24.44
CA THR C 154 10.58 -17.73 -25.66
C THR C 154 10.10 -19.16 -25.40
N ASP C 155 8.83 -19.26 -25.04
CA ASP C 155 8.19 -20.54 -24.80
C ASP C 155 7.51 -21.10 -26.06
N THR C 156 7.88 -20.60 -27.23
CA THR C 156 7.28 -21.08 -28.47
C THR C 156 7.69 -22.52 -28.74
N ALA C 157 6.70 -23.35 -29.09
CA ALA C 157 6.96 -24.75 -29.37
C ALA C 157 5.90 -25.31 -30.33
N PRO C 163 9.57 -28.26 -36.99
CA PRO C 163 10.11 -29.55 -37.38
C PRO C 163 10.79 -29.52 -38.74
N THR C 164 11.41 -28.38 -39.07
CA THR C 164 12.12 -28.25 -40.34
C THR C 164 13.42 -29.06 -40.39
N MET C 165 13.85 -29.61 -39.25
CA MET C 165 15.09 -30.37 -39.19
C MET C 165 14.82 -31.75 -38.60
N THR C 166 15.88 -32.49 -38.25
CA THR C 166 15.77 -33.89 -37.90
C THR C 166 14.91 -34.13 -36.65
N ALA C 167 14.72 -35.40 -36.29
CA ALA C 167 13.81 -35.77 -35.22
C ALA C 167 14.28 -35.32 -33.84
N ARG C 168 15.53 -34.85 -33.72
CA ARG C 168 16.06 -34.50 -32.41
C ARG C 168 15.23 -33.42 -31.73
N GLN C 169 14.95 -32.32 -32.44
CA GLN C 169 14.19 -31.24 -31.83
C GLN C 169 12.75 -31.63 -31.57
N ARG C 170 12.13 -32.36 -32.50
CA ARG C 170 10.73 -32.73 -32.34
C ARG C 170 10.51 -33.84 -31.33
N VAL C 171 11.57 -34.52 -30.88
CA VAL C 171 11.45 -35.42 -29.74
C VAL C 171 11.90 -34.77 -28.44
N TRP C 172 12.81 -33.78 -28.50
CA TRP C 172 13.17 -33.06 -27.30
C TRP C 172 12.03 -32.17 -26.83
N ARG C 173 11.26 -31.60 -27.76
CA ARG C 173 10.08 -30.84 -27.37
C ARG C 173 9.06 -31.71 -26.66
N ALA C 174 9.00 -33.00 -27.01
CA ALA C 174 8.16 -33.93 -26.27
C ALA C 174 8.76 -34.27 -24.91
N PHE C 175 10.09 -34.44 -24.87
CA PHE C 175 10.76 -34.74 -23.60
C PHE C 175 10.64 -33.57 -22.63
N GLU C 176 10.89 -32.35 -23.11
CA GLU C 176 10.83 -31.18 -22.24
C GLU C 176 9.40 -30.91 -21.79
N ASN C 177 8.43 -31.06 -22.69
CA ASN C 177 7.01 -30.81 -22.42
C ASN C 177 6.25 -32.11 -22.61
N PRO C 178 6.04 -32.90 -21.56
CA PRO C 178 5.31 -34.16 -21.71
C PRO C 178 3.80 -34.01 -21.76
N HIS C 179 3.27 -32.81 -21.50
CA HIS C 179 1.82 -32.60 -21.51
C HIS C 179 1.26 -32.42 -22.91
N THR C 180 2.11 -32.22 -23.92
CA THR C 180 1.68 -32.07 -25.30
C THR C 180 1.78 -33.41 -26.03
N SER C 181 1.24 -33.42 -27.25
CA SER C 181 1.22 -34.60 -28.11
C SER C 181 0.56 -35.79 -27.42
N THR C 182 0.84 -37.00 -27.90
CA THR C 182 0.27 -38.19 -27.29
C THR C 182 1.35 -39.19 -26.90
N MET C 183 2.50 -39.14 -27.59
CA MET C 183 3.61 -40.00 -27.23
C MET C 183 4.34 -39.50 -25.99
N ALA C 184 4.44 -38.18 -25.85
CA ALA C 184 5.11 -37.61 -24.67
C ALA C 184 4.38 -37.97 -23.39
N LEU C 185 3.04 -37.90 -23.40
CA LEU C 185 2.27 -38.26 -22.22
C LEU C 185 2.43 -39.73 -21.87
N VAL C 186 2.45 -40.60 -22.89
CA VAL C 186 2.64 -42.02 -22.66
C VAL C 186 4.01 -42.29 -22.05
N PHE C 187 5.05 -41.63 -22.59
CA PHE C 187 6.39 -41.81 -22.05
C PHE C 187 6.47 -41.30 -20.60
N TYR C 188 5.84 -40.15 -20.33
CA TYR C 188 5.81 -39.62 -18.97
C TYR C 188 5.15 -40.60 -18.02
N TYR C 189 3.98 -41.13 -18.40
CA TYR C 189 3.25 -42.04 -17.54
C TYR C 189 4.03 -43.34 -17.31
N VAL C 190 4.65 -43.88 -18.35
CA VAL C 190 5.37 -45.14 -18.18
C VAL C 190 6.62 -44.94 -17.33
N THR C 191 7.31 -43.79 -17.50
CA THR C 191 8.46 -43.52 -16.65
C THR C 191 8.06 -43.37 -15.18
N GLY C 192 6.97 -42.64 -14.92
CA GLY C 192 6.50 -42.51 -13.54
C GLY C 192 6.10 -43.84 -12.95
N PHE C 193 5.39 -44.66 -13.73
CA PHE C 193 4.98 -45.97 -13.26
C PHE C 193 6.18 -46.86 -12.97
N PHE C 194 7.20 -46.81 -13.83
CA PHE C 194 8.39 -47.62 -13.60
C PHE C 194 9.14 -47.17 -12.34
N ILE C 195 9.27 -45.86 -12.13
CA ILE C 195 9.92 -45.38 -10.91
C ILE C 195 9.15 -45.83 -9.68
N ALA C 196 7.82 -45.66 -9.71
CA ALA C 196 7.00 -46.04 -8.57
C ALA C 196 7.09 -47.54 -8.29
N VAL C 197 7.01 -48.37 -9.34
CA VAL C 197 7.05 -49.81 -9.14
C VAL C 197 8.43 -50.23 -8.66
N SER C 198 9.50 -49.56 -9.11
CA SER C 198 10.84 -49.90 -8.64
C SER C 198 10.98 -49.63 -7.15
N VAL C 199 10.55 -48.45 -6.70
CA VAL C 199 10.70 -48.13 -5.29
C VAL C 199 9.78 -49.01 -4.44
N ILE C 200 8.57 -49.29 -4.92
CA ILE C 200 7.66 -50.15 -4.18
C ILE C 200 8.23 -51.56 -4.07
N ALA C 201 8.78 -52.08 -5.17
CA ALA C 201 9.37 -53.42 -5.13
C ALA C 201 10.56 -53.47 -4.19
N ASN C 202 11.37 -52.41 -4.17
CA ASN C 202 12.45 -52.32 -3.19
C ASN C 202 11.90 -52.42 -1.77
N VAL C 203 10.82 -51.69 -1.50
CA VAL C 203 10.17 -51.78 -0.20
C VAL C 203 9.73 -53.21 0.09
N VAL C 204 9.22 -53.91 -0.93
CA VAL C 204 8.74 -55.28 -0.73
C VAL C 204 9.89 -56.21 -0.38
N GLU C 205 11.02 -56.13 -1.09
CA GLU C 205 12.07 -57.08 -0.74
C GLU C 205 12.76 -56.69 0.56
N THR C 206 12.64 -55.44 1.00
CA THR C 206 13.18 -55.09 2.32
C THR C 206 12.35 -55.71 3.44
N VAL C 207 11.04 -55.80 3.28
CA VAL C 207 10.16 -56.35 4.31
C VAL C 207 10.13 -57.87 4.22
N PRO C 208 10.17 -58.58 5.35
CA PRO C 208 10.06 -60.04 5.31
C PRO C 208 8.70 -60.48 4.76
N CYS C 209 8.71 -61.63 4.10
CA CYS C 209 7.51 -62.22 3.52
C CYS C 209 7.06 -63.49 4.22
N GLY C 210 7.99 -64.32 4.68
CA GLY C 210 7.66 -65.57 5.35
C GLY C 210 7.80 -65.49 6.86
N HIS C 215 9.69 -73.00 10.32
CA HIS C 215 10.71 -72.53 9.39
C HIS C 215 12.05 -72.39 10.10
N ILE C 216 13.13 -72.40 9.32
CA ILE C 216 14.47 -72.28 9.89
C ILE C 216 14.67 -70.89 10.49
N LYS C 217 14.18 -69.86 9.83
CA LYS C 217 14.31 -68.49 10.31
C LYS C 217 13.25 -67.63 9.63
N GLU C 218 13.04 -66.44 10.17
CA GLU C 218 12.15 -65.46 9.56
C GLU C 218 12.86 -64.86 8.35
N LEU C 219 12.88 -65.64 7.27
CA LEU C 219 13.63 -65.25 6.09
C LEU C 219 12.93 -64.12 5.37
N PRO C 220 13.62 -63.01 5.07
CA PRO C 220 12.99 -61.92 4.31
C PRO C 220 12.73 -62.30 2.86
N CYS C 221 12.21 -61.34 2.09
CA CYS C 221 11.88 -61.56 0.69
C CYS C 221 13.07 -61.43 -0.25
N GLY C 222 14.30 -61.52 0.28
CA GLY C 222 15.48 -61.33 -0.53
C GLY C 222 16.36 -62.54 -0.68
N GLU C 223 16.02 -63.64 -0.01
CA GLU C 223 16.83 -64.87 -0.08
C GLU C 223 16.10 -65.99 -0.82
N ARG C 224 14.91 -66.38 -0.35
CA ARG C 224 14.12 -67.34 -1.11
C ARG C 224 13.55 -66.69 -2.37
N TYR C 225 12.99 -65.50 -2.22
CA TYR C 225 12.58 -64.67 -3.35
C TYR C 225 13.77 -63.86 -3.86
N ALA C 226 13.48 -62.82 -4.64
CA ALA C 226 14.45 -61.90 -5.24
C ALA C 226 15.18 -62.52 -6.43
N VAL C 227 14.61 -63.56 -7.03
CA VAL C 227 15.07 -64.03 -8.34
C VAL C 227 14.35 -63.28 -9.46
N ALA C 228 13.09 -62.92 -9.24
CA ALA C 228 12.39 -62.05 -10.17
C ALA C 228 12.54 -60.58 -9.80
N PHE C 229 12.83 -60.29 -8.53
CA PHE C 229 13.08 -58.92 -8.12
C PHE C 229 14.33 -58.36 -8.81
N PHE C 230 15.35 -59.21 -8.99
CA PHE C 230 16.53 -58.79 -9.74
C PHE C 230 16.16 -58.48 -11.19
N CYS C 231 15.28 -59.29 -11.79
CA CYS C 231 14.84 -59.02 -13.14
C CYS C 231 14.08 -57.69 -13.23
N LEU C 232 13.22 -57.41 -12.25
CA LEU C 232 12.50 -56.14 -12.24
C LEU C 232 13.46 -54.98 -12.08
N ASP C 233 14.44 -55.11 -11.18
CA ASP C 233 15.41 -54.04 -10.97
C ASP C 233 16.24 -53.78 -12.22
N THR C 234 16.70 -54.84 -12.89
CA THR C 234 17.51 -54.65 -14.09
C THR C 234 16.66 -54.11 -15.25
N ALA C 235 15.38 -54.48 -15.31
CA ALA C 235 14.50 -53.89 -16.32
C ALA C 235 14.30 -52.40 -16.08
N CYS C 236 14.10 -52.01 -14.82
CA CYS C 236 13.95 -50.59 -14.51
C CYS C 236 15.23 -49.82 -14.82
N VAL C 237 16.38 -50.40 -14.47
CA VAL C 237 17.66 -49.74 -14.77
C VAL C 237 17.87 -49.63 -16.28
N MET C 238 17.50 -50.67 -17.03
CA MET C 238 17.63 -50.60 -18.49
C MET C 238 16.72 -49.53 -19.07
N ILE C 239 15.50 -49.40 -18.55
CA ILE C 239 14.59 -48.36 -19.02
C ILE C 239 15.17 -46.98 -18.72
N PHE C 240 15.71 -46.81 -17.51
CA PHE C 240 16.32 -45.53 -17.15
C PHE C 240 17.49 -45.19 -18.07
N THR C 241 18.34 -46.19 -18.35
CA THR C 241 19.48 -45.95 -19.22
C THR C 241 19.05 -45.61 -20.64
N VAL C 242 18.06 -46.32 -21.18
CA VAL C 242 17.65 -46.05 -22.56
C VAL C 242 16.95 -44.70 -22.66
N GLU C 243 16.17 -44.30 -21.65
CA GLU C 243 15.55 -42.98 -21.71
C GLU C 243 16.60 -41.89 -21.54
N TYR C 244 17.64 -42.13 -20.73
CA TYR C 244 18.74 -41.18 -20.65
C TYR C 244 19.46 -41.06 -22.00
N LEU C 245 19.66 -42.18 -22.69
CA LEU C 245 20.29 -42.13 -24.00
C LEU C 245 19.43 -41.38 -25.01
N LEU C 246 18.11 -41.59 -24.97
CA LEU C 246 17.22 -40.84 -25.86
C LEU C 246 17.26 -39.34 -25.54
N ARG C 247 17.34 -38.99 -24.25
CA ARG C 247 17.52 -37.58 -23.90
C ARG C 247 18.83 -37.03 -24.43
N LEU C 248 19.90 -37.82 -24.34
CA LEU C 248 21.19 -37.42 -24.89
C LEU C 248 21.15 -37.26 -26.41
N ALA C 249 20.31 -38.03 -27.10
CA ALA C 249 20.19 -37.96 -28.55
C ALA C 249 19.33 -36.80 -29.01
N ALA C 250 18.86 -35.94 -28.09
CA ALA C 250 18.02 -34.81 -28.47
C ALA C 250 18.40 -33.54 -27.73
N ALA C 251 19.60 -33.49 -27.14
CA ALA C 251 20.00 -32.32 -26.37
C ALA C 251 20.99 -31.48 -27.17
N PRO C 252 20.61 -30.29 -27.63
CA PRO C 252 21.59 -29.43 -28.30
C PRO C 252 22.74 -29.01 -27.40
N SER C 253 22.54 -29.03 -26.08
CA SER C 253 23.55 -28.70 -25.09
C SER C 253 24.10 -29.94 -24.42
N ARG C 254 24.32 -31.00 -25.19
CA ARG C 254 24.69 -32.33 -24.68
C ARG C 254 25.65 -32.27 -23.49
N TYR C 255 26.78 -31.59 -23.65
CA TYR C 255 27.72 -31.47 -22.53
C TYR C 255 27.11 -30.65 -21.40
N ARG C 256 26.52 -29.50 -21.72
CA ARG C 256 25.87 -28.68 -20.70
C ARG C 256 24.68 -29.40 -20.10
N PHE C 257 23.92 -30.14 -20.91
CA PHE C 257 22.80 -30.90 -20.39
C PHE C 257 23.26 -31.97 -19.41
N VAL C 258 24.38 -32.63 -19.71
CA VAL C 258 24.98 -33.57 -18.77
C VAL C 258 25.39 -32.84 -17.49
N ARG C 259 25.98 -31.66 -17.63
CA ARG C 259 26.35 -30.86 -16.48
C ARG C 259 25.16 -30.38 -15.66
N SER C 260 23.94 -30.47 -16.21
CA SER C 260 22.76 -30.02 -15.48
C SER C 260 22.46 -30.95 -14.31
N VAL C 261 21.65 -30.45 -13.37
CA VAL C 261 21.37 -31.19 -12.16
C VAL C 261 20.53 -32.43 -12.45
N MET C 262 19.59 -32.33 -13.40
CA MET C 262 18.72 -33.46 -13.70
C MET C 262 19.51 -34.63 -14.27
N SER C 263 20.46 -34.35 -15.18
CA SER C 263 21.28 -35.43 -15.71
C SER C 263 22.18 -36.02 -14.64
N ILE C 264 22.67 -35.20 -13.72
CA ILE C 264 23.46 -35.71 -12.61
C ILE C 264 22.63 -36.66 -11.75
N ILE C 265 21.39 -36.28 -11.47
CA ILE C 265 20.49 -37.14 -10.69
C ILE C 265 20.24 -38.45 -11.43
N ASP C 266 20.03 -38.37 -12.75
CA ASP C 266 19.82 -39.58 -13.54
C ASP C 266 21.03 -40.50 -13.49
N VAL C 267 22.24 -39.91 -13.62
CA VAL C 267 23.46 -40.71 -13.56
C VAL C 267 23.61 -41.36 -12.19
N VAL C 268 23.32 -40.61 -11.12
CA VAL C 268 23.40 -41.16 -9.77
C VAL C 268 22.41 -42.30 -9.60
N ALA C 269 21.23 -42.17 -10.21
CA ALA C 269 20.21 -43.22 -10.09
C ALA C 269 20.60 -44.47 -10.86
N ILE C 270 21.23 -44.31 -12.03
CA ILE C 270 21.54 -45.47 -12.87
C ILE C 270 22.87 -46.13 -12.53
N LEU C 271 23.78 -45.42 -11.86
CA LEU C 271 25.08 -46.00 -11.53
C LEU C 271 25.03 -47.24 -10.66
N PRO C 272 24.25 -47.29 -9.55
CA PRO C 272 24.44 -48.38 -8.58
C PRO C 272 24.30 -49.78 -9.15
N TYR C 273 23.39 -50.00 -10.10
CA TYR C 273 23.22 -51.34 -10.66
C TYR C 273 24.48 -51.80 -11.38
N TYR C 274 25.03 -50.95 -12.26
CA TYR C 274 26.24 -51.30 -12.98
C TYR C 274 27.43 -51.41 -12.04
N ILE C 275 27.49 -50.54 -11.02
CA ILE C 275 28.57 -50.63 -10.05
C ILE C 275 28.53 -51.95 -9.30
N GLY C 276 27.33 -52.38 -8.91
CA GLY C 276 27.19 -53.66 -8.23
C GLY C 276 27.52 -54.84 -9.13
N LEU C 277 27.11 -54.76 -10.40
CA LEU C 277 27.45 -55.82 -11.34
C LEU C 277 28.97 -55.94 -11.53
N VAL C 278 29.64 -54.80 -11.66
CA VAL C 278 31.10 -54.80 -11.78
C VAL C 278 31.73 -55.36 -10.52
N MET C 279 31.23 -54.95 -9.35
CA MET C 279 31.80 -55.40 -8.08
C MET C 279 31.64 -56.90 -7.89
N THR C 280 30.47 -57.45 -8.26
CA THR C 280 30.23 -58.87 -8.12
C THR C 280 30.82 -59.70 -9.24
N ASP C 281 31.25 -59.06 -10.34
CA ASP C 281 31.93 -59.81 -11.40
C ASP C 281 33.24 -60.39 -10.90
N ASN C 282 34.00 -59.63 -10.12
CA ASN C 282 35.26 -60.08 -9.53
C ASN C 282 35.17 -59.95 -8.03
N GLU C 283 35.19 -61.09 -7.33
CA GLU C 283 35.07 -61.16 -5.88
C GLU C 283 33.75 -60.57 -5.39
N ASP C 284 33.54 -60.57 -4.06
CA ASP C 284 32.31 -60.04 -3.51
C ASP C 284 32.51 -59.82 -2.01
N VAL C 285 32.25 -58.60 -1.55
CA VAL C 285 32.27 -58.26 -0.13
C VAL C 285 31.02 -57.43 0.18
N SER C 286 30.70 -57.36 1.47
CA SER C 286 29.51 -56.66 1.94
C SER C 286 29.78 -55.22 2.34
N GLY C 287 31.00 -54.72 2.12
CA GLY C 287 31.31 -53.35 2.51
C GLY C 287 30.50 -52.33 1.73
N ALA C 288 30.44 -52.50 0.41
CA ALA C 288 29.72 -51.59 -0.46
C ALA C 288 28.32 -52.08 -0.82
N PHE C 289 27.90 -53.23 -0.30
CA PHE C 289 26.56 -53.74 -0.59
C PHE C 289 25.49 -52.84 0.01
N VAL C 290 25.62 -52.52 1.29
CA VAL C 290 24.63 -51.67 1.95
C VAL C 290 24.67 -50.26 1.39
N THR C 291 25.87 -49.77 1.04
CA THR C 291 25.97 -48.43 0.45
C THR C 291 25.26 -48.37 -0.89
N LEU C 292 25.44 -49.39 -1.73
CA LEU C 292 24.77 -49.43 -3.03
C LEU C 292 23.26 -49.58 -2.86
N ARG C 293 22.83 -50.39 -1.89
CA ARG C 293 21.40 -50.52 -1.64
C ARG C 293 20.79 -49.20 -1.18
N VAL C 294 21.53 -48.45 -0.35
CA VAL C 294 21.08 -47.13 0.06
C VAL C 294 20.99 -46.20 -1.15
N PHE C 295 22.02 -46.21 -1.99
CA PHE C 295 22.04 -45.35 -3.16
C PHE C 295 20.96 -45.71 -4.18
N ARG C 296 20.46 -46.95 -4.14
CA ARG C 296 19.45 -47.36 -5.10
C ARG C 296 18.17 -46.55 -4.99
N VAL C 297 17.82 -46.09 -3.78
CA VAL C 297 16.58 -45.35 -3.59
C VAL C 297 16.64 -43.95 -4.15
N PHE C 298 17.82 -43.52 -4.63
CA PHE C 298 17.98 -42.16 -5.12
C PHE C 298 17.24 -41.93 -6.44
N ARG C 299 16.57 -42.96 -6.95
CA ARG C 299 15.66 -42.78 -8.07
C ARG C 299 14.39 -42.04 -7.68
N ILE C 300 14.17 -41.82 -6.38
CA ILE C 300 13.03 -41.03 -5.92
C ILE C 300 13.10 -39.61 -6.46
N PHE C 301 14.29 -39.02 -6.44
CA PHE C 301 14.47 -37.64 -6.90
C PHE C 301 14.23 -37.47 -8.39
N LYS C 302 14.12 -38.57 -9.14
CA LYS C 302 13.75 -38.47 -10.55
C LYS C 302 12.34 -37.94 -10.76
N PHE C 303 11.52 -37.89 -9.70
CA PHE C 303 10.18 -37.32 -9.76
C PHE C 303 10.19 -35.81 -9.91
N SER C 304 11.36 -35.17 -9.89
CA SER C 304 11.42 -33.72 -10.03
C SER C 304 10.85 -33.26 -11.37
N ARG C 305 11.15 -34.00 -12.44
CA ARG C 305 10.56 -33.68 -13.74
C ARG C 305 9.04 -33.84 -13.70
N HIS C 306 8.55 -34.88 -13.04
CA HIS C 306 7.12 -35.16 -13.04
C HIS C 306 6.33 -34.13 -12.26
N SER C 307 6.82 -33.73 -11.08
CA SER C 307 6.10 -32.85 -10.19
C SER C 307 6.77 -31.49 -10.15
N GLN C 308 5.98 -30.43 -10.37
CA GLN C 308 6.52 -29.08 -10.28
C GLN C 308 6.86 -28.70 -8.85
N GLY C 309 6.23 -29.35 -7.87
CA GLY C 309 6.50 -29.03 -6.48
C GLY C 309 7.95 -29.32 -6.09
N LEU C 310 8.50 -30.43 -6.58
CA LEU C 310 9.90 -30.75 -6.29
C LEU C 310 10.83 -29.70 -6.90
N ARG C 311 10.53 -29.26 -8.12
CA ARG C 311 11.36 -28.23 -8.75
C ARG C 311 11.28 -26.91 -7.98
N ILE C 312 10.07 -26.54 -7.53
CA ILE C 312 9.92 -25.32 -6.75
C ILE C 312 10.67 -25.42 -5.43
N LEU C 313 10.60 -26.59 -4.78
CA LEU C 313 11.32 -26.79 -3.52
C LEU C 313 12.83 -26.69 -3.75
N GLY C 314 13.33 -27.31 -4.82
CA GLY C 314 14.75 -27.19 -5.12
C GLY C 314 15.17 -25.75 -5.38
N TYR C 315 14.35 -25.01 -6.14
CA TYR C 315 14.65 -23.62 -6.42
C TYR C 315 14.68 -22.78 -5.14
N THR C 316 13.73 -23.02 -4.23
CA THR C 316 13.67 -22.22 -3.02
C THR C 316 14.78 -22.59 -2.03
N LEU C 317 15.24 -23.85 -2.05
CA LEU C 317 16.40 -24.20 -1.24
C LEU C 317 17.68 -23.61 -1.83
N LYS C 318 17.79 -23.58 -3.15
CA LYS C 318 18.98 -23.00 -3.78
C LYS C 318 19.02 -21.48 -3.62
N SER C 319 17.86 -20.83 -3.61
CA SER C 319 17.83 -19.38 -3.51
C SER C 319 18.35 -18.89 -2.15
N CYS C 320 17.80 -19.45 -1.07
CA CYS C 320 18.24 -19.08 0.28
C CYS C 320 19.27 -20.07 0.81
N ALA C 321 20.36 -20.22 0.05
CA ALA C 321 21.43 -21.12 0.47
C ALA C 321 22.23 -20.52 1.62
N SER C 322 22.37 -19.20 1.66
CA SER C 322 23.06 -18.54 2.77
C SER C 322 22.30 -18.74 4.08
N GLU C 323 20.97 -18.68 4.04
CA GLU C 323 20.18 -18.89 5.24
C GLU C 323 20.35 -20.30 5.78
N LEU C 324 20.43 -21.29 4.90
CA LEU C 324 20.68 -22.66 5.34
C LEU C 324 22.07 -22.79 5.95
N GLY C 325 23.05 -22.07 5.42
CA GLY C 325 24.38 -22.10 6.01
C GLY C 325 24.39 -21.53 7.42
N PHE C 326 23.69 -20.41 7.63
CA PHE C 326 23.58 -19.85 8.97
C PHE C 326 22.81 -20.78 9.89
N LEU C 327 21.77 -21.44 9.37
CA LEU C 327 21.05 -22.44 10.14
C LEU C 327 21.99 -23.53 10.63
N LEU C 328 22.80 -24.09 9.72
CA LEU C 328 23.73 -25.14 10.09
C LEU C 328 24.77 -24.65 11.09
N PHE C 329 25.29 -23.44 10.88
CA PHE C 329 26.32 -22.91 11.78
C PHE C 329 25.77 -22.72 13.18
N SER C 330 24.60 -22.06 13.30
CA SER C 330 24.00 -21.86 14.61
C SER C 330 23.59 -23.19 15.25
N LEU C 331 23.12 -24.14 14.45
CA LEU C 331 22.76 -25.44 14.97
C LEU C 331 23.96 -26.14 15.58
N THR C 332 25.09 -26.16 14.86
CA THR C 332 26.30 -26.77 15.40
C THR C 332 26.79 -26.03 16.63
N MET C 333 26.73 -24.69 16.60
CA MET C 333 27.18 -23.90 17.73
C MET C 333 26.40 -24.24 19.00
N ALA C 334 25.07 -24.21 18.91
CA ALA C 334 24.23 -24.50 20.06
C ALA C 334 24.39 -25.96 20.49
N ILE C 335 24.50 -26.88 19.53
CA ILE C 335 24.66 -28.28 19.87
C ILE C 335 25.94 -28.50 20.66
N ILE C 336 27.04 -27.91 20.19
CA ILE C 336 28.31 -28.08 20.88
C ILE C 336 28.25 -27.49 22.29
N ILE C 337 27.72 -26.26 22.41
CA ILE C 337 27.68 -25.58 23.71
C ILE C 337 26.84 -26.39 24.69
N PHE C 338 25.63 -26.76 24.29
CA PHE C 338 24.73 -27.45 25.20
C PHE C 338 25.20 -28.86 25.50
N ALA C 339 25.81 -29.55 24.53
CA ALA C 339 26.34 -30.88 24.79
C ALA C 339 27.47 -30.81 25.81
N THR C 340 28.36 -29.83 25.67
CA THR C 340 29.42 -29.66 26.66
C THR C 340 28.85 -29.38 28.04
N VAL C 341 27.85 -28.49 28.11
CA VAL C 341 27.27 -28.13 29.40
C VAL C 341 26.61 -29.34 30.06
N MET C 342 25.84 -30.11 29.28
CA MET C 342 25.16 -31.27 29.85
C MET C 342 26.15 -32.36 30.23
N PHE C 343 27.21 -32.54 29.44
CA PHE C 343 28.21 -33.56 29.77
C PHE C 343 28.89 -33.22 31.08
N TYR C 344 29.34 -31.97 31.23
CA TYR C 344 30.02 -31.58 32.47
C TYR C 344 29.06 -31.39 33.64
N ALA C 345 27.75 -31.33 33.38
CA ALA C 345 26.77 -31.20 34.46
C ALA C 345 26.13 -32.52 34.85
N GLU C 346 26.17 -33.53 33.98
CA GLU C 346 25.55 -34.82 34.22
C GLU C 346 26.57 -35.93 33.97
N LYS C 347 27.74 -35.79 34.60
CA LYS C 347 28.84 -36.73 34.42
C LYS C 347 28.99 -37.72 35.57
N GLY C 348 28.77 -37.27 36.80
CA GLY C 348 29.02 -38.11 37.96
C GLY C 348 27.82 -38.89 38.45
N SER C 349 26.81 -39.04 37.59
CA SER C 349 25.62 -39.80 37.97
C SER C 349 25.94 -41.28 38.09
N SER C 350 25.06 -42.00 38.80
CA SER C 350 25.25 -43.43 38.99
C SER C 350 25.18 -44.18 37.66
N ALA C 351 24.04 -44.11 36.99
CA ALA C 351 23.83 -44.75 35.69
C ALA C 351 23.53 -43.64 34.68
N SER C 352 24.58 -43.07 34.09
CA SER C 352 24.46 -41.96 33.16
C SER C 352 24.90 -42.40 31.77
N LYS C 353 24.09 -42.06 30.76
CA LYS C 353 24.44 -42.32 29.38
C LYS C 353 25.25 -41.18 28.76
N PHE C 354 25.47 -40.10 29.50
CA PHE C 354 26.24 -38.95 29.01
C PHE C 354 27.73 -39.23 29.20
N THR C 355 28.24 -40.17 28.41
CA THR C 355 29.64 -40.56 28.53
C THR C 355 30.57 -39.50 27.95
N SER C 356 30.11 -38.73 26.97
CA SER C 356 30.96 -37.77 26.29
C SER C 356 30.10 -36.75 25.57
N ILE C 357 30.74 -35.66 25.13
CA ILE C 357 30.05 -34.67 24.32
C ILE C 357 29.51 -35.27 23.02
N PRO C 358 30.26 -36.07 22.26
CA PRO C 358 29.64 -36.75 21.11
C PRO C 358 28.48 -37.64 21.51
N ALA C 359 28.53 -38.25 22.68
CA ALA C 359 27.38 -38.99 23.18
C ALA C 359 26.24 -38.04 23.58
N ALA C 360 26.58 -36.85 24.08
CA ALA C 360 25.58 -35.85 24.41
C ALA C 360 25.06 -35.12 23.18
N PHE C 361 25.69 -35.29 22.02
CA PHE C 361 25.16 -34.71 20.79
C PHE C 361 23.77 -35.25 20.47
N TRP C 362 23.57 -36.55 20.69
CA TRP C 362 22.27 -37.16 20.44
C TRP C 362 21.19 -36.53 21.31
N TYR C 363 21.46 -36.39 22.62
CA TYR C 363 20.50 -35.78 23.52
C TYR C 363 20.25 -34.32 23.14
N THR C 364 21.31 -33.59 22.79
CA THR C 364 21.14 -32.18 22.46
C THR C 364 20.29 -32.00 21.21
N ILE C 365 20.53 -32.81 20.17
CA ILE C 365 19.75 -32.65 18.95
C ILE C 365 18.33 -33.17 19.12
N VAL C 366 18.13 -34.14 20.03
CA VAL C 366 16.77 -34.59 20.32
C VAL C 366 16.00 -33.51 21.07
N THR C 367 16.64 -32.87 22.04
CA THR C 367 15.94 -31.89 22.87
C THR C 367 15.70 -30.57 22.11
N MET C 368 16.68 -30.13 21.32
CA MET C 368 16.54 -28.85 20.62
C MET C 368 15.40 -28.89 19.63
N THR C 369 15.22 -30.00 18.93
CA THR C 369 14.15 -30.15 17.95
C THR C 369 12.80 -30.47 18.59
N THR C 370 12.72 -30.44 19.92
CA THR C 370 11.50 -30.78 20.66
C THR C 370 10.95 -32.13 20.24
N LEU C 371 11.85 -33.11 20.11
CA LEU C 371 11.44 -34.46 19.74
C LEU C 371 11.18 -35.32 20.96
N GLY C 372 12.20 -35.55 21.78
CA GLY C 372 12.00 -36.27 23.03
C GLY C 372 11.97 -37.77 22.83
N TYR C 373 12.82 -38.50 23.55
CA TYR C 373 12.80 -39.96 23.44
C TYR C 373 12.69 -40.59 24.82
N GLY C 374 13.33 -39.99 25.81
CA GLY C 374 13.26 -40.47 27.18
C GLY C 374 14.24 -41.56 27.54
N ASP C 375 15.00 -42.07 26.57
CA ASP C 375 15.99 -43.10 26.89
C ASP C 375 17.23 -42.49 27.53
N MET C 376 17.58 -41.27 27.13
CA MET C 376 18.74 -40.56 27.67
C MET C 376 18.25 -39.21 28.20
N VAL C 377 18.08 -39.12 29.51
CA VAL C 377 17.54 -37.90 30.12
C VAL C 377 18.44 -37.46 31.28
N PRO C 378 18.50 -36.18 31.59
CA PRO C 378 19.28 -35.74 32.75
C PRO C 378 18.64 -36.20 34.05
N LYS C 379 19.48 -36.41 35.06
CA LYS C 379 19.02 -36.84 36.38
C LYS C 379 19.59 -35.97 37.50
N THR C 380 19.95 -34.72 37.19
CA THR C 380 20.50 -33.81 38.18
C THR C 380 19.77 -32.47 38.08
N ILE C 381 19.75 -31.75 39.20
CA ILE C 381 19.09 -30.44 39.22
C ILE C 381 19.81 -29.48 38.29
N ALA C 382 21.13 -29.54 38.23
CA ALA C 382 21.88 -28.68 37.33
C ALA C 382 21.61 -29.02 35.87
N GLY C 383 21.49 -30.32 35.55
CA GLY C 383 21.31 -30.71 34.17
C GLY C 383 19.92 -30.46 33.62
N LYS C 384 18.90 -30.48 34.47
CA LYS C 384 17.53 -30.28 34.01
C LYS C 384 17.31 -28.83 33.56
N ILE C 385 17.86 -27.87 34.30
CA ILE C 385 17.72 -26.47 33.92
C ILE C 385 18.37 -26.21 32.56
N PHE C 386 19.58 -26.72 32.37
CA PHE C 386 20.25 -26.55 31.08
C PHE C 386 19.58 -27.35 29.98
N GLY C 387 18.92 -28.46 30.31
CA GLY C 387 18.13 -29.16 29.30
C GLY C 387 16.93 -28.36 28.84
N SER C 388 16.23 -27.73 29.78
CA SER C 388 15.12 -26.86 29.41
C SER C 388 15.60 -25.66 28.59
N ILE C 389 16.71 -25.06 28.99
CA ILE C 389 17.27 -23.95 28.23
C ILE C 389 17.70 -24.43 26.85
N CYS C 390 18.21 -25.65 26.75
CA CYS C 390 18.57 -26.23 25.45
C CYS C 390 17.36 -26.37 24.56
N SER C 391 16.25 -26.86 25.12
CA SER C 391 15.02 -26.98 24.33
C SER C 391 14.54 -25.62 23.84
N LEU C 392 14.52 -24.62 24.73
CA LEU C 392 14.07 -23.29 24.34
C LEU C 392 14.99 -22.68 23.28
N SER C 393 16.30 -22.84 23.44
CA SER C 393 17.24 -22.31 22.47
C SER C 393 17.15 -23.03 21.14
N GLY C 394 16.85 -24.34 21.16
CA GLY C 394 16.62 -25.04 19.92
C GLY C 394 15.38 -24.54 19.20
N VAL C 395 14.31 -24.28 19.95
CA VAL C 395 13.11 -23.68 19.35
C VAL C 395 13.47 -22.33 18.72
N LEU C 396 14.22 -21.51 19.45
CA LEU C 396 14.58 -20.19 18.93
C LEU C 396 15.44 -20.29 17.69
N VAL C 397 16.41 -21.21 17.68
CA VAL C 397 17.34 -21.32 16.56
C VAL C 397 16.64 -21.86 15.33
N ILE C 398 15.84 -22.92 15.48
CA ILE C 398 15.15 -23.49 14.33
C ILE C 398 14.07 -22.55 13.82
N ALA C 399 13.43 -21.79 14.70
CA ALA C 399 12.33 -20.93 14.30
C ALA C 399 12.76 -19.72 13.47
N LEU C 400 14.07 -19.43 13.41
CA LEU C 400 14.51 -18.25 12.67
C LEU C 400 14.49 -18.48 11.16
N PRO C 401 15.14 -19.52 10.61
CA PRO C 401 15.16 -19.69 9.16
C PRO C 401 13.96 -20.42 8.59
N VAL C 402 13.05 -20.92 9.42
CA VAL C 402 11.86 -21.60 8.89
C VAL C 402 10.96 -20.65 8.10
N PRO C 403 10.58 -19.47 8.62
CA PRO C 403 9.69 -18.60 7.82
C PRO C 403 10.29 -18.15 6.50
N VAL C 404 11.59 -17.87 6.44
CA VAL C 404 12.18 -17.36 5.22
C VAL C 404 12.17 -18.43 4.13
N ILE C 405 12.37 -19.69 4.49
CA ILE C 405 12.27 -20.78 3.52
C ILE C 405 10.84 -20.88 3.01
N VAL C 406 9.86 -20.83 3.92
CA VAL C 406 8.47 -20.94 3.52
C VAL C 406 8.04 -19.71 2.72
N SER C 407 8.50 -18.53 3.13
CA SER C 407 8.16 -17.31 2.40
C SER C 407 8.69 -17.35 0.97
N ASN C 408 9.96 -17.74 0.81
CA ASN C 408 10.53 -17.84 -0.52
C ASN C 408 9.84 -18.92 -1.35
N PHE C 409 9.51 -20.05 -0.72
CA PHE C 409 8.79 -21.10 -1.44
C PHE C 409 7.43 -20.59 -1.93
N SER C 410 6.69 -19.90 -1.07
CA SER C 410 5.39 -19.37 -1.47
C SER C 410 5.52 -18.33 -2.56
N ARG C 411 6.51 -17.43 -2.45
CA ARG C 411 6.71 -16.42 -3.47
C ARG C 411 7.05 -17.03 -4.81
N ILE C 412 7.97 -18.01 -4.82
CA ILE C 412 8.35 -18.67 -6.06
C ILE C 412 7.18 -19.42 -6.67
N TYR C 413 6.40 -20.12 -5.84
CA TYR C 413 5.25 -20.86 -6.35
C TYR C 413 4.20 -19.92 -6.93
N HIS C 414 3.93 -18.81 -6.25
CA HIS C 414 2.95 -17.85 -6.75
C HIS C 414 3.41 -17.22 -8.06
N GLN C 415 4.68 -16.84 -8.14
CA GLN C 415 5.19 -16.26 -9.38
C GLN C 415 5.29 -17.29 -10.49
N ASN C 416 5.33 -18.58 -10.21
CA ASN C 416 5.37 -19.52 -11.35
C ASN C 416 3.93 -19.85 -11.70
N GLN C 417 2.99 -19.48 -10.81
CA GLN C 417 1.54 -19.66 -10.95
C GLN C 417 1.08 -18.44 -11.71
N ARG C 418 1.71 -17.31 -11.41
CA ARG C 418 1.52 -16.06 -12.19
C ARG C 418 2.00 -16.28 -13.61
N ALA C 419 3.33 -16.28 -13.81
CA ALA C 419 3.99 -16.50 -15.09
C ALA C 419 3.12 -17.22 -16.11
N ASP C 420 2.28 -18.16 -15.66
CA ASP C 420 1.42 -18.88 -16.59
C ASP C 420 0.38 -17.96 -17.22
N LYS C 421 -0.22 -17.08 -16.42
CA LYS C 421 -1.16 -16.11 -16.98
C LYS C 421 -0.43 -15.05 -17.80
N ARG C 422 0.83 -14.80 -17.49
CA ARG C 422 1.63 -13.89 -18.32
C ARG C 422 1.82 -14.46 -19.72
N ARG C 423 2.04 -15.78 -19.82
CA ARG C 423 2.12 -16.41 -21.13
C ARG C 423 0.76 -16.40 -21.81
N ALA C 424 -0.32 -16.54 -21.04
CA ALA C 424 -1.66 -16.56 -21.63
C ALA C 424 -2.00 -15.22 -22.28
N GLN C 425 -1.65 -14.12 -21.62
CA GLN C 425 -1.95 -12.80 -22.19
C GLN C 425 -1.07 -12.50 -23.39
N LYS C 426 0.11 -13.12 -23.48
CA LYS C 426 0.98 -12.92 -24.63
C LYS C 426 0.37 -13.53 -25.89
N LYS C 427 -0.17 -14.75 -25.78
CA LYS C 427 -0.79 -15.39 -26.93
C LYS C 427 -2.03 -14.62 -27.38
N ALA C 428 -2.82 -14.12 -26.43
CA ALA C 428 -3.97 -13.30 -26.79
C ALA C 428 -3.54 -12.00 -27.44
N ARG C 429 -2.45 -11.40 -26.96
CA ARG C 429 -1.95 -10.16 -27.55
C ARG C 429 -1.50 -10.37 -28.98
N LEU C 430 -0.81 -11.49 -29.25
CA LEU C 430 -0.42 -11.80 -30.62
C LEU C 430 -1.63 -12.06 -31.50
N ALA C 431 -2.67 -12.67 -30.95
CA ALA C 431 -3.90 -12.89 -31.71
C ALA C 431 -4.54 -11.57 -32.10
N ARG C 432 -4.54 -10.59 -31.19
CA ARG C 432 -5.08 -9.28 -31.52
C ARG C 432 -4.23 -8.59 -32.58
N ILE C 433 -2.91 -8.75 -32.52
CA ILE C 433 -2.03 -8.18 -33.53
C ILE C 433 -2.32 -8.83 -34.89
N ARG C 434 -2.47 -10.15 -34.91
CA ARG C 434 -2.79 -10.84 -36.16
C ARG C 434 -4.18 -10.45 -36.66
N ALA C 435 -5.12 -10.26 -35.74
CA ALA C 435 -6.46 -9.82 -36.14
C ALA C 435 -6.41 -8.43 -36.76
N ALA C 436 -5.59 -7.53 -36.19
CA ALA C 436 -5.44 -6.21 -36.78
C ALA C 436 -4.78 -6.29 -38.15
N LYS C 437 -3.78 -7.16 -38.31
CA LYS C 437 -3.15 -7.34 -39.61
C LYS C 437 -4.15 -7.88 -40.63
N SER C 438 -4.97 -8.85 -40.22
CA SER C 438 -6.00 -9.37 -41.12
C SER C 438 -7.05 -8.32 -41.42
N GLY C 439 -7.43 -7.52 -40.42
CA GLY C 439 -8.40 -6.45 -40.65
C GLY C 439 -7.85 -5.37 -41.56
N SER C 440 -6.57 -5.01 -41.38
CA SER C 440 -5.96 -4.01 -42.26
C SER C 440 -5.87 -4.52 -43.69
N ALA C 441 -5.52 -5.79 -43.89
CA ALA C 441 -5.49 -6.36 -45.23
C ALA C 441 -6.89 -6.44 -45.82
N ASN C 442 -7.87 -6.85 -45.00
CA ASN C 442 -9.24 -6.93 -45.49
C ASN C 442 -9.79 -5.55 -45.84
N ALA C 443 -9.42 -4.53 -45.06
CA ALA C 443 -9.91 -3.18 -45.33
C ALA C 443 -9.45 -2.69 -46.69
N TYR C 444 -8.23 -3.06 -47.10
CA TYR C 444 -7.74 -2.69 -48.42
C TYR C 444 -8.58 -3.33 -49.52
N MET C 445 -8.95 -4.60 -49.34
CA MET C 445 -9.76 -5.29 -50.35
C MET C 445 -11.13 -4.64 -50.49
N GLN C 446 -11.74 -4.26 -49.36
CA GLN C 446 -13.04 -3.59 -49.43
C GLN C 446 -12.95 -2.28 -50.19
N SER C 447 -11.86 -1.53 -50.00
CA SER C 447 -11.65 -0.32 -50.78
C SER C 447 -11.43 -0.65 -52.25
N LYS C 448 -10.69 -1.72 -52.53
CA LYS C 448 -10.45 -2.12 -53.92
C LYS C 448 -11.73 -2.54 -54.62
N ARG C 449 -12.59 -3.27 -53.91
CA ARG C 449 -13.86 -3.71 -54.50
C ARG C 449 -14.74 -2.52 -54.85
N SER C 450 -14.81 -1.53 -53.98
CA SER C 450 -15.63 -0.35 -54.22
C SER C 450 -14.78 0.81 -54.74
N SER C 472 -11.40 6.74 -44.99
CA SER C 472 -10.86 7.66 -43.98
C SER C 472 -9.84 8.60 -44.60
N SER C 473 -9.15 9.36 -43.75
CA SER C 473 -8.14 10.31 -44.23
C SER C 473 -6.83 9.61 -44.51
N PHE C 474 -6.22 9.02 -43.47
CA PHE C 474 -4.95 8.33 -43.65
C PHE C 474 -5.13 7.02 -44.43
N GLU C 475 -6.27 6.36 -44.27
CA GLU C 475 -6.50 5.10 -44.97
C GLU C 475 -6.44 5.26 -46.48
N THR C 476 -6.84 6.42 -46.99
CA THR C 476 -6.77 6.66 -48.44
C THR C 476 -5.33 6.65 -48.93
N GLN C 477 -4.41 7.29 -48.20
CA GLN C 477 -3.02 7.33 -48.63
C GLN C 477 -2.33 5.99 -48.38
N HIS C 478 -2.68 5.31 -47.29
CA HIS C 478 -2.07 4.02 -47.00
C HIS C 478 -2.42 2.99 -48.07
N HIS C 479 -3.68 2.97 -48.52
CA HIS C 479 -4.07 2.04 -49.57
C HIS C 479 -3.39 2.37 -50.89
N HIS C 480 -2.98 3.63 -51.09
CA HIS C 480 -2.24 3.97 -52.29
C HIS C 480 -0.84 3.36 -52.27
N LEU C 481 -0.22 3.29 -51.09
CA LEU C 481 1.08 2.62 -50.98
C LEU C 481 0.98 1.14 -51.32
N LEU C 482 -0.07 0.47 -50.83
CA LEU C 482 -0.30 -0.92 -51.20
C LEU C 482 -0.61 -1.03 -52.69
N HIS C 483 -1.34 -0.07 -53.24
CA HIS C 483 -1.62 -0.06 -54.68
C HIS C 483 -0.33 0.08 -55.48
N CYS C 484 0.60 0.91 -55.00
CA CYS C 484 1.91 1.01 -55.66
C CYS C 484 2.68 -0.30 -55.57
N LEU C 485 2.61 -0.97 -54.42
CA LEU C 485 3.28 -2.26 -54.27
C LEU C 485 2.66 -3.33 -55.16
N GLU C 486 1.35 -3.24 -55.41
CA GLU C 486 0.71 -4.19 -56.32
C GLU C 486 1.26 -4.06 -57.73
N LYS C 487 1.38 -2.84 -58.22
CA LYS C 487 1.68 -2.60 -59.62
C LYS C 487 3.16 -2.46 -59.92
N THR C 488 4.03 -2.55 -58.90
CA THR C 488 5.47 -2.63 -59.16
C THR C 488 5.93 -4.05 -59.43
N THR C 489 5.09 -5.04 -59.11
CA THR C 489 5.38 -6.45 -59.39
C THR C 489 4.26 -7.11 -60.19
N ASN C 490 3.41 -6.30 -60.83
CA ASN C 490 2.24 -6.73 -61.60
C ASN C 490 1.48 -7.86 -60.92
N HIS C 491 1.28 -7.73 -59.62
CA HIS C 491 0.53 -8.71 -58.83
C HIS C 491 -0.56 -8.00 -58.05
N GLU C 492 -1.57 -8.75 -57.63
CA GLU C 492 -2.71 -8.20 -56.93
C GLU C 492 -3.04 -9.04 -55.70
N PHE C 493 -3.31 -8.35 -54.59
CA PHE C 493 -3.80 -9.05 -53.40
C PHE C 493 -5.23 -9.51 -53.61
N VAL C 494 -5.52 -10.75 -53.20
CA VAL C 494 -6.86 -11.30 -53.26
C VAL C 494 -7.20 -11.91 -51.91
N ASP C 495 -8.49 -12.13 -51.68
CA ASP C 495 -8.98 -12.64 -50.41
C ASP C 495 -8.42 -14.03 -50.10
N ALA D 2 -7.90 34.80 18.40
CA ALA D 2 -6.67 34.86 17.62
C ALA D 2 -6.96 35.35 16.21
N ALA D 3 -5.92 35.37 15.37
CA ALA D 3 -6.08 35.83 13.99
C ALA D 3 -6.66 34.75 13.09
N GLY D 4 -6.66 33.49 13.53
CA GLY D 4 -7.24 32.44 12.70
C GLY D 4 -8.72 32.63 12.47
N VAL D 5 -9.46 32.93 13.54
CA VAL D 5 -10.89 33.24 13.41
C VAL D 5 -10.98 34.75 13.27
N ALA D 6 -10.81 35.23 12.04
CA ALA D 6 -10.85 36.65 11.75
C ALA D 6 -12.15 37.09 11.09
N ALA D 7 -12.84 36.19 10.38
CA ALA D 7 -14.12 36.51 9.78
C ALA D 7 -15.23 36.63 10.82
N TRP D 8 -14.98 36.22 12.06
CA TRP D 8 -15.95 36.30 13.14
C TRP D 8 -15.76 37.55 13.99
N LEU D 9 -14.94 38.50 13.54
CA LEU D 9 -14.80 39.76 14.27
C LEU D 9 -16.11 40.51 14.44
N PRO D 10 -16.98 40.65 13.43
CA PRO D 10 -18.29 41.27 13.68
C PRO D 10 -19.11 40.52 14.72
N PHE D 11 -18.97 39.20 14.79
CA PHE D 11 -19.64 38.44 15.84
C PHE D 11 -19.12 38.83 17.22
N ALA D 12 -17.79 38.94 17.35
CA ALA D 12 -17.22 39.34 18.62
C ALA D 12 -17.58 40.78 18.98
N ARG D 13 -17.60 41.67 17.98
CA ARG D 13 -18.02 43.04 18.24
C ARG D 13 -19.48 43.13 18.63
N ALA D 14 -20.33 42.28 18.04
CA ALA D 14 -21.72 42.23 18.43
C ALA D 14 -21.87 41.70 19.86
N ALA D 15 -21.01 40.76 20.25
CA ALA D 15 -21.04 40.24 21.61
C ALA D 15 -20.66 41.33 22.61
N ALA D 16 -19.75 42.23 22.24
CA ALA D 16 -19.32 43.30 23.14
C ALA D 16 -20.43 44.29 23.45
N ILE D 17 -21.54 44.27 22.70
CA ILE D 17 -22.64 45.17 22.97
C ILE D 17 -23.25 44.90 24.33
N GLY D 18 -23.21 43.64 24.78
CA GLY D 18 -23.75 43.29 26.08
C GLY D 18 -23.01 43.93 27.25
N TRP D 19 -21.74 44.31 27.04
CA TRP D 19 -20.99 44.96 28.12
C TRP D 19 -21.46 46.38 28.35
N MET D 20 -21.92 47.07 27.30
CA MET D 20 -22.27 48.48 27.42
C MET D 20 -23.31 48.79 28.49
N PRO D 21 -24.41 48.03 28.64
CA PRO D 21 -25.35 48.36 29.73
C PRO D 21 -24.73 48.31 31.11
N VAL D 22 -23.77 47.42 31.35
CA VAL D 22 -23.14 47.28 32.65
C VAL D 22 -21.77 47.94 32.69
N ALA D 23 -21.50 48.87 31.78
CA ALA D 23 -20.20 49.52 31.67
C ALA D 23 -20.28 50.96 32.12
N SER D 24 -19.14 51.65 32.03
CA SER D 24 -19.03 53.08 32.27
C SER D 24 -18.25 53.66 31.10
N GLY D 25 -18.98 54.14 30.09
CA GLY D 25 -18.41 54.50 28.82
C GLY D 25 -17.24 55.46 28.88
N PRO D 26 -16.06 54.96 28.54
CA PRO D 26 -14.84 55.80 28.51
C PRO D 26 -14.47 56.35 27.14
N MET D 27 -15.33 56.18 26.13
CA MET D 27 -15.01 56.50 24.74
C MET D 27 -13.81 55.64 24.36
N PRO D 28 -14.02 54.34 24.12
CA PRO D 28 -12.88 53.43 23.91
C PRO D 28 -12.10 53.67 22.63
N ALA D 29 -12.42 54.72 21.84
CA ALA D 29 -11.62 55.13 20.69
C ALA D 29 -11.50 54.02 19.65
N PRO D 30 -12.55 53.74 18.89
CA PRO D 30 -12.48 52.70 17.87
C PRO D 30 -11.39 53.01 16.85
N PRO D 31 -10.72 51.99 16.31
CA PRO D 31 -9.55 52.24 15.45
C PRO D 31 -9.86 53.02 14.18
N ARG D 32 -11.09 52.95 13.67
CA ARG D 32 -11.47 53.61 12.41
C ARG D 32 -10.58 53.15 11.26
N GLN D 33 -10.76 51.86 10.93
CA GLN D 33 -9.94 51.22 9.91
C GLN D 33 -10.19 51.84 8.53
N GLU D 34 -9.41 51.38 7.55
CA GLU D 34 -9.48 51.95 6.21
C GLU D 34 -10.84 51.69 5.57
N ARG D 35 -11.31 50.45 5.60
CA ARG D 35 -12.58 50.09 4.99
C ARG D 35 -13.13 48.80 5.59
N ASP D 40 -11.15 44.08 -1.29
CA ASP D 40 -11.18 42.69 -0.83
C ASP D 40 -11.18 41.73 -2.01
N ALA D 41 -10.74 42.21 -3.17
CA ALA D 41 -10.69 41.38 -4.35
C ALA D 41 -9.71 40.23 -4.17
N LEU D 42 -10.07 39.07 -4.70
CA LEU D 42 -9.22 37.89 -4.59
C LEU D 42 -7.97 38.06 -5.42
N ILE D 43 -6.85 37.52 -4.92
CA ILE D 43 -5.56 37.65 -5.56
C ILE D 43 -5.19 36.32 -6.20
N VAL D 44 -4.21 36.38 -7.11
CA VAL D 44 -3.77 35.22 -7.89
C VAL D 44 -2.42 34.77 -7.37
N LEU D 45 -2.28 33.48 -7.14
CA LEU D 45 -1.02 32.86 -6.70
C LEU D 45 -0.62 31.83 -7.75
N ASN D 46 0.12 32.28 -8.77
CA ASN D 46 0.47 31.43 -9.90
C ASN D 46 1.76 30.69 -9.57
N VAL D 47 1.62 29.45 -9.09
CA VAL D 47 2.77 28.61 -8.75
C VAL D 47 3.14 27.81 -9.99
N SER D 48 3.93 28.42 -10.87
CA SER D 48 4.46 27.77 -12.06
C SER D 48 3.35 27.23 -12.96
N GLY D 49 2.55 28.17 -13.48
CA GLY D 49 1.55 27.84 -14.48
C GLY D 49 0.14 27.66 -13.95
N THR D 50 0.00 26.97 -12.82
CA THR D 50 -1.31 26.70 -12.23
C THR D 50 -1.66 27.85 -11.29
N ARG D 51 -2.55 28.73 -11.74
CA ARG D 51 -2.92 29.88 -10.93
C ARG D 51 -3.82 29.45 -9.77
N PHE D 52 -3.54 29.97 -8.58
CA PHE D 52 -4.34 29.73 -7.39
C PHE D 52 -4.92 31.06 -6.92
N GLN D 53 -6.22 31.07 -6.66
CA GLN D 53 -6.94 32.29 -6.32
C GLN D 53 -7.50 32.18 -4.92
N THR D 54 -7.11 33.10 -4.04
CA THR D 54 -7.64 33.19 -2.69
C THR D 54 -7.72 34.66 -2.31
N TRP D 55 -8.63 34.96 -1.39
CA TRP D 55 -8.74 36.31 -0.86
C TRP D 55 -7.50 36.69 -0.07
N GLN D 56 -7.12 37.97 -0.15
CA GLN D 56 -5.94 38.43 0.56
C GLN D 56 -6.13 38.31 2.07
N ASP D 57 -7.36 38.47 2.56
CA ASP D 57 -7.62 38.32 3.99
C ASP D 57 -7.38 36.89 4.46
N THR D 58 -7.53 35.91 3.57
CA THR D 58 -7.27 34.53 3.93
C THR D 58 -5.81 34.31 4.27
N LEU D 59 -4.90 34.91 3.49
CA LEU D 59 -3.48 34.72 3.73
C LEU D 59 -3.01 35.52 4.93
N GLU D 60 -3.60 36.70 5.16
CA GLU D 60 -3.13 37.59 6.22
C GLU D 60 -3.46 37.10 7.62
N ARG D 61 -4.28 36.06 7.76
CA ARG D 61 -4.63 35.59 9.10
C ARG D 61 -3.52 34.81 9.77
N TYR D 62 -2.43 34.51 9.06
CA TYR D 62 -1.24 33.87 9.63
C TYR D 62 -0.04 34.71 9.24
N PRO D 63 0.18 35.84 9.92
CA PRO D 63 1.23 36.80 9.54
C PRO D 63 2.62 36.45 10.07
N ASP D 64 3.00 35.17 9.94
CA ASP D 64 4.33 34.74 10.31
C ASP D 64 4.93 33.77 9.31
N THR D 65 4.33 33.65 8.13
CA THR D 65 4.80 32.76 7.08
C THR D 65 5.08 33.57 5.81
N LEU D 66 5.41 32.89 4.72
CA LEU D 66 5.75 33.58 3.49
C LEU D 66 4.51 34.20 2.84
N LEU D 67 3.41 33.46 2.78
CA LEU D 67 2.25 33.94 2.05
C LEU D 67 1.61 35.15 2.74
N GLY D 68 1.38 35.06 4.04
CA GLY D 68 0.91 36.23 4.75
C GLY D 68 2.07 36.98 5.41
N SER D 69 2.61 37.97 4.69
CA SER D 69 3.73 38.77 5.15
C SER D 69 4.09 39.82 4.10
N SER D 70 5.05 40.68 4.43
CA SER D 70 5.69 41.51 3.41
C SER D 70 6.74 40.75 2.62
N GLU D 71 6.96 39.47 2.97
CA GLU D 71 7.94 38.66 2.26
C GLU D 71 7.47 38.27 0.86
N ARG D 72 6.16 38.10 0.68
CA ARG D 72 5.65 37.72 -0.64
C ARG D 72 5.74 38.84 -1.65
N ASP D 73 6.04 40.07 -1.22
CA ASP D 73 6.28 41.15 -2.16
C ASP D 73 7.52 40.91 -3.00
N PHE D 74 8.41 40.01 -2.57
CA PHE D 74 9.56 39.64 -3.39
C PHE D 74 9.14 38.81 -4.59
N PHE D 75 8.06 38.03 -4.46
CA PHE D 75 7.58 37.16 -5.53
C PHE D 75 6.45 37.79 -6.34
N TYR D 76 6.09 39.03 -6.06
CA TYR D 76 5.07 39.71 -6.86
C TYR D 76 5.64 40.09 -8.22
N HIS D 77 4.96 39.65 -9.28
CA HIS D 77 5.42 39.97 -10.63
C HIS D 77 4.46 41.03 -11.16
N PRO D 78 4.90 42.28 -11.33
CA PRO D 78 3.93 43.38 -11.35
C PRO D 78 3.10 43.48 -12.62
N GLU D 79 3.71 43.30 -13.79
CA GLU D 79 3.00 43.60 -15.04
C GLU D 79 1.83 42.66 -15.26
N THR D 80 1.87 41.45 -14.71
CA THR D 80 0.74 40.53 -14.79
C THR D 80 -0.19 40.65 -13.58
N GLN D 81 0.13 41.49 -12.60
CA GLN D 81 -0.68 41.68 -11.40
C GLN D 81 -0.98 40.35 -10.72
N GLN D 82 0.07 39.56 -10.51
CA GLN D 82 -0.06 38.27 -9.85
C GLN D 82 1.24 37.92 -9.16
N TYR D 83 1.14 37.04 -8.17
CA TYR D 83 2.31 36.50 -7.48
C TYR D 83 2.72 35.21 -8.17
N PHE D 84 3.95 35.18 -8.68
CA PHE D 84 4.48 34.00 -9.38
C PHE D 84 5.50 33.31 -8.50
N PHE D 85 5.18 32.10 -8.06
CA PHE D 85 6.13 31.22 -7.40
C PHE D 85 6.54 30.10 -8.35
N ASP D 86 7.77 29.64 -8.21
CA ASP D 86 8.34 28.59 -9.06
C ASP D 86 8.41 27.28 -8.28
N ARG D 87 7.37 26.98 -7.51
CA ARG D 87 7.34 25.82 -6.64
C ARG D 87 6.42 24.75 -7.23
N ASP D 88 6.25 23.67 -6.47
CA ASP D 88 5.45 22.54 -6.94
C ASP D 88 3.97 22.91 -6.96
N PRO D 89 3.27 22.72 -8.08
CA PRO D 89 1.86 23.11 -8.14
C PRO D 89 0.94 22.19 -7.34
N ASP D 90 1.29 20.92 -7.18
CA ASP D 90 0.44 19.98 -6.45
C ASP D 90 0.80 19.86 -4.98
N ILE D 91 1.84 20.56 -4.52
CA ILE D 91 2.12 20.65 -3.10
C ILE D 91 1.73 22.00 -2.52
N PHE D 92 1.71 23.06 -3.34
CA PHE D 92 1.19 24.34 -2.88
C PHE D 92 -0.31 24.29 -2.63
N ARG D 93 -0.99 23.25 -3.14
CA ARG D 93 -2.41 23.08 -2.85
C ARG D 93 -2.65 22.87 -1.36
N HIS D 94 -1.79 22.09 -0.72
CA HIS D 94 -1.92 21.87 0.72
C HIS D 94 -1.43 23.06 1.53
N ILE D 95 -0.64 23.94 0.92
CA ILE D 95 -0.24 25.18 1.59
C ILE D 95 -1.43 26.12 1.72
N LEU D 96 -2.24 26.23 0.66
CA LEU D 96 -3.39 27.11 0.70
C LEU D 96 -4.47 26.59 1.64
N ASN D 97 -4.63 25.26 1.70
CA ASN D 97 -5.63 24.68 2.59
C ASN D 97 -5.34 24.99 4.05
N PHE D 98 -4.07 25.20 4.40
CA PHE D 98 -3.73 25.61 5.75
C PHE D 98 -4.29 27.00 6.08
N TYR D 99 -4.18 27.93 5.13
CA TYR D 99 -4.61 29.30 5.39
C TYR D 99 -6.12 29.41 5.53
N ARG D 100 -6.87 28.37 5.14
CA ARG D 100 -8.31 28.35 5.36
C ARG D 100 -8.64 27.77 6.73
N THR D 101 -8.22 26.53 6.97
CA THR D 101 -8.58 25.82 8.21
C THR D 101 -7.55 26.08 9.31
N GLY D 102 -6.29 25.71 9.07
CA GLY D 102 -5.26 25.87 10.07
C GLY D 102 -4.46 24.61 10.30
N LYS D 103 -4.86 23.52 9.65
CA LYS D 103 -4.20 22.23 9.78
C LYS D 103 -3.68 21.78 8.43
N LEU D 104 -2.39 21.42 8.39
CA LEU D 104 -1.79 20.90 7.18
C LEU D 104 -2.20 19.44 6.95
N HIS D 105 -2.26 19.05 5.68
CA HIS D 105 -2.57 17.69 5.30
C HIS D 105 -1.38 17.11 4.52
N TYR D 106 -0.99 15.89 4.88
CA TYR D 106 0.15 15.25 4.25
C TYR D 106 -0.32 14.38 3.10
N PRO D 107 0.20 14.58 1.88
CA PRO D 107 -0.20 13.72 0.76
C PRO D 107 0.54 12.39 0.81
N ARG D 108 -0.23 11.30 0.86
CA ARG D 108 0.37 9.98 0.94
C ARG D 108 1.14 9.59 -0.32
N HIS D 109 0.90 10.29 -1.43
CA HIS D 109 1.53 9.97 -2.71
C HIS D 109 2.72 10.87 -3.02
N GLU D 110 3.08 11.78 -2.12
CA GLU D 110 4.15 12.74 -2.36
C GLU D 110 5.38 12.38 -1.51
N CYS D 111 6.55 12.53 -2.11
CA CYS D 111 7.80 12.29 -1.39
C CYS D 111 7.94 13.27 -0.24
N ILE D 112 8.37 12.77 0.93
CA ILE D 112 8.47 13.61 2.10
C ILE D 112 9.66 14.57 2.04
N SER D 113 10.66 14.27 1.22
CA SER D 113 11.77 15.20 1.06
C SER D 113 11.41 16.42 0.23
N ALA D 114 10.38 16.32 -0.60
CA ALA D 114 9.87 17.48 -1.33
C ALA D 114 8.75 18.19 -0.57
N TYR D 115 7.98 17.44 0.23
CA TYR D 115 6.96 18.07 1.07
C TYR D 115 7.60 18.99 2.11
N ASP D 116 8.69 18.54 2.73
CA ASP D 116 9.39 19.38 3.69
C ASP D 116 10.05 20.58 3.02
N GLU D 117 10.43 20.44 1.75
CA GLU D 117 11.03 21.56 1.03
C GLU D 117 10.04 22.70 0.86
N GLU D 118 8.78 22.38 0.56
CA GLU D 118 7.77 23.42 0.39
C GLU D 118 7.36 24.02 1.73
N LEU D 119 7.31 23.21 2.78
CA LEU D 119 6.99 23.74 4.10
C LEU D 119 8.06 24.73 4.57
N ALA D 120 9.33 24.39 4.37
CA ALA D 120 10.40 25.31 4.73
C ALA D 120 10.38 26.57 3.86
N PHE D 121 10.06 26.40 2.57
CA PHE D 121 10.02 27.54 1.65
C PHE D 121 8.97 28.56 2.08
N PHE D 122 7.75 28.09 2.35
CA PHE D 122 6.62 28.97 2.60
C PHE D 122 6.49 29.36 4.07
N GLY D 123 7.40 28.93 4.93
CA GLY D 123 7.41 29.33 6.32
C GLY D 123 6.66 28.42 7.27
N LEU D 124 5.95 27.42 6.76
CA LEU D 124 5.25 26.49 7.63
C LEU D 124 6.24 25.55 8.31
N ILE D 125 5.78 24.91 9.38
CA ILE D 125 6.62 24.03 10.18
C ILE D 125 5.94 22.66 10.32
N PRO D 126 6.70 21.58 10.52
CA PRO D 126 6.06 20.26 10.68
C PRO D 126 5.30 20.10 11.99
N GLU D 127 5.35 21.08 12.89
CA GLU D 127 4.65 20.99 14.16
C GLU D 127 3.17 21.39 14.07
N ILE D 128 2.74 22.00 12.96
CA ILE D 128 1.38 22.49 12.82
C ILE D 128 0.52 21.61 11.94
N ILE D 129 1.06 20.47 11.47
CA ILE D 129 0.27 19.56 10.65
C ILE D 129 -0.83 18.93 11.52
N GLY D 130 -1.98 18.70 10.91
CA GLY D 130 -3.13 18.23 11.65
C GLY D 130 -2.92 16.84 12.23
N ASP D 131 -3.66 16.55 13.30
CA ASP D 131 -3.57 15.24 13.95
C ASP D 131 -4.10 14.12 13.07
N CYS D 132 -4.93 14.43 12.07
CA CYS D 132 -5.48 13.39 11.21
C CYS D 132 -4.38 12.62 10.51
N CYS D 133 -3.41 13.32 9.92
CA CYS D 133 -2.24 12.72 9.30
C CYS D 133 -0.99 13.35 9.91
N TYR D 134 -0.58 12.79 11.05
CA TYR D 134 0.67 13.20 11.70
C TYR D 134 1.41 11.95 12.13
N GLU D 135 0.65 10.88 12.38
CA GLU D 135 1.27 9.59 12.66
C GLU D 135 1.99 9.04 11.43
N GLU D 136 1.38 9.17 10.25
CA GLU D 136 2.05 8.72 9.04
C GLU D 136 3.16 9.66 8.61
N TYR D 137 2.99 10.96 8.88
CA TYR D 137 4.02 11.92 8.50
C TYR D 137 5.34 11.64 9.22
N LYS D 138 5.28 11.35 10.52
CA LYS D 138 6.49 11.00 11.25
C LYS D 138 7.05 9.65 10.79
N ASP D 139 6.16 8.68 10.50
CA ASP D 139 6.63 7.37 10.06
C ASP D 139 7.39 7.47 8.75
N ARG D 140 6.89 8.28 7.82
CA ARG D 140 7.62 8.50 6.57
C ARG D 140 8.84 9.39 6.80
N ARG D 141 8.78 10.25 7.81
CA ARG D 141 9.95 11.05 8.17
C ARG D 141 11.03 10.18 8.79
N ARG D 142 10.64 9.16 9.54
CA ARG D 142 11.62 8.26 10.13
C ARG D 142 12.39 7.50 9.06
N GLU D 143 11.70 7.03 8.02
CA GLU D 143 12.37 6.28 6.96
C GLU D 143 13.34 7.16 6.20
N ASN D 144 12.97 8.41 5.91
CA ASN D 144 13.89 9.34 5.28
C ASN D 144 15.07 9.65 6.20
N ALA D 145 14.80 9.82 7.50
CA ALA D 145 15.88 10.08 8.45
C ALA D 145 16.84 8.89 8.53
N GLU D 146 16.30 7.67 8.55
CA GLU D 146 17.16 6.49 8.57
C GLU D 146 17.97 6.36 7.29
N ARG D 147 17.40 6.79 6.16
CA ARG D 147 18.15 6.76 4.91
C ARG D 147 19.35 7.69 4.98
N LEU D 148 19.19 8.88 5.57
CA LEU D 148 20.31 9.79 5.72
C LEU D 148 21.36 9.23 6.65
N GLN D 149 20.94 8.63 7.77
CA GLN D 149 21.91 8.09 8.73
C GLN D 149 22.71 6.95 8.14
N ASP D 150 22.05 6.04 7.42
CA ASP D 150 22.76 4.93 6.79
C ASP D 150 23.71 5.43 5.71
N ASP D 151 23.28 6.41 4.92
CA ASP D 151 24.12 6.95 3.85
C ASP D 151 25.26 7.81 4.38
N ALA D 152 25.18 8.24 5.63
CA ALA D 152 26.20 9.08 6.25
C ALA D 152 26.83 8.39 7.46
N ASP D 153 27.09 7.09 7.33
CA ASP D 153 27.71 6.33 8.41
C ASP D 153 29.23 6.44 8.40
N THR D 154 29.82 7.13 7.42
CA THR D 154 31.25 7.35 7.33
C THR D 154 32.01 6.01 7.29
N ASP D 155 31.78 5.26 6.21
CA ASP D 155 32.46 3.99 5.98
C ASP D 155 33.73 4.15 5.14
N THR D 156 34.27 5.35 5.05
CA THR D 156 35.48 5.58 4.27
C THR D 156 36.67 4.88 4.93
N ALA D 157 37.45 4.17 4.12
CA ALA D 157 38.61 3.45 4.62
C ALA D 157 39.66 3.28 3.52
N PRO D 163 46.65 6.64 5.86
CA PRO D 163 47.85 6.18 6.57
C PRO D 163 48.85 7.30 6.84
N THR D 164 48.34 8.50 7.11
CA THR D 164 49.20 9.65 7.41
C THR D 164 49.82 9.57 8.80
N MET D 165 49.38 8.62 9.63
CA MET D 165 49.92 8.47 10.98
C MET D 165 50.41 7.04 11.20
N THR D 166 50.70 6.68 12.44
CA THR D 166 51.38 5.43 12.74
C THR D 166 50.59 4.19 12.35
N ALA D 167 51.17 3.01 12.56
CA ALA D 167 50.58 1.76 12.09
C ALA D 167 49.27 1.41 12.80
N ARG D 168 48.93 2.11 13.88
CA ARG D 168 47.74 1.76 14.66
C ARG D 168 46.48 1.80 13.80
N GLN D 169 46.26 2.91 13.10
CA GLN D 169 45.04 3.05 12.30
C GLN D 169 45.05 2.10 11.11
N ARG D 170 46.19 1.94 10.45
CA ARG D 170 46.26 1.08 9.27
C ARG D 170 46.27 -0.40 9.60
N VAL D 171 46.41 -0.77 10.86
CA VAL D 171 46.27 -2.16 11.25
C VAL D 171 44.89 -2.37 11.86
N TRP D 172 44.29 -1.30 12.39
CA TRP D 172 42.93 -1.40 12.90
C TRP D 172 41.93 -1.48 11.76
N ARG D 173 42.20 -0.79 10.65
CA ARG D 173 41.35 -0.93 9.48
C ARG D 173 41.39 -2.35 8.93
N ALA D 174 42.51 -3.04 9.11
CA ALA D 174 42.57 -4.46 8.75
C ALA D 174 41.83 -5.32 9.77
N PHE D 175 41.97 -4.99 11.06
CA PHE D 175 41.26 -5.74 12.09
C PHE D 175 39.76 -5.57 11.97
N GLU D 176 39.29 -4.33 11.79
CA GLU D 176 37.86 -4.08 11.67
C GLU D 176 37.29 -4.68 10.40
N ASN D 177 38.02 -4.57 9.29
CA ASN D 177 37.58 -5.07 7.99
C ASN D 177 38.58 -6.12 7.51
N PRO D 178 38.33 -7.40 7.79
CA PRO D 178 39.26 -8.45 7.36
C PRO D 178 39.13 -8.85 5.90
N HIS D 179 38.10 -8.39 5.20
CA HIS D 179 37.91 -8.74 3.81
C HIS D 179 38.81 -7.95 2.86
N THR D 180 39.44 -6.88 3.34
CA THR D 180 40.34 -6.06 2.53
C THR D 180 41.79 -6.51 2.75
N SER D 181 42.67 -5.95 1.92
CA SER D 181 44.11 -6.24 1.97
C SER D 181 44.37 -7.74 1.81
N THR D 182 45.55 -8.19 2.25
CA THR D 182 45.89 -9.61 2.16
C THR D 182 46.32 -10.15 3.51
N MET D 183 46.85 -9.29 4.38
CA MET D 183 47.21 -9.72 5.73
C MET D 183 45.98 -9.88 6.61
N ALA D 184 44.99 -9.02 6.42
CA ALA D 184 43.76 -9.10 7.22
C ALA D 184 43.02 -10.41 6.97
N LEU D 185 42.94 -10.83 5.70
CA LEU D 185 42.27 -12.08 5.38
C LEU D 185 43.02 -13.27 5.98
N VAL D 186 44.36 -13.24 5.93
CA VAL D 186 45.15 -14.32 6.51
C VAL D 186 44.94 -14.39 8.01
N PHE D 187 44.94 -13.23 8.69
CA PHE D 187 44.69 -13.21 10.12
C PHE D 187 43.30 -13.72 10.46
N TYR D 188 42.30 -13.32 9.68
CA TYR D 188 40.93 -13.80 9.88
C TYR D 188 40.86 -15.32 9.75
N TYR D 189 41.46 -15.85 8.68
CA TYR D 189 41.42 -17.29 8.45
C TYR D 189 42.14 -18.06 9.55
N VAL D 190 43.30 -17.56 9.97
CA VAL D 190 44.06 -18.30 10.99
C VAL D 190 43.34 -18.24 12.34
N THR D 191 42.72 -17.11 12.66
CA THR D 191 41.95 -17.02 13.90
C THR D 191 40.76 -17.97 13.88
N GLY D 192 40.02 -18.00 12.77
CA GLY D 192 38.92 -18.94 12.67
C GLY D 192 39.36 -20.39 12.76
N PHE D 193 40.46 -20.72 12.08
CA PHE D 193 40.98 -22.08 12.14
C PHE D 193 41.41 -22.45 13.55
N PHE D 194 42.05 -21.51 14.26
CA PHE D 194 42.47 -21.81 15.62
C PHE D 194 41.29 -22.01 16.55
N ILE D 195 40.24 -21.18 16.42
CA ILE D 195 39.05 -21.38 17.25
C ILE D 195 38.42 -22.74 16.96
N ALA D 196 38.27 -23.07 15.67
CA ALA D 196 37.66 -24.33 15.30
C ALA D 196 38.47 -25.52 15.80
N VAL D 197 39.80 -25.47 15.62
CA VAL D 197 40.62 -26.60 16.06
C VAL D 197 40.63 -26.70 17.58
N SER D 198 40.57 -25.58 18.30
CA SER D 198 40.51 -25.64 19.76
C SER D 198 39.25 -26.32 20.22
N VAL D 199 38.09 -25.92 19.68
CA VAL D 199 36.84 -26.51 20.14
C VAL D 199 36.75 -27.99 19.71
N ILE D 200 37.24 -28.30 18.51
CA ILE D 200 37.23 -29.69 18.05
C ILE D 200 38.13 -30.54 18.94
N ALA D 201 39.32 -30.04 19.27
CA ALA D 201 40.22 -30.78 20.15
C ALA D 201 39.61 -30.99 21.52
N ASN D 202 38.92 -29.97 22.05
CA ASN D 202 38.20 -30.14 23.32
C ASN D 202 37.19 -31.28 23.22
N VAL D 203 36.44 -31.31 22.12
CA VAL D 203 35.49 -32.40 21.89
C VAL D 203 36.22 -33.74 21.87
N VAL D 204 37.41 -33.77 21.27
CA VAL D 204 38.16 -35.02 21.16
C VAL D 204 38.60 -35.51 22.54
N GLU D 205 39.15 -34.62 23.37
CA GLU D 205 39.59 -35.15 24.67
C GLU D 205 38.43 -35.45 25.59
N THR D 206 37.25 -34.86 25.34
CA THR D 206 36.10 -35.23 26.16
C THR D 206 35.61 -36.63 25.85
N VAL D 207 35.71 -37.06 24.59
CA VAL D 207 35.23 -38.39 24.20
C VAL D 207 36.29 -39.43 24.51
N PRO D 208 35.91 -40.62 24.98
CA PRO D 208 36.89 -41.68 25.20
C PRO D 208 37.60 -42.07 23.91
N CYS D 209 38.88 -42.42 24.04
CA CYS D 209 39.70 -42.83 22.91
C CYS D 209 40.02 -44.32 22.91
N GLY D 210 40.18 -44.94 24.08
CA GLY D 210 40.49 -46.35 24.15
C GLY D 210 39.38 -47.17 24.77
N HIS D 215 42.00 -53.89 29.27
CA HIS D 215 42.41 -52.62 29.87
C HIS D 215 41.85 -52.48 31.28
N ILE D 216 42.48 -51.63 32.09
CA ILE D 216 42.03 -51.42 33.45
C ILE D 216 40.66 -50.76 33.47
N LYS D 217 40.43 -49.79 32.57
CA LYS D 217 39.17 -49.08 32.51
C LYS D 217 39.06 -48.43 31.13
N GLU D 218 37.84 -48.01 30.80
CA GLU D 218 37.60 -47.27 29.55
C GLU D 218 38.11 -45.85 29.75
N LEU D 219 39.43 -45.72 29.67
CA LEU D 219 40.08 -44.44 29.95
C LEU D 219 39.81 -43.46 28.83
N PRO D 220 39.31 -42.26 29.12
CA PRO D 220 39.10 -41.26 28.06
C PRO D 220 40.41 -40.70 27.53
N CYS D 221 40.32 -39.74 26.61
CA CYS D 221 41.48 -39.13 25.98
C CYS D 221 42.11 -38.02 26.83
N GLY D 222 41.82 -38.00 28.14
CA GLY D 222 42.33 -36.94 28.99
C GLY D 222 43.28 -37.39 30.08
N GLU D 223 43.55 -38.69 30.18
CA GLU D 223 44.43 -39.23 31.20
C GLU D 223 45.72 -39.78 30.62
N ARG D 224 45.63 -40.76 29.72
CA ARG D 224 46.82 -41.22 29.01
C ARG D 224 47.28 -40.18 28.00
N TYR D 225 46.34 -39.64 27.22
CA TYR D 225 46.57 -38.49 26.36
C TYR D 225 46.46 -37.20 27.17
N ALA D 226 46.29 -36.08 26.47
CA ALA D 226 46.15 -34.74 27.06
C ALA D 226 47.49 -34.19 27.54
N VAL D 227 48.58 -34.69 26.98
CA VAL D 227 49.89 -34.07 27.12
C VAL D 227 50.14 -33.09 25.98
N ALA D 228 49.88 -33.51 24.74
CA ALA D 228 49.90 -32.59 23.60
C ALA D 228 48.63 -31.75 23.55
N PHE D 229 47.53 -32.24 24.11
CA PHE D 229 46.29 -31.46 24.14
C PHE D 229 46.46 -30.20 24.97
N PHE D 230 47.19 -30.31 26.10
CA PHE D 230 47.50 -29.14 26.90
C PHE D 230 48.33 -28.14 26.12
N CYS D 231 49.29 -28.63 25.32
CA CYS D 231 50.09 -27.75 24.48
C CYS D 231 49.23 -27.04 23.44
N LEU D 232 48.30 -27.77 22.82
CA LEU D 232 47.40 -27.14 21.86
C LEU D 232 46.53 -26.09 22.51
N ASP D 233 45.99 -26.40 23.70
CA ASP D 233 45.15 -25.45 24.41
C ASP D 233 45.91 -24.19 24.79
N THR D 234 47.14 -24.35 25.30
CA THR D 234 47.91 -23.18 25.69
C THR D 234 48.37 -22.39 24.48
N ALA D 235 48.64 -23.06 23.35
CA ALA D 235 48.95 -22.33 22.13
C ALA D 235 47.76 -21.50 21.65
N CYS D 236 46.56 -22.09 21.70
CA CYS D 236 45.37 -21.35 21.29
C CYS D 236 45.11 -20.17 22.22
N VAL D 237 45.29 -20.37 23.53
CA VAL D 237 45.10 -19.28 24.48
C VAL D 237 46.13 -18.18 24.25
N MET D 238 47.38 -18.56 23.96
CA MET D 238 48.41 -17.58 23.68
C MET D 238 48.08 -16.78 22.43
N ILE D 239 47.59 -17.46 21.38
CA ILE D 239 47.20 -16.76 20.16
C ILE D 239 46.06 -15.78 20.46
N PHE D 240 45.07 -16.22 21.23
CA PHE D 240 43.97 -15.34 21.59
C PHE D 240 44.46 -14.11 22.36
N THR D 241 45.36 -14.32 23.31
CA THR D 241 45.88 -13.21 24.10
C THR D 241 46.68 -12.24 23.23
N VAL D 242 47.53 -12.75 22.34
CA VAL D 242 48.35 -11.86 21.53
C VAL D 242 47.50 -11.10 20.53
N GLU D 243 46.46 -11.74 19.96
CA GLU D 243 45.59 -10.99 19.06
C GLU D 243 44.76 -9.96 19.81
N TYR D 244 44.36 -10.26 21.05
CA TYR D 244 43.69 -9.25 21.87
C TYR D 244 44.63 -8.08 22.16
N LEU D 245 45.91 -8.35 22.43
CA LEU D 245 46.87 -7.29 22.66
C LEU D 245 47.07 -6.44 21.41
N LEU D 246 47.14 -7.08 20.24
CA LEU D 246 47.25 -6.33 18.99
C LEU D 246 46.02 -5.46 18.75
N ARG D 247 44.83 -5.98 19.09
CA ARG D 247 43.62 -5.16 19.00
C ARG D 247 43.69 -3.98 19.95
N LEU D 248 44.19 -4.21 21.17
CA LEU D 248 44.37 -3.13 22.13
C LEU D 248 45.38 -2.08 21.65
N ALA D 249 46.37 -2.49 20.86
CA ALA D 249 47.38 -1.58 20.35
C ALA D 249 46.90 -0.78 19.15
N ALA D 250 45.63 -0.93 18.75
CA ALA D 250 45.10 -0.20 17.60
C ALA D 250 43.70 0.36 17.86
N ALA D 251 43.29 0.47 19.13
CA ALA D 251 41.96 0.94 19.44
C ALA D 251 42.03 2.38 19.95
N PRO D 252 41.55 3.37 19.17
CA PRO D 252 41.51 4.74 19.71
C PRO D 252 40.60 4.87 20.92
N SER D 253 39.64 3.97 21.08
CA SER D 253 38.72 3.95 22.22
C SER D 253 39.09 2.84 23.20
N ARG D 254 40.39 2.67 23.45
CA ARG D 254 40.91 1.56 24.24
C ARG D 254 40.04 1.19 25.44
N TYR D 255 39.74 2.17 26.29
CA TYR D 255 38.86 1.89 27.44
C TYR D 255 37.45 1.54 26.99
N ARG D 256 36.90 2.33 26.07
CA ARG D 256 35.57 2.04 25.54
C ARG D 256 35.56 0.73 24.75
N PHE D 257 36.65 0.46 24.02
CA PHE D 257 36.75 -0.80 23.28
C PHE D 257 36.75 -1.99 24.24
N VAL D 258 37.46 -1.86 25.37
CA VAL D 258 37.42 -2.89 26.40
C VAL D 258 35.99 -3.04 26.94
N ARG D 259 35.32 -1.91 27.17
CA ARG D 259 33.93 -1.94 27.64
C ARG D 259 32.97 -2.53 26.61
N SER D 260 33.40 -2.68 25.35
CA SER D 260 32.53 -3.25 24.34
C SER D 260 32.29 -4.73 24.58
N VAL D 261 31.21 -5.24 23.97
CA VAL D 261 30.80 -6.63 24.21
C VAL D 261 31.81 -7.61 23.63
N MET D 262 32.40 -7.27 22.48
CA MET D 262 33.36 -8.18 21.85
C MET D 262 34.60 -8.37 22.71
N SER D 263 35.14 -7.28 23.27
CA SER D 263 36.28 -7.40 24.16
C SER D 263 35.93 -8.16 25.43
N ILE D 264 34.71 -7.98 25.93
CA ILE D 264 34.26 -8.72 27.10
C ILE D 264 34.23 -10.21 26.79
N ILE D 265 33.71 -10.58 25.62
CA ILE D 265 33.67 -11.98 25.22
C ILE D 265 35.08 -12.54 25.09
N ASP D 266 35.99 -11.75 24.51
CA ASP D 266 37.38 -12.19 24.38
C ASP D 266 38.02 -12.42 25.73
N VAL D 267 37.79 -11.50 26.68
CA VAL D 267 38.35 -11.65 28.02
C VAL D 267 37.78 -12.88 28.70
N VAL D 268 36.46 -13.11 28.56
CA VAL D 268 35.84 -14.30 29.14
C VAL D 268 36.42 -15.56 28.54
N ALA D 269 36.73 -15.53 27.24
CA ALA D 269 37.30 -16.71 26.59
C ALA D 269 38.72 -16.97 27.04
N ILE D 270 39.51 -15.91 27.26
CA ILE D 270 40.93 -16.09 27.58
C ILE D 270 41.17 -16.28 29.07
N LEU D 271 40.24 -15.88 29.94
CA LEU D 271 40.45 -16.01 31.38
C LEU D 271 40.63 -17.45 31.87
N PRO D 272 39.82 -18.44 31.45
CA PRO D 272 39.85 -19.73 32.16
C PRO D 272 41.21 -20.41 32.20
N TYR D 273 42.02 -20.30 31.15
CA TYR D 273 43.33 -20.95 31.16
C TYR D 273 44.23 -20.36 32.25
N TYR D 274 44.31 -19.03 32.31
CA TYR D 274 45.13 -18.39 33.34
C TYR D 274 44.56 -18.63 34.73
N ILE D 275 43.24 -18.63 34.86
CA ILE D 275 42.62 -18.91 36.15
C ILE D 275 42.98 -20.32 36.62
N GLY D 276 42.91 -21.29 35.70
CA GLY D 276 43.27 -22.65 36.07
C GLY D 276 44.75 -22.80 36.41
N LEU D 277 45.62 -22.10 35.67
CA LEU D 277 47.04 -22.14 35.99
C LEU D 277 47.32 -21.57 37.38
N VAL D 278 46.68 -20.43 37.70
CA VAL D 278 46.84 -19.85 39.03
C VAL D 278 46.30 -20.80 40.10
N MET D 279 45.14 -21.42 39.83
CA MET D 279 44.54 -22.33 40.80
C MET D 279 45.42 -23.55 41.05
N THR D 280 46.01 -24.12 39.99
CA THR D 280 46.85 -25.29 40.15
C THR D 280 48.27 -24.96 40.61
N ASP D 281 48.66 -23.68 40.57
CA ASP D 281 49.96 -23.30 41.12
C ASP D 281 50.02 -23.56 42.61
N ASN D 282 48.94 -23.25 43.34
CA ASN D 282 48.86 -23.49 44.78
C ASN D 282 47.64 -24.36 45.05
N GLU D 283 47.90 -25.58 45.54
CA GLU D 283 46.86 -26.56 45.85
C GLU D 283 46.05 -26.92 44.61
N ASP D 284 45.06 -27.80 44.77
CA ASP D 284 44.22 -28.23 43.66
C ASP D 284 42.98 -28.93 44.20
N VAL D 285 41.80 -28.45 43.79
CA VAL D 285 40.53 -29.10 44.10
C VAL D 285 39.70 -29.13 42.83
N SER D 286 38.68 -29.98 42.83
CA SER D 286 37.83 -30.20 41.67
C SER D 286 36.61 -29.29 41.65
N GLY D 287 36.48 -28.36 42.60
CA GLY D 287 35.30 -27.51 42.63
C GLY D 287 35.18 -26.61 41.42
N ALA D 288 36.28 -25.97 41.03
CA ALA D 288 36.29 -25.08 39.88
C ALA D 288 36.85 -25.74 38.63
N PHE D 289 37.20 -27.03 38.68
CA PHE D 289 37.72 -27.72 37.51
C PHE D 289 36.64 -27.84 36.44
N VAL D 290 35.48 -28.38 36.80
CA VAL D 290 34.39 -28.55 35.84
C VAL D 290 33.85 -27.18 35.42
N THR D 291 33.82 -26.21 36.33
CA THR D 291 33.35 -24.88 35.96
C THR D 291 34.26 -24.24 34.92
N LEU D 292 35.57 -24.36 35.09
CA LEU D 292 36.50 -23.80 34.12
C LEU D 292 36.44 -24.56 32.80
N ARG D 293 36.27 -25.88 32.86
CA ARG D 293 36.12 -26.65 31.63
C ARG D 293 34.87 -26.23 30.87
N VAL D 294 33.78 -25.94 31.60
CA VAL D 294 32.57 -25.43 30.95
C VAL D 294 32.83 -24.06 30.34
N PHE D 295 33.50 -23.19 31.10
CA PHE D 295 33.77 -21.84 30.61
C PHE D 295 34.72 -21.83 29.42
N ARG D 296 35.52 -22.88 29.24
CA ARG D 296 36.45 -22.92 28.11
C ARG D 296 35.75 -22.85 26.77
N VAL D 297 34.54 -23.42 26.66
CA VAL D 297 33.84 -23.47 25.39
C VAL D 297 33.30 -22.11 24.97
N PHE D 298 33.44 -21.09 25.82
CA PHE D 298 32.91 -19.77 25.51
C PHE D 298 33.70 -19.09 24.38
N ARG D 299 34.71 -19.77 23.85
CA ARG D 299 35.38 -19.30 22.64
C ARG D 299 34.52 -19.48 21.40
N ILE D 300 33.41 -20.20 21.51
CA ILE D 300 32.46 -20.31 20.39
C ILE D 300 31.92 -18.94 20.01
N PHE D 301 31.57 -18.12 21.01
CA PHE D 301 30.99 -16.81 20.76
C PHE D 301 31.96 -15.84 20.10
N LYS D 302 33.26 -16.17 20.03
CA LYS D 302 34.21 -15.34 19.31
C LYS D 302 33.98 -15.37 17.81
N PHE D 303 33.14 -16.29 17.31
CA PHE D 303 32.77 -16.33 15.90
C PHE D 303 31.86 -15.19 15.48
N SER D 304 31.45 -14.32 16.42
CA SER D 304 30.57 -13.21 16.07
C SER D 304 31.24 -12.27 15.07
N ARG D 305 32.54 -12.02 15.24
CA ARG D 305 33.26 -11.19 14.27
C ARG D 305 33.28 -11.87 12.90
N HIS D 306 33.47 -13.18 12.86
CA HIS D 306 33.62 -13.88 11.60
C HIS D 306 32.31 -13.92 10.81
N SER D 307 31.20 -14.22 11.48
CA SER D 307 29.92 -14.41 10.82
C SER D 307 28.98 -13.25 11.14
N GLN D 308 28.39 -12.66 10.10
CA GLN D 308 27.43 -11.59 10.32
C GLN D 308 26.14 -12.10 10.95
N GLY D 309 25.85 -13.40 10.78
CA GLY D 309 24.62 -13.95 11.33
C GLY D 309 24.56 -13.85 12.85
N LEU D 310 25.69 -14.13 13.52
CA LEU D 310 25.72 -14.01 14.97
C LEU D 310 25.52 -12.58 15.42
N ARG D 311 26.12 -11.61 14.70
CA ARG D 311 25.92 -10.21 15.04
C ARG D 311 24.46 -9.80 14.86
N ILE D 312 23.83 -10.26 13.78
CA ILE D 312 22.41 -9.95 13.55
C ILE D 312 21.55 -10.58 14.64
N LEU D 313 21.86 -11.81 15.03
CA LEU D 313 21.11 -12.47 16.09
C LEU D 313 21.26 -11.72 17.42
N GLY D 314 22.48 -11.30 17.75
CA GLY D 314 22.67 -10.51 18.95
C GLY D 314 21.92 -9.20 18.91
N TYR D 315 21.93 -8.52 17.75
CA TYR D 315 21.21 -7.26 17.61
C TYR D 315 19.71 -7.46 17.79
N THR D 316 19.17 -8.54 17.22
CA THR D 316 17.72 -8.74 17.31
C THR D 316 17.31 -9.22 18.71
N LEU D 317 18.19 -9.93 19.42
CA LEU D 317 17.88 -10.27 20.81
C LEU D 317 17.94 -9.03 21.71
N LYS D 318 18.93 -8.16 21.49
CA LYS D 318 19.02 -6.95 22.30
C LYS D 318 17.90 -5.97 21.99
N SER D 319 17.43 -5.93 20.74
CA SER D 319 16.39 -4.98 20.37
C SER D 319 15.09 -5.26 21.09
N CYS D 320 14.60 -6.50 21.01
CA CYS D 320 13.36 -6.89 21.68
C CYS D 320 13.66 -7.56 23.02
N ALA D 321 14.38 -6.82 23.87
CA ALA D 321 14.70 -7.34 25.20
C ALA D 321 13.47 -7.40 26.09
N SER D 322 12.53 -6.46 25.92
CA SER D 322 11.31 -6.47 26.71
C SER D 322 10.46 -7.70 26.40
N GLU D 323 10.40 -8.11 25.13
CA GLU D 323 9.62 -9.27 24.75
C GLU D 323 10.16 -10.55 25.39
N LEU D 324 11.49 -10.70 25.45
CA LEU D 324 12.07 -11.86 26.12
C LEU D 324 11.79 -11.83 27.62
N GLY D 325 11.75 -10.64 28.21
CA GLY D 325 11.39 -10.53 29.62
C GLY D 325 9.97 -10.99 29.87
N PHE D 326 9.03 -10.58 29.01
CA PHE D 326 7.66 -11.06 29.14
C PHE D 326 7.57 -12.55 28.90
N LEU D 327 8.36 -13.07 27.95
CA LEU D 327 8.43 -14.52 27.73
C LEU D 327 8.84 -15.24 29.01
N LEU D 328 9.91 -14.77 29.65
CA LEU D 328 10.40 -15.41 30.87
C LEU D 328 9.36 -15.31 31.98
N PHE D 329 8.73 -14.14 32.13
CA PHE D 329 7.75 -13.95 33.19
C PHE D 329 6.55 -14.88 33.01
N SER D 330 6.00 -14.91 31.80
CA SER D 330 4.84 -15.76 31.53
C SER D 330 5.20 -17.24 31.64
N LEU D 331 6.40 -17.61 31.19
CA LEU D 331 6.84 -19.00 31.31
C LEU D 331 6.95 -19.42 32.75
N THR D 332 7.55 -18.57 33.60
CA THR D 332 7.65 -18.89 35.02
C THR D 332 6.27 -18.95 35.66
N MET D 333 5.37 -18.03 35.30
CA MET D 333 4.01 -18.04 35.83
C MET D 333 3.32 -19.35 35.52
N ALA D 334 3.30 -19.73 34.24
CA ALA D 334 2.63 -20.96 33.83
C ALA D 334 3.30 -22.19 34.45
N ILE D 335 4.63 -22.19 34.52
CA ILE D 335 5.34 -23.32 35.10
C ILE D 335 4.96 -23.50 36.56
N ILE D 336 4.93 -22.41 37.32
CA ILE D 336 4.58 -22.49 38.74
C ILE D 336 3.15 -22.99 38.90
N ILE D 337 2.22 -22.40 38.13
CA ILE D 337 0.80 -22.76 38.28
C ILE D 337 0.59 -24.23 37.95
N PHE D 338 1.11 -24.67 36.81
CA PHE D 338 0.87 -26.05 36.37
C PHE D 338 1.62 -27.05 37.24
N ALA D 339 2.82 -26.69 37.72
CA ALA D 339 3.53 -27.59 38.62
C ALA D 339 2.77 -27.77 39.92
N THR D 340 2.23 -26.67 40.48
CA THR D 340 1.41 -26.80 41.68
C THR D 340 0.19 -27.67 41.43
N VAL D 341 -0.49 -27.45 40.30
CA VAL D 341 -1.70 -28.21 40.00
C VAL D 341 -1.39 -29.70 39.86
N MET D 342 -0.33 -30.03 39.11
CA MET D 342 0.02 -31.43 38.90
C MET D 342 0.51 -32.08 40.18
N PHE D 343 1.26 -31.34 41.01
CA PHE D 343 1.74 -31.91 42.27
C PHE D 343 0.56 -32.24 43.18
N TYR D 344 -0.36 -31.30 43.35
CA TYR D 344 -1.51 -31.56 44.21
C TYR D 344 -2.53 -32.50 43.59
N ALA D 345 -2.46 -32.75 42.28
CA ALA D 345 -3.38 -33.67 41.63
C ALA D 345 -2.80 -35.07 41.44
N GLU D 346 -1.47 -35.22 41.49
CA GLU D 346 -0.80 -36.49 41.26
C GLU D 346 0.17 -36.75 42.42
N LYS D 347 -0.33 -36.60 43.65
CA LYS D 347 0.47 -36.77 44.85
C LYS D 347 0.29 -38.12 45.52
N GLY D 348 -0.93 -38.66 45.54
CA GLY D 348 -1.21 -39.87 46.27
C GLY D 348 -1.08 -41.15 45.47
N SER D 349 -0.39 -41.07 44.34
CA SER D 349 -0.21 -42.25 43.50
C SER D 349 0.71 -43.26 44.17
N SER D 350 0.65 -44.50 43.69
CA SER D 350 1.47 -45.57 44.25
C SER D 350 2.96 -45.29 44.06
N ALA D 351 3.40 -45.20 42.80
CA ALA D 351 4.78 -44.90 42.46
C ALA D 351 4.78 -43.62 41.63
N SER D 352 4.85 -42.49 42.32
CA SER D 352 4.79 -41.18 41.68
C SER D 352 6.12 -40.46 41.85
N LYS D 353 6.63 -39.91 40.75
CA LYS D 353 7.84 -39.08 40.79
C LYS D 353 7.54 -37.63 41.09
N PHE D 354 6.27 -37.26 41.22
CA PHE D 354 5.86 -35.88 41.55
C PHE D 354 5.96 -35.67 43.06
N THR D 355 7.21 -35.65 43.54
CA THR D 355 7.44 -35.52 44.97
C THR D 355 7.19 -34.09 45.46
N SER D 356 7.40 -33.10 44.59
CA SER D 356 7.31 -31.71 45.01
C SER D 356 7.08 -30.83 43.78
N ILE D 357 6.71 -29.58 44.05
CA ILE D 357 6.59 -28.60 42.96
C ILE D 357 7.90 -28.40 42.22
N PRO D 358 9.05 -28.22 42.89
CA PRO D 358 10.31 -28.21 42.13
C PRO D 358 10.56 -29.48 41.35
N ALA D 359 10.10 -30.64 41.87
CA ALA D 359 10.20 -31.87 41.10
C ALA D 359 9.23 -31.87 39.92
N ALA D 360 8.08 -31.23 40.08
CA ALA D 360 7.13 -31.10 38.98
C ALA D 360 7.53 -30.02 37.98
N PHE D 361 8.53 -29.21 38.30
CA PHE D 361 9.03 -28.22 37.35
C PHE D 361 9.57 -28.88 36.10
N TRP D 362 10.28 -30.00 36.27
CA TRP D 362 10.83 -30.73 35.13
C TRP D 362 9.72 -31.20 34.20
N TYR D 363 8.69 -31.85 34.76
CA TYR D 363 7.56 -32.31 33.96
C TYR D 363 6.84 -31.14 33.28
N THR D 364 6.65 -30.04 34.01
CA THR D 364 5.94 -28.90 33.45
C THR D 364 6.71 -28.31 32.27
N ILE D 365 8.02 -28.14 32.41
CA ILE D 365 8.79 -27.54 31.33
C ILE D 365 8.94 -28.51 30.16
N VAL D 366 8.92 -29.82 30.43
CA VAL D 366 8.94 -30.80 29.35
C VAL D 366 7.63 -30.76 28.57
N THR D 367 6.50 -30.66 29.28
CA THR D 367 5.20 -30.71 28.62
C THR D 367 4.89 -29.41 27.89
N MET D 368 5.27 -28.26 28.47
CA MET D 368 4.96 -26.98 27.85
C MET D 368 5.65 -26.83 26.50
N THR D 369 6.91 -27.26 26.41
CA THR D 369 7.68 -27.16 25.17
C THR D 369 7.35 -28.26 24.17
N THR D 370 6.33 -29.08 24.46
CA THR D 370 5.96 -30.22 23.60
C THR D 370 7.16 -31.10 23.30
N LEU D 371 7.96 -31.39 24.34
CA LEU D 371 9.12 -32.24 24.18
C LEU D 371 8.77 -33.70 24.46
N GLY D 372 8.37 -34.01 25.69
CA GLY D 372 7.90 -35.34 26.01
C GLY D 372 9.05 -36.30 26.28
N TYR D 373 9.04 -36.95 27.44
CA TYR D 373 10.10 -37.91 27.74
C TYR D 373 9.50 -39.25 28.14
N GLY D 374 8.39 -39.22 28.88
CA GLY D 374 7.70 -40.41 29.29
C GLY D 374 8.21 -41.05 30.57
N ASP D 375 9.31 -40.55 31.12
CA ASP D 375 9.82 -41.11 32.38
C ASP D 375 8.98 -40.64 33.56
N MET D 376 8.49 -39.41 33.51
CA MET D 376 7.66 -38.84 34.57
C MET D 376 6.35 -38.40 33.95
N VAL D 377 5.30 -39.21 34.09
CA VAL D 377 4.01 -38.93 33.47
C VAL D 377 2.91 -39.02 34.51
N PRO D 378 1.81 -38.29 34.34
CA PRO D 378 0.68 -38.43 35.26
C PRO D 378 0.01 -39.79 35.12
N LYS D 379 -0.56 -40.26 36.23
CA LYS D 379 -1.26 -41.54 36.26
C LYS D 379 -2.64 -41.43 36.87
N THR D 380 -3.25 -40.25 36.83
CA THR D 380 -4.58 -40.02 37.37
C THR D 380 -5.43 -39.29 36.36
N ILE D 381 -6.75 -39.49 36.46
CA ILE D 381 -7.67 -38.83 35.54
C ILE D 381 -7.60 -37.32 35.71
N ALA D 382 -7.46 -36.86 36.95
CA ALA D 382 -7.34 -35.42 37.19
C ALA D 382 -6.04 -34.86 36.63
N GLY D 383 -4.95 -35.62 36.76
CA GLY D 383 -3.65 -35.12 36.33
C GLY D 383 -3.49 -35.07 34.82
N LYS D 384 -4.13 -35.99 34.10
CA LYS D 384 -3.97 -36.03 32.65
C LYS D 384 -4.63 -34.83 31.97
N ILE D 385 -5.80 -34.42 32.46
CA ILE D 385 -6.48 -33.26 31.89
C ILE D 385 -5.62 -32.01 32.06
N PHE D 386 -5.09 -31.81 33.27
CA PHE D 386 -4.25 -30.65 33.51
C PHE D 386 -2.92 -30.76 32.78
N GLY D 387 -2.42 -31.97 32.53
CA GLY D 387 -1.24 -32.10 31.70
C GLY D 387 -1.48 -31.69 30.26
N SER D 388 -2.62 -32.09 29.70
CA SER D 388 -2.99 -31.65 28.35
C SER D 388 -3.17 -30.14 28.30
N ILE D 389 -3.84 -29.57 29.31
CA ILE D 389 -4.00 -28.12 29.38
C ILE D 389 -2.65 -27.44 29.50
N CYS D 390 -1.72 -28.04 30.26
CA CYS D 390 -0.37 -27.49 30.37
C CYS D 390 0.34 -27.49 29.02
N SER D 391 0.20 -28.58 28.26
CA SER D 391 0.82 -28.61 26.93
C SER D 391 0.24 -27.53 26.03
N LEU D 392 -1.08 -27.39 26.01
CA LEU D 392 -1.71 -26.38 25.16
C LEU D 392 -1.30 -24.97 25.59
N SER D 393 -1.26 -24.72 26.91
CA SER D 393 -0.87 -23.40 27.41
C SER D 393 0.59 -23.12 27.13
N GLY D 394 1.45 -24.14 27.17
CA GLY D 394 2.83 -23.94 26.79
C GLY D 394 2.98 -23.58 25.32
N VAL D 395 2.21 -24.25 24.46
CA VAL D 395 2.19 -23.89 23.04
C VAL D 395 1.77 -22.43 22.88
N LEU D 396 0.69 -22.04 23.58
CA LEU D 396 0.20 -20.67 23.47
C LEU D 396 1.23 -19.66 23.96
N VAL D 397 1.89 -19.95 25.09
CA VAL D 397 2.81 -19.00 25.69
C VAL D 397 4.07 -18.86 24.83
N ILE D 398 4.63 -19.98 24.38
CA ILE D 398 5.84 -19.91 23.57
C ILE D 398 5.56 -19.31 22.20
N ALA D 399 4.36 -19.57 21.65
CA ALA D 399 4.04 -19.11 20.31
C ALA D 399 3.85 -17.60 20.22
N LEU D 400 3.75 -16.89 21.35
CA LEU D 400 3.51 -15.45 21.28
C LEU D 400 4.79 -14.68 20.92
N PRO D 401 5.91 -14.84 21.64
CA PRO D 401 7.10 -14.05 21.31
C PRO D 401 7.97 -14.62 20.20
N VAL D 402 7.67 -15.82 19.70
CA VAL D 402 8.47 -16.37 18.61
C VAL D 402 8.38 -15.55 17.33
N PRO D 403 7.20 -15.18 16.82
CA PRO D 403 7.15 -14.41 15.57
C PRO D 403 7.85 -13.05 15.65
N VAL D 404 7.75 -12.37 16.80
CA VAL D 404 8.32 -11.03 16.89
C VAL D 404 9.84 -11.08 16.85
N ILE D 405 10.44 -12.13 17.43
CA ILE D 405 11.88 -12.30 17.33
C ILE D 405 12.28 -12.58 15.88
N VAL D 406 11.55 -13.47 15.21
CA VAL D 406 11.86 -13.79 13.83
C VAL D 406 11.60 -12.60 12.92
N SER D 407 10.52 -11.86 13.18
CA SER D 407 10.22 -10.68 12.36
C SER D 407 11.31 -9.63 12.49
N ASN D 408 11.75 -9.37 13.72
CA ASN D 408 12.83 -8.40 13.92
C ASN D 408 14.13 -8.89 13.29
N PHE D 409 14.43 -10.18 13.41
CA PHE D 409 15.63 -10.73 12.78
C PHE D 409 15.60 -10.54 11.27
N SER D 410 14.45 -10.85 10.65
CA SER D 410 14.32 -10.70 9.21
C SER D 410 14.43 -9.24 8.79
N ARG D 411 13.81 -8.34 9.56
CA ARG D 411 13.88 -6.91 9.24
C ARG D 411 15.31 -6.40 9.34
N ILE D 412 16.03 -6.81 10.39
CA ILE D 412 17.42 -6.38 10.56
C ILE D 412 18.29 -6.92 9.43
N TYR D 413 18.10 -8.20 9.08
CA TYR D 413 18.89 -8.78 7.99
C TYR D 413 18.61 -8.06 6.67
N HIS D 414 17.34 -7.73 6.42
CA HIS D 414 16.99 -7.04 5.18
C HIS D 414 17.56 -5.63 5.13
N GLN D 415 17.51 -4.90 6.25
CA GLN D 415 18.04 -3.55 6.24
C GLN D 415 19.56 -3.51 6.28
N ASN D 416 20.21 -4.58 6.70
CA ASN D 416 21.70 -4.53 6.74
C ASN D 416 22.21 -5.08 5.42
N GLN D 417 21.35 -5.74 4.66
CA GLN D 417 21.62 -6.31 3.32
C GLN D 417 21.07 -5.30 2.32
N ARG D 418 20.42 -4.26 2.84
CA ARG D 418 19.91 -3.12 2.04
C ARG D 418 20.98 -2.05 2.17
N ALA D 419 21.24 -1.56 3.40
CA ALA D 419 22.35 -0.66 3.68
C ALA D 419 23.56 -0.92 2.79
N ASP D 420 23.77 -2.17 2.37
CA ASP D 420 24.91 -2.49 1.51
C ASP D 420 24.76 -1.82 0.15
N LYS D 421 23.57 -1.85 -0.43
CA LYS D 421 23.35 -1.16 -1.70
C LYS D 421 23.26 0.34 -1.51
N ARG D 422 22.92 0.80 -0.31
CA ARG D 422 22.94 2.23 -0.03
C ARG D 422 24.35 2.78 -0.10
N ARG D 423 25.33 2.02 0.40
CA ARG D 423 26.73 2.44 0.29
C ARG D 423 27.19 2.39 -1.17
N ALA D 424 26.69 1.42 -1.93
CA ALA D 424 27.09 1.31 -3.33
C ALA D 424 26.63 2.51 -4.14
N GLN D 425 25.40 2.99 -3.90
CA GLN D 425 24.92 4.16 -4.62
C GLN D 425 25.63 5.42 -4.19
N LYS D 426 26.16 5.46 -2.97
CA LYS D 426 26.91 6.63 -2.53
C LYS D 426 28.23 6.77 -3.28
N LYS D 427 28.95 5.66 -3.46
CA LYS D 427 30.21 5.71 -4.20
C LYS D 427 29.98 6.09 -5.66
N ALA D 428 28.91 5.58 -6.26
CA ALA D 428 28.58 5.96 -7.64
C ALA D 428 28.19 7.42 -7.72
N ARG D 429 27.47 7.93 -6.71
CA ARG D 429 27.08 9.34 -6.71
C ARG D 429 28.32 10.24 -6.61
N LEU D 430 29.29 9.88 -5.78
CA LEU D 430 30.52 10.65 -5.69
C LEU D 430 31.30 10.59 -7.00
N ALA D 431 31.27 9.44 -7.68
CA ALA D 431 31.93 9.32 -8.97
C ALA D 431 31.30 10.26 -9.99
N ARG D 432 29.97 10.38 -9.98
CA ARG D 432 29.30 11.31 -10.89
C ARG D 432 29.65 12.75 -10.55
N ILE D 433 29.76 13.07 -9.26
CA ILE D 433 30.17 14.41 -8.84
C ILE D 433 31.59 14.70 -9.31
N ARG D 434 32.49 13.74 -9.14
CA ARG D 434 33.86 13.92 -9.61
C ARG D 434 33.92 14.00 -11.13
N ALA D 435 33.08 13.23 -11.81
CA ALA D 435 33.02 13.31 -13.27
C ALA D 435 32.54 14.69 -13.72
N ALA D 436 31.55 15.25 -13.03
CA ALA D 436 31.09 16.59 -13.35
C ALA D 436 32.18 17.63 -13.09
N LYS D 437 32.92 17.47 -11.99
CA LYS D 437 34.02 18.38 -11.70
C LYS D 437 35.11 18.28 -12.77
N SER D 438 35.43 17.06 -13.20
CA SER D 438 36.41 16.88 -14.28
C SER D 438 35.88 17.43 -15.59
N GLY D 439 34.59 17.23 -15.87
CA GLY D 439 34.01 17.77 -17.09
C GLY D 439 33.96 19.30 -17.08
N SER D 440 33.64 19.89 -15.93
CA SER D 440 33.63 21.35 -15.82
C SER D 440 35.03 21.92 -16.02
N ALA D 441 36.04 21.28 -15.41
CA ALA D 441 37.41 21.72 -15.61
C ALA D 441 37.86 21.53 -17.05
N ASN D 442 37.50 20.39 -17.66
CA ASN D 442 37.86 20.15 -19.06
C ASN D 442 37.17 21.13 -19.99
N ALA D 443 35.92 21.49 -19.68
CA ALA D 443 35.19 22.43 -20.52
C ALA D 443 35.88 23.78 -20.58
N TYR D 444 36.48 24.21 -19.46
CA TYR D 444 37.21 25.46 -19.44
C TYR D 444 38.42 25.40 -20.37
N MET D 445 39.14 24.27 -20.37
CA MET D 445 40.30 24.14 -21.22
C MET D 445 39.93 24.20 -22.70
N GLN D 446 38.83 23.55 -23.07
CA GLN D 446 38.37 23.59 -24.46
C GLN D 446 38.05 25.02 -24.88
N SER D 447 37.44 25.80 -23.99
CA SER D 447 37.21 27.22 -24.28
C SER D 447 38.53 27.97 -24.39
N LYS D 448 39.49 27.66 -23.50
CA LYS D 448 40.79 28.32 -23.55
C LYS D 448 41.54 28.00 -24.83
N ARG D 449 41.49 26.75 -25.27
CA ARG D 449 42.17 26.36 -26.50
C ARG D 449 41.61 27.10 -27.70
N SER D 450 40.29 27.22 -27.78
CA SER D 450 39.64 27.90 -28.89
C SER D 450 39.27 29.33 -28.51
N SER D 472 28.19 28.61 -24.20
CA SER D 472 26.85 28.82 -23.65
C SER D 472 26.71 30.22 -23.08
N SER D 473 25.59 30.47 -22.40
CA SER D 473 25.35 31.79 -21.83
C SER D 473 26.07 31.94 -20.49
N PHE D 474 25.73 31.10 -19.51
CA PHE D 474 26.38 31.18 -18.21
C PHE D 474 27.82 30.70 -18.27
N GLU D 475 28.11 29.72 -19.13
CA GLU D 475 29.46 29.20 -19.23
C GLU D 475 30.47 30.27 -19.62
N THR D 476 30.05 31.26 -20.40
CA THR D 476 30.96 32.35 -20.77
C THR D 476 31.38 33.16 -19.56
N GLN D 477 30.44 33.48 -18.67
CA GLN D 477 30.78 34.26 -17.48
C GLN D 477 31.53 33.43 -16.46
N HIS D 478 31.17 32.15 -16.34
CA HIS D 478 31.86 31.29 -15.37
C HIS D 478 33.32 31.11 -15.74
N HIS D 479 33.62 30.92 -17.03
CA HIS D 479 35.01 30.79 -17.45
C HIS D 479 35.78 32.08 -17.25
N HIS D 480 35.10 33.22 -17.22
CA HIS D 480 35.77 34.48 -16.92
C HIS D 480 36.23 34.53 -15.48
N LEU D 481 35.43 33.97 -14.57
CA LEU D 481 35.83 33.89 -13.16
C LEU D 481 37.08 33.04 -13.00
N LEU D 482 37.13 31.89 -13.67
CA LEU D 482 38.34 31.07 -13.65
C LEU D 482 39.50 31.79 -14.32
N HIS D 483 39.22 32.57 -15.37
CA HIS D 483 40.27 33.36 -16.00
C HIS D 483 40.83 34.40 -15.04
N CYS D 484 39.96 35.02 -14.24
CA CYS D 484 40.42 35.96 -13.23
C CYS D 484 41.27 35.25 -12.18
N LEU D 485 40.88 34.05 -11.77
CA LEU D 485 41.65 33.31 -10.78
C LEU D 485 43.00 32.90 -11.33
N GLU D 486 43.08 32.63 -12.64
CA GLU D 486 44.35 32.30 -13.26
C GLU D 486 45.33 33.47 -13.18
N LYS D 487 44.86 34.67 -13.49
CA LYS D 487 45.73 35.82 -13.65
C LYS D 487 45.91 36.63 -12.38
N THR D 488 45.27 36.25 -11.27
CA THR D 488 45.56 36.87 -9.98
C THR D 488 46.74 36.22 -9.29
N THR D 489 47.14 35.02 -9.72
CA THR D 489 48.31 34.32 -9.20
C THR D 489 49.31 33.98 -10.29
N ASN D 490 49.21 34.65 -11.45
CA ASN D 490 50.02 34.41 -12.63
C ASN D 490 50.28 32.93 -12.89
N HIS D 491 49.22 32.13 -12.78
CA HIS D 491 49.29 30.70 -13.04
C HIS D 491 48.21 30.33 -14.05
N GLU D 492 48.41 29.20 -14.73
CA GLU D 492 47.49 28.75 -15.76
C GLU D 492 47.10 27.31 -15.53
N PHE D 493 45.81 27.02 -15.69
CA PHE D 493 45.32 25.65 -15.63
C PHE D 493 45.73 24.91 -16.91
N VAL D 494 46.25 23.70 -16.75
CA VAL D 494 46.62 22.84 -17.86
C VAL D 494 46.03 21.47 -17.64
N ASP D 495 45.95 20.69 -18.72
CA ASP D 495 45.35 19.36 -18.69
C ASP D 495 46.09 18.42 -17.73
N PRO E 36 -33.21 31.76 4.37
CA PRO E 36 -32.10 31.02 3.77
C PRO E 36 -32.08 31.13 2.26
N GLU E 37 -32.07 32.36 1.74
CA GLU E 37 -32.10 32.59 0.30
C GLU E 37 -30.96 33.49 -0.14
N GLY E 38 -30.57 34.43 0.73
CA GLY E 38 -29.58 35.42 0.36
C GLY E 38 -30.23 36.74 0.00
N LEU E 39 -31.36 36.65 -0.70
CA LEU E 39 -32.19 37.82 -0.98
C LEU E 39 -33.26 38.04 0.06
N GLU E 40 -33.69 36.97 0.75
CA GLU E 40 -34.67 37.12 1.81
C GLU E 40 -34.09 37.88 3.00
N GLN E 41 -32.84 37.58 3.38
CA GLN E 41 -32.16 38.28 4.45
C GLN E 41 -31.34 39.46 3.94
N LEU E 42 -31.73 40.04 2.81
CA LEU E 42 -31.11 41.23 2.25
C LEU E 42 -31.61 42.45 3.03
N GLU E 43 -31.45 43.65 2.49
CA GLU E 43 -31.85 44.85 3.23
C GLU E 43 -33.37 44.89 3.33
N ALA E 44 -33.91 43.95 4.11
CA ALA E 44 -35.33 43.71 4.31
C ALA E 44 -35.61 43.51 5.79
N GLN E 45 -35.18 44.50 6.60
CA GLN E 45 -35.10 44.47 8.06
C GLN E 45 -33.84 43.75 8.50
N THR E 46 -32.94 43.48 7.56
CA THR E 46 -31.58 43.04 7.84
C THR E 46 -30.62 44.10 7.32
N ASN E 47 -29.74 44.59 8.20
CA ASN E 47 -28.89 45.74 7.90
C ASN E 47 -27.61 45.36 7.15
N PHE E 48 -27.55 44.20 6.50
CA PHE E 48 -26.38 43.78 5.76
C PHE E 48 -26.67 43.79 4.26
N THR E 49 -25.70 44.23 3.47
CA THR E 49 -25.84 44.26 2.03
C THR E 49 -25.59 42.87 1.44
N LYS E 50 -25.71 42.77 0.11
CA LYS E 50 -25.48 41.49 -0.54
C LYS E 50 -24.03 41.04 -0.40
N ARG E 51 -23.09 41.95 -0.61
CA ARG E 51 -21.68 41.60 -0.46
C ARG E 51 -21.34 41.28 0.99
N GLU E 52 -21.88 42.05 1.93
CA GLU E 52 -21.64 41.78 3.35
C GLU E 52 -22.22 40.44 3.75
N LEU E 53 -23.40 40.09 3.23
CA LEU E 53 -23.99 38.78 3.51
C LEU E 53 -23.10 37.66 2.98
N GLN E 54 -22.55 37.83 1.77
CA GLN E 54 -21.69 36.81 1.20
C GLN E 54 -20.43 36.62 2.04
N VAL E 55 -19.85 37.72 2.51
CA VAL E 55 -18.63 37.63 3.33
C VAL E 55 -18.93 36.89 4.63
N LEU E 56 -20.07 37.19 5.27
CA LEU E 56 -20.41 36.54 6.53
C LEU E 56 -20.62 35.04 6.33
N TYR E 57 -21.33 34.64 5.27
CA TYR E 57 -21.59 33.22 5.06
C TYR E 57 -20.32 32.45 4.76
N ARG E 58 -19.40 33.06 4.00
CA ARG E 58 -18.12 32.40 3.73
C ARG E 58 -17.34 32.17 5.02
N GLY E 59 -17.33 33.16 5.91
CA GLY E 59 -16.68 32.97 7.20
C GLY E 59 -17.45 32.06 8.12
N PHE E 60 -18.79 32.16 8.10
CA PHE E 60 -19.61 31.33 8.98
C PHE E 60 -19.49 29.86 8.61
N LYS E 61 -19.68 29.53 7.34
CA LYS E 61 -19.58 28.14 6.89
C LYS E 61 -18.15 27.63 6.96
N ASN E 62 -17.16 28.53 7.04
CA ASN E 62 -15.77 28.09 7.14
C ASN E 62 -15.53 27.29 8.42
N GLU E 63 -16.10 27.75 9.54
CA GLU E 63 -15.91 27.05 10.80
C GLU E 63 -16.89 25.91 10.97
N CYS E 64 -18.16 26.12 10.60
CA CYS E 64 -19.20 25.09 10.67
C CYS E 64 -19.74 24.85 9.27
N PRO E 65 -19.19 23.87 8.53
CA PRO E 65 -19.67 23.61 7.17
C PRO E 65 -21.12 23.18 7.09
N SER E 66 -21.69 22.64 8.17
CA SER E 66 -23.08 22.17 8.15
C SER E 66 -24.08 23.31 8.04
N GLY E 67 -23.65 24.56 8.20
CA GLY E 67 -24.55 25.70 8.17
C GLY E 67 -25.17 26.04 9.50
N VAL E 68 -24.96 25.23 10.53
CA VAL E 68 -25.45 25.50 11.88
C VAL E 68 -24.28 25.34 12.84
N VAL E 69 -24.20 26.23 13.81
CA VAL E 69 -23.17 26.20 14.85
C VAL E 69 -23.85 25.97 16.20
N ASN E 70 -23.27 25.06 16.99
CA ASN E 70 -23.84 24.67 18.27
C ASN E 70 -23.05 25.33 19.40
N GLU E 71 -23.50 25.09 20.63
CA GLU E 71 -22.92 25.74 21.79
C GLU E 71 -21.45 25.35 21.98
N ASP E 72 -21.13 24.07 21.74
CA ASP E 72 -19.74 23.62 21.91
C ASP E 72 -18.80 24.36 20.96
N THR E 73 -19.21 24.51 19.70
CA THR E 73 -18.40 25.28 18.77
C THR E 73 -18.52 26.77 19.03
N PHE E 74 -19.68 27.23 19.51
CA PHE E 74 -19.89 28.64 19.77
C PHE E 74 -18.89 29.20 20.77
N LYS E 75 -18.32 28.35 21.62
CA LYS E 75 -17.36 28.80 22.62
C LYS E 75 -15.93 28.79 22.09
N GLN E 76 -15.66 28.01 21.04
CA GLN E 76 -14.29 27.90 20.53
C GLN E 76 -13.83 29.20 19.90
N ILE E 77 -14.66 29.80 19.05
CA ILE E 77 -14.28 31.07 18.42
C ILE E 77 -14.22 32.18 19.45
N TYR E 78 -15.19 32.24 20.37
CA TYR E 78 -15.24 33.31 21.35
C TYR E 78 -14.04 33.26 22.29
N ALA E 79 -13.63 32.06 22.69
CA ALA E 79 -12.48 31.92 23.58
C ALA E 79 -11.17 32.31 22.90
N GLN E 80 -11.14 32.35 21.56
CA GLN E 80 -9.92 32.72 20.87
C GLN E 80 -9.67 34.23 20.93
N PHE E 81 -10.74 35.03 20.96
CA PHE E 81 -10.58 36.49 21.00
C PHE E 81 -10.08 36.97 22.35
N PHE E 82 -10.30 36.19 23.42
CA PHE E 82 -9.95 36.58 24.79
C PHE E 82 -9.14 35.46 25.40
N PRO E 83 -7.82 35.42 25.15
CA PRO E 83 -7.01 34.31 25.66
C PRO E 83 -6.55 34.46 27.10
N HIS E 84 -6.76 35.63 27.72
CA HIS E 84 -6.32 35.82 29.10
C HIS E 84 -7.05 34.88 30.05
N GLY E 85 -8.36 34.75 29.88
CA GLY E 85 -9.18 33.89 30.71
C GLY E 85 -9.98 32.91 29.85
N ASP E 86 -11.10 32.47 30.42
CA ASP E 86 -12.02 31.57 29.73
C ASP E 86 -13.34 32.30 29.50
N ALA E 87 -13.77 32.33 28.24
CA ALA E 87 -15.02 32.98 27.86
C ALA E 87 -16.16 31.99 27.69
N SER E 88 -15.96 30.73 28.08
CA SER E 88 -17.02 29.73 27.94
C SER E 88 -18.22 30.06 28.81
N THR E 89 -17.98 30.60 30.00
CA THR E 89 -19.08 30.96 30.89
C THR E 89 -19.95 32.05 30.28
N TYR E 90 -19.33 33.07 29.69
CA TYR E 90 -20.10 34.13 29.06
C TYR E 90 -20.70 33.69 27.73
N ALA E 91 -19.99 32.83 26.99
CA ALA E 91 -20.52 32.35 25.72
C ALA E 91 -21.77 31.49 25.92
N HIS E 92 -21.88 30.81 27.07
CA HIS E 92 -23.07 30.02 27.33
C HIS E 92 -24.31 30.90 27.42
N TYR E 93 -24.20 32.04 28.11
CA TYR E 93 -25.32 32.97 28.17
C TYR E 93 -25.50 33.69 26.83
N LEU E 94 -24.41 33.97 26.13
CA LEU E 94 -24.51 34.59 24.81
C LEU E 94 -25.20 33.67 23.81
N PHE E 95 -24.88 32.37 23.87
CA PHE E 95 -25.49 31.41 22.94
C PHE E 95 -27.00 31.34 23.14
N ASN E 96 -27.45 31.37 24.40
CA ASN E 96 -28.89 31.30 24.66
C ASN E 96 -29.62 32.49 24.07
N ALA E 97 -29.02 33.68 24.14
CA ALA E 97 -29.61 34.85 23.51
C ALA E 97 -29.67 34.70 21.99
N PHE E 98 -28.60 34.17 21.39
CA PHE E 98 -28.61 33.90 19.96
C PHE E 98 -29.61 32.80 19.62
N ASP E 99 -29.66 31.74 20.42
CA ASP E 99 -30.50 30.58 20.15
C ASP E 99 -31.92 30.86 20.66
N THR E 100 -32.69 31.54 19.82
CA THR E 100 -34.09 31.78 20.13
C THR E 100 -34.88 30.48 20.09
N THR E 101 -35.91 30.41 20.93
CA THR E 101 -36.81 29.26 21.09
C THR E 101 -36.11 28.04 21.66
N GLN E 102 -34.84 28.15 22.05
CA GLN E 102 -34.07 27.07 22.65
C GLN E 102 -34.10 25.82 21.76
N THR E 103 -33.84 26.04 20.46
CA THR E 103 -33.80 24.92 19.53
C THR E 103 -32.64 23.99 19.84
N GLY E 104 -31.49 24.53 20.24
CA GLY E 104 -30.32 23.73 20.51
C GLY E 104 -29.14 24.14 19.65
N SER E 105 -29.42 24.53 18.40
CA SER E 105 -28.41 25.03 17.49
C SER E 105 -28.91 26.30 16.83
N VAL E 106 -28.03 27.26 16.67
CA VAL E 106 -28.36 28.55 16.07
C VAL E 106 -28.00 28.51 14.59
N LYS E 107 -28.98 28.83 13.74
CA LYS E 107 -28.82 28.75 12.30
C LYS E 107 -28.31 30.08 11.76
N PHE E 108 -27.87 30.07 10.49
CA PHE E 108 -27.33 31.28 9.88
C PHE E 108 -28.40 32.35 9.69
N GLU E 109 -29.65 31.94 9.41
CA GLU E 109 -30.70 32.91 9.14
C GLU E 109 -30.95 33.80 10.35
N ASP E 110 -31.03 33.21 11.54
CA ASP E 110 -31.22 33.99 12.76
C ASP E 110 -29.91 34.33 13.46
N PHE E 111 -28.77 33.86 12.95
CA PHE E 111 -27.48 34.35 13.44
C PHE E 111 -27.19 35.75 12.90
N VAL E 112 -27.52 35.98 11.62
CA VAL E 112 -27.25 37.29 11.02
C VAL E 112 -28.15 38.36 11.62
N THR E 113 -29.45 38.07 11.79
CA THR E 113 -30.36 39.06 12.33
C THR E 113 -30.00 39.44 13.76
N ALA E 114 -29.29 38.56 14.48
CA ALA E 114 -28.77 38.95 15.79
C ALA E 114 -27.58 39.87 15.64
N LEU E 115 -26.70 39.61 14.67
CA LEU E 115 -25.59 40.51 14.40
C LEU E 115 -26.09 41.86 13.90
N SER E 116 -27.07 41.85 12.99
CA SER E 116 -27.58 43.10 12.45
C SER E 116 -28.23 43.95 13.53
N ILE E 117 -28.99 43.33 14.43
CA ILE E 117 -29.60 44.07 15.53
C ILE E 117 -28.53 44.64 16.45
N LEU E 118 -27.53 43.82 16.79
CA LEU E 118 -26.50 44.26 17.72
C LEU E 118 -25.56 45.28 17.09
N LEU E 119 -25.11 45.02 15.86
CA LEU E 119 -24.10 45.89 15.24
C LEU E 119 -24.74 47.14 14.63
N ARG E 120 -25.60 46.95 13.64
CA ARG E 120 -26.17 48.06 12.89
C ARG E 120 -27.65 48.28 13.19
N GLY E 121 -28.16 47.71 14.28
CA GLY E 121 -29.55 47.90 14.64
C GLY E 121 -29.80 49.25 15.29
N THR E 122 -31.07 49.51 15.56
CA THR E 122 -31.48 50.77 16.17
C THR E 122 -31.32 50.71 17.69
N VAL E 123 -31.65 51.82 18.36
CA VAL E 123 -31.53 51.89 19.81
C VAL E 123 -32.48 50.89 20.48
N HIS E 124 -33.73 50.86 20.02
CA HIS E 124 -34.74 50.04 20.69
C HIS E 124 -34.41 48.55 20.59
N GLU E 125 -33.98 48.10 19.40
CA GLU E 125 -33.72 46.68 19.21
C GLU E 125 -32.52 46.20 20.02
N LYS E 126 -31.50 47.05 20.17
CA LYS E 126 -30.31 46.65 20.90
C LYS E 126 -30.61 46.40 22.37
N LEU E 127 -31.42 47.26 22.99
CA LEU E 127 -31.64 47.17 24.44
C LEU E 127 -32.46 45.94 24.81
N ARG E 128 -33.49 45.61 24.01
CA ARG E 128 -34.26 44.41 24.29
C ARG E 128 -33.42 43.15 24.13
N TRP E 129 -32.52 43.13 23.13
CA TRP E 129 -31.64 41.99 22.96
C TRP E 129 -30.72 41.81 24.16
N THR E 130 -30.15 42.92 24.66
CA THR E 130 -29.30 42.84 25.84
C THR E 130 -30.13 42.52 27.09
N PHE E 131 -31.36 43.02 27.15
CA PHE E 131 -32.22 42.71 28.29
C PHE E 131 -32.53 41.22 28.36
N ASN E 132 -32.81 40.60 27.21
CA ASN E 132 -33.03 39.15 27.19
C ASN E 132 -31.75 38.37 27.42
N LEU E 133 -30.60 38.96 27.13
CA LEU E 133 -29.33 38.30 27.44
C LEU E 133 -29.15 38.18 28.95
N TYR E 134 -29.47 39.24 29.70
CA TYR E 134 -29.42 39.17 31.16
C TYR E 134 -30.57 38.34 31.72
N ASP E 135 -31.72 38.37 31.07
CA ASP E 135 -32.91 37.64 31.51
C ASP E 135 -32.73 36.17 31.15
N ILE E 136 -32.15 35.41 32.08
CA ILE E 136 -31.86 34.00 31.81
C ILE E 136 -33.13 33.18 31.71
N ASN E 137 -34.08 33.41 32.63
CA ASN E 137 -35.30 32.62 32.67
C ASN E 137 -36.29 33.08 31.61
N LYS E 138 -37.50 32.52 31.67
CA LYS E 138 -38.51 32.79 30.65
C LYS E 138 -39.10 34.19 30.81
N ASP E 139 -39.73 34.45 31.95
CA ASP E 139 -40.35 35.75 32.19
C ASP E 139 -39.29 36.85 32.26
N GLY E 140 -39.70 38.06 31.86
CA GLY E 140 -38.76 39.16 31.81
C GLY E 140 -38.61 39.90 33.11
N TYR E 141 -37.57 39.57 33.87
CA TYR E 141 -37.28 40.23 35.14
C TYR E 141 -35.80 40.09 35.45
N ILE E 142 -35.26 41.09 36.13
CA ILE E 142 -33.88 41.07 36.60
C ILE E 142 -33.93 41.27 38.11
N ASN E 143 -33.30 40.35 38.86
CA ASN E 143 -33.46 40.30 40.31
C ASN E 143 -32.15 40.24 41.08
N LYS E 144 -31.04 40.64 40.45
CA LYS E 144 -29.72 40.77 41.07
C LYS E 144 -29.06 39.41 41.34
N GLU E 145 -29.74 38.29 41.05
CA GLU E 145 -29.05 37.00 40.95
C GLU E 145 -28.97 36.44 39.54
N GLU E 146 -29.93 36.75 38.67
CA GLU E 146 -29.85 36.26 37.30
C GLU E 146 -28.64 36.85 36.57
N MET E 147 -28.36 38.14 36.77
CA MET E 147 -27.18 38.77 36.19
C MET E 147 -25.98 38.74 37.14
N MET E 148 -26.10 38.08 38.29
CA MET E 148 -24.93 37.85 39.14
C MET E 148 -23.88 37.06 38.39
N ASP E 149 -24.30 36.09 37.59
CA ASP E 149 -23.37 35.33 36.76
C ASP E 149 -22.94 36.11 35.53
N ILE E 150 -23.80 37.00 35.03
CA ILE E 150 -23.46 37.76 33.82
C ILE E 150 -22.27 38.66 34.06
N VAL E 151 -22.30 39.45 35.14
CA VAL E 151 -21.18 40.30 35.47
C VAL E 151 -19.98 39.45 35.91
N LYS E 152 -20.24 38.34 36.60
CA LYS E 152 -19.16 37.44 36.98
C LYS E 152 -18.48 36.86 35.75
N ALA E 153 -19.25 36.49 34.73
CA ALA E 153 -18.67 35.96 33.50
C ALA E 153 -17.78 36.99 32.82
N ILE E 154 -18.20 38.26 32.84
CA ILE E 154 -17.37 39.32 32.27
C ILE E 154 -16.05 39.44 33.02
N TYR E 155 -16.11 39.35 34.35
CA TYR E 155 -14.88 39.38 35.16
C TYR E 155 -14.11 38.08 35.06
N ASP E 156 -14.81 36.95 34.91
CA ASP E 156 -14.14 35.66 34.85
C ASP E 156 -13.31 35.52 33.58
N MET E 157 -13.77 36.10 32.47
CA MET E 157 -13.11 35.95 31.18
C MET E 157 -11.87 36.82 31.03
N MET E 158 -11.38 37.40 32.11
CA MET E 158 -10.09 38.10 32.12
C MET E 158 -9.01 37.30 32.82
N GLY E 159 -9.31 36.11 33.32
CA GLY E 159 -8.34 35.35 34.07
C GLY E 159 -8.02 36.04 35.39
N LYS E 160 -6.84 35.74 35.92
CA LYS E 160 -6.30 36.42 37.09
C LYS E 160 -4.93 36.95 36.71
N TYR E 161 -4.90 38.10 36.03
CA TYR E 161 -3.67 38.76 35.61
C TYR E 161 -3.77 40.28 35.69
N THR E 162 -4.86 40.82 36.22
CA THR E 162 -5.09 42.26 36.18
C THR E 162 -4.29 42.98 37.27
N TYR E 163 -4.17 44.29 37.10
CA TYR E 163 -3.42 45.10 38.06
C TYR E 163 -4.04 45.09 39.46
N PRO E 164 -5.35 45.30 39.64
CA PRO E 164 -5.91 45.23 41.00
C PRO E 164 -5.97 43.83 41.58
N VAL E 165 -5.59 42.80 40.81
CA VAL E 165 -5.54 41.41 41.24
C VAL E 165 -6.97 40.97 41.58
N LEU E 166 -7.94 41.76 41.13
CA LEU E 166 -9.37 41.48 41.33
C LEU E 166 -9.71 41.25 42.80
N LYS E 167 -10.85 40.60 43.04
CA LYS E 167 -11.30 40.28 44.38
C LYS E 167 -12.48 39.33 44.26
N GLU E 168 -12.82 38.67 45.38
CA GLU E 168 -13.96 37.76 45.38
C GLU E 168 -15.27 38.54 45.33
N ASP E 169 -15.31 39.74 45.92
CA ASP E 169 -16.53 40.52 46.02
C ASP E 169 -16.60 41.67 45.01
N THR E 170 -15.64 41.77 44.09
CA THR E 170 -15.68 42.85 43.12
C THR E 170 -16.79 42.70 42.08
N PRO E 171 -17.23 41.51 41.68
CA PRO E 171 -18.42 41.46 40.80
C PRO E 171 -19.67 41.96 41.47
N ARG E 172 -19.83 41.72 42.78
CA ARG E 172 -21.01 42.18 43.49
C ARG E 172 -21.05 43.70 43.59
N GLN E 173 -19.88 44.33 43.77
CA GLN E 173 -19.84 45.79 43.83
C GLN E 173 -20.24 46.39 42.49
N HIS E 174 -19.82 45.78 41.38
CA HIS E 174 -20.23 46.27 40.07
C HIS E 174 -21.74 46.12 39.87
N VAL E 175 -22.32 45.04 40.36
CA VAL E 175 -23.76 44.86 40.27
C VAL E 175 -24.47 45.85 41.18
N ASP E 176 -23.93 46.08 42.38
CA ASP E 176 -24.58 46.98 43.34
C ASP E 176 -24.67 48.40 42.80
N VAL E 177 -23.57 48.88 42.21
CA VAL E 177 -23.60 50.22 41.62
C VAL E 177 -24.44 50.23 40.36
N PHE E 178 -24.51 49.11 39.64
CA PHE E 178 -25.34 49.03 38.45
C PHE E 178 -26.82 49.20 38.79
N PHE E 179 -27.28 48.57 39.87
CA PHE E 179 -28.67 48.69 40.28
C PHE E 179 -28.98 50.07 40.86
N GLN E 180 -27.96 50.81 41.30
CA GLN E 180 -28.17 52.10 41.95
C GLN E 180 -28.69 53.16 40.99
N LYS E 181 -28.58 52.95 39.68
CA LYS E 181 -28.96 53.96 38.70
C LYS E 181 -30.27 53.65 37.98
N MET E 182 -30.80 52.44 38.10
CA MET E 182 -32.08 52.15 37.45
C MET E 182 -33.10 51.53 38.39
N ASP E 183 -32.67 50.72 39.35
CA ASP E 183 -33.61 50.06 40.26
C ASP E 183 -34.17 51.10 41.23
N LYS E 184 -35.32 51.68 40.89
CA LYS E 184 -35.92 52.71 41.74
C LYS E 184 -36.51 52.10 43.00
N ASN E 185 -37.47 51.18 42.84
CA ASN E 185 -38.12 50.52 43.96
C ASN E 185 -37.66 49.09 44.14
N LYS E 186 -37.75 48.26 43.10
CA LYS E 186 -37.33 46.87 43.17
C LYS E 186 -37.20 46.26 41.78
N THR E 191 -37.34 46.43 35.73
CA THR E 191 -38.20 45.80 34.73
C THR E 191 -37.78 46.20 33.31
N LEU E 192 -38.55 45.75 32.32
CA LEU E 192 -38.24 46.09 30.93
C LEU E 192 -38.34 47.59 30.69
N ASP E 193 -39.41 48.21 31.18
CA ASP E 193 -39.58 49.65 30.98
C ASP E 193 -38.49 50.44 31.70
N GLU E 194 -38.08 49.99 32.89
CA GLU E 194 -37.04 50.67 33.63
C GLU E 194 -35.71 50.63 32.89
N PHE E 195 -35.39 49.50 32.28
CA PHE E 195 -34.12 49.35 31.58
C PHE E 195 -34.04 50.29 30.37
N LEU E 196 -35.13 50.39 29.61
CA LEU E 196 -35.13 51.23 28.41
C LEU E 196 -34.96 52.70 28.77
N GLU E 197 -35.67 53.19 29.79
CA GLU E 197 -35.61 54.60 30.12
C GLU E 197 -34.29 54.98 30.78
N SER E 198 -33.68 54.05 31.51
CA SER E 198 -32.44 54.37 32.22
C SER E 198 -31.27 54.53 31.26
N CYS E 199 -31.16 53.64 30.27
CA CYS E 199 -30.08 53.75 29.29
C CYS E 199 -30.23 55.04 28.48
N GLN E 200 -31.45 55.38 28.08
CA GLN E 200 -31.67 56.61 27.32
C GLN E 200 -31.44 57.86 28.15
N GLU E 201 -31.56 57.76 29.49
CA GLU E 201 -31.34 58.93 30.33
C GLU E 201 -29.88 59.35 30.35
N ASP E 202 -28.97 58.37 30.37
CA ASP E 202 -27.53 58.65 30.42
C ASP E 202 -26.96 58.50 29.01
N ASP E 203 -26.42 59.59 28.48
CA ASP E 203 -25.89 59.60 27.13
C ASP E 203 -24.57 58.86 26.98
N ASN E 204 -23.88 58.57 28.08
CA ASN E 204 -22.58 57.92 27.98
C ASN E 204 -22.71 56.48 27.48
N ILE E 205 -23.67 55.74 28.03
CA ILE E 205 -23.95 54.40 27.52
C ILE E 205 -24.51 54.48 26.10
N MET E 206 -25.26 55.54 25.80
CA MET E 206 -25.84 55.71 24.48
C MET E 206 -24.75 55.80 23.41
N ARG E 207 -23.69 56.56 23.68
CA ARG E 207 -22.62 56.73 22.71
C ARG E 207 -21.67 55.53 22.67
N SER E 208 -21.81 54.59 23.60
CA SER E 208 -21.02 53.36 23.56
C SER E 208 -21.77 52.20 22.90
N LEU E 209 -23.09 52.25 22.89
CA LEU E 209 -23.87 51.21 22.21
C LEU E 209 -23.66 51.27 20.70
N GLN E 210 -23.56 52.48 20.14
CA GLN E 210 -23.37 52.68 18.72
C GLN E 210 -21.89 52.68 18.33
N LEU E 211 -21.04 52.03 19.13
CA LEU E 211 -19.59 52.10 18.89
C LEU E 211 -19.20 51.40 17.60
N PHE E 212 -19.79 50.24 17.31
CA PHE E 212 -19.31 49.37 16.24
C PHE E 212 -20.13 49.47 14.95
N GLN E 213 -21.15 50.33 14.89
CA GLN E 213 -21.93 50.42 13.67
C GLN E 213 -21.19 51.19 12.58
N ASN E 214 -20.26 52.07 12.94
CA ASN E 214 -19.51 52.80 11.93
C ASN E 214 -18.47 51.91 11.25
N VAL E 215 -17.78 51.08 12.01
CA VAL E 215 -16.77 50.16 11.49
C VAL E 215 -17.36 48.77 11.56
N MET E 216 -17.82 48.25 10.41
CA MET E 216 -18.40 46.91 10.31
C MET E 216 -19.56 46.73 11.29
N PRO F 36 -25.86 7.64 -37.46
CA PRO F 36 -24.88 7.89 -36.40
C PRO F 36 -23.84 8.92 -36.81
N GLU F 37 -24.30 10.10 -37.23
CA GLU F 37 -23.39 11.14 -37.70
C GLU F 37 -23.63 12.45 -36.96
N GLY F 38 -24.89 12.71 -36.60
CA GLY F 38 -25.25 13.98 -36.01
C GLY F 38 -25.90 14.89 -37.03
N LEU F 39 -25.37 14.86 -38.25
CA LEU F 39 -25.97 15.56 -39.38
C LEU F 39 -26.94 14.68 -40.15
N GLU F 40 -26.74 13.36 -40.12
CA GLU F 40 -27.66 12.45 -40.78
C GLU F 40 -29.02 12.45 -40.11
N GLN F 41 -29.05 12.45 -38.77
CA GLN F 41 -30.29 12.52 -38.01
C GLN F 41 -30.68 13.95 -37.66
N LEU F 42 -30.25 14.91 -38.47
CA LEU F 42 -30.63 16.32 -38.32
C LEU F 42 -32.03 16.50 -38.88
N GLU F 43 -32.45 17.74 -39.16
CA GLU F 43 -33.81 17.97 -39.62
C GLU F 43 -33.97 17.40 -41.02
N ALA F 44 -33.93 16.07 -41.10
CA ALA F 44 -33.97 15.26 -42.31
C ALA F 44 -34.94 14.11 -42.13
N GLN F 45 -36.18 14.45 -41.76
CA GLN F 45 -37.24 13.54 -41.29
C GLN F 45 -37.03 13.22 -39.81
N THR F 46 -36.11 13.93 -39.17
CA THR F 46 -35.98 13.94 -37.72
C THR F 46 -36.28 15.34 -37.21
N ASN F 47 -37.22 15.44 -36.27
CA ASN F 47 -37.74 16.74 -35.84
C ASN F 47 -36.90 17.40 -34.75
N PHE F 48 -35.63 17.01 -34.58
CA PHE F 48 -34.76 17.60 -33.59
C PHE F 48 -33.67 18.43 -34.26
N THR F 49 -33.35 19.57 -33.67
CA THR F 49 -32.31 20.45 -34.19
C THR F 49 -30.93 19.93 -33.78
N LYS F 50 -29.89 20.63 -34.22
CA LYS F 50 -28.52 20.24 -33.88
C LYS F 50 -28.28 20.34 -32.38
N ARG F 51 -28.70 21.45 -31.77
CA ARG F 51 -28.53 21.60 -30.32
C ARG F 51 -29.36 20.61 -29.55
N GLU F 52 -30.60 20.36 -29.99
CA GLU F 52 -31.45 19.39 -29.32
C GLU F 52 -30.87 17.99 -29.43
N LEU F 53 -30.29 17.66 -30.59
CA LEU F 53 -29.64 16.35 -30.75
C LEU F 53 -28.46 16.22 -29.80
N GLN F 54 -27.66 17.28 -29.65
CA GLN F 54 -26.52 17.24 -28.75
C GLN F 54 -26.96 17.04 -27.31
N VAL F 55 -28.03 17.71 -26.90
CA VAL F 55 -28.54 17.57 -25.53
C VAL F 55 -29.00 16.14 -25.28
N LEU F 56 -29.72 15.55 -26.25
CA LEU F 56 -30.22 14.19 -26.07
C LEU F 56 -29.07 13.19 -25.97
N TYR F 57 -28.05 13.32 -26.81
CA TYR F 57 -26.94 12.36 -26.78
C TYR F 57 -26.15 12.47 -25.48
N ARG F 58 -25.97 13.69 -24.96
CA ARG F 58 -25.28 13.86 -23.68
C ARG F 58 -26.05 13.16 -22.56
N GLY F 59 -27.37 13.31 -22.56
CA GLY F 59 -28.17 12.61 -21.55
C GLY F 59 -28.26 11.12 -21.82
N PHE F 60 -28.36 10.73 -23.09
CA PHE F 60 -28.48 9.31 -23.43
C PHE F 60 -27.21 8.56 -23.06
N LYS F 61 -26.05 9.06 -23.50
CA LYS F 61 -24.79 8.40 -23.20
C LYS F 61 -24.43 8.50 -21.72
N ASN F 62 -25.06 9.43 -20.99
CA ASN F 62 -24.79 9.56 -19.56
C ASN F 62 -25.19 8.30 -18.81
N GLU F 63 -26.33 7.71 -19.15
CA GLU F 63 -26.80 6.51 -18.47
C GLU F 63 -26.18 5.25 -19.08
N CYS F 64 -26.09 5.19 -20.40
CA CYS F 64 -25.50 4.05 -21.11
C CYS F 64 -24.33 4.57 -21.93
N PRO F 65 -23.10 4.53 -21.37
CA PRO F 65 -21.94 5.03 -22.12
C PRO F 65 -21.65 4.26 -23.39
N SER F 66 -22.09 3.01 -23.51
CA SER F 66 -21.81 2.21 -24.69
C SER F 66 -22.53 2.71 -25.94
N GLY F 67 -23.48 3.62 -25.79
CA GLY F 67 -24.25 4.12 -26.92
C GLY F 67 -25.49 3.32 -27.22
N VAL F 68 -25.70 2.18 -26.56
CA VAL F 68 -26.89 1.37 -26.72
C VAL F 68 -27.46 1.07 -25.33
N VAL F 69 -28.77 1.13 -25.21
CA VAL F 69 -29.47 0.82 -23.96
C VAL F 69 -30.34 -0.41 -24.18
N ASN F 70 -30.29 -1.34 -23.23
CA ASN F 70 -30.98 -2.61 -23.31
C ASN F 70 -32.24 -2.57 -22.44
N GLU F 71 -33.00 -3.67 -22.48
CA GLU F 71 -34.27 -3.73 -21.77
C GLU F 71 -34.08 -3.59 -20.26
N ASP F 72 -33.04 -4.22 -19.71
CA ASP F 72 -32.81 -4.16 -18.27
C ASP F 72 -32.58 -2.72 -17.82
N THR F 73 -31.76 -1.97 -18.56
CA THR F 73 -31.56 -0.56 -18.24
C THR F 73 -32.77 0.28 -18.64
N PHE F 74 -33.47 -0.12 -19.71
CA PHE F 74 -34.63 0.63 -20.18
C PHE F 74 -35.71 0.75 -19.12
N LYS F 75 -35.74 -0.18 -18.15
CA LYS F 75 -36.74 -0.13 -17.10
C LYS F 75 -36.29 0.69 -15.90
N GLN F 76 -34.98 0.90 -15.74
CA GLN F 76 -34.48 1.63 -14.58
C GLN F 76 -34.88 3.09 -14.62
N ILE F 77 -34.69 3.75 -15.77
CA ILE F 77 -35.07 5.16 -15.88
C ILE F 77 -36.58 5.32 -15.82
N TYR F 78 -37.32 4.44 -16.50
CA TYR F 78 -38.77 4.55 -16.54
C TYR F 78 -39.38 4.37 -15.16
N ALA F 79 -38.86 3.41 -14.37
CA ALA F 79 -39.38 3.18 -13.04
C ALA F 79 -39.09 4.34 -12.09
N GLN F 80 -38.13 5.21 -12.42
CA GLN F 80 -37.84 6.34 -11.55
C GLN F 80 -38.89 7.43 -11.67
N PHE F 81 -39.49 7.59 -12.85
CA PHE F 81 -40.50 8.64 -13.03
C PHE F 81 -41.81 8.30 -12.34
N PHE F 82 -42.08 7.02 -12.06
CA PHE F 82 -43.33 6.57 -11.48
C PHE F 82 -43.02 5.68 -10.28
N PRO F 83 -42.75 6.28 -9.11
CA PRO F 83 -42.35 5.48 -7.95
C PRO F 83 -43.51 4.87 -7.18
N HIS F 84 -44.76 5.23 -7.49
CA HIS F 84 -45.89 4.67 -6.75
C HIS F 84 -46.00 3.17 -6.96
N GLY F 85 -45.83 2.71 -8.21
CA GLY F 85 -45.88 1.31 -8.54
C GLY F 85 -44.62 0.87 -9.25
N ASP F 86 -44.77 -0.16 -10.08
CA ASP F 86 -43.69 -0.67 -10.90
C ASP F 86 -44.04 -0.50 -12.37
N ALA F 87 -43.15 0.14 -13.12
CA ALA F 87 -43.34 0.37 -14.54
C ALA F 87 -42.59 -0.63 -15.40
N SER F 88 -42.03 -1.68 -14.80
CA SER F 88 -41.28 -2.67 -15.58
C SER F 88 -42.19 -3.41 -16.54
N THR F 89 -43.43 -3.69 -16.13
CA THR F 89 -44.37 -4.38 -17.02
C THR F 89 -44.67 -3.55 -18.26
N TYR F 90 -44.90 -2.24 -18.08
CA TYR F 90 -45.18 -1.38 -19.23
C TYR F 90 -43.93 -1.08 -20.03
N ALA F 91 -42.78 -0.97 -19.37
CA ALA F 91 -41.54 -0.71 -20.09
C ALA F 91 -41.15 -1.87 -20.99
N HIS F 92 -41.53 -3.10 -20.62
CA HIS F 92 -41.25 -4.24 -21.48
C HIS F 92 -41.95 -4.13 -22.82
N TYR F 93 -43.23 -3.72 -22.81
CA TYR F 93 -43.94 -3.50 -24.06
C TYR F 93 -43.44 -2.23 -24.76
N LEU F 94 -43.07 -1.21 -23.99
CA LEU F 94 -42.53 0.00 -24.58
C LEU F 94 -41.19 -0.26 -25.27
N PHE F 95 -40.35 -1.10 -24.65
CA PHE F 95 -39.04 -1.40 -25.23
C PHE F 95 -39.19 -2.11 -26.57
N ASN F 96 -40.15 -3.03 -26.67
CA ASN F 96 -40.35 -3.75 -27.92
C ASN F 96 -40.74 -2.81 -29.05
N ALA F 97 -41.58 -1.82 -28.75
CA ALA F 97 -41.93 -0.81 -29.75
C ALA F 97 -40.70 0.00 -30.18
N PHE F 98 -39.87 0.39 -29.21
CA PHE F 98 -38.63 1.08 -29.54
C PHE F 98 -37.68 0.17 -30.29
N ASP F 99 -37.55 -1.08 -29.87
CA ASP F 99 -36.61 -2.03 -30.45
C ASP F 99 -37.22 -2.66 -31.71
N THR F 100 -37.08 -1.93 -32.82
CA THR F 100 -37.53 -2.46 -34.10
C THR F 100 -36.65 -3.62 -34.53
N THR F 101 -37.27 -4.56 -35.26
CA THR F 101 -36.64 -5.78 -35.78
C THR F 101 -36.20 -6.74 -34.68
N GLN F 102 -36.52 -6.45 -33.42
CA GLN F 102 -36.20 -7.30 -32.29
C GLN F 102 -34.71 -7.63 -32.25
N THR F 103 -33.89 -6.58 -32.40
CA THR F 103 -32.45 -6.77 -32.34
C THR F 103 -32.00 -7.20 -30.96
N GLY F 104 -32.62 -6.65 -29.92
CA GLY F 104 -32.23 -6.96 -28.55
C GLY F 104 -31.83 -5.71 -27.78
N SER F 105 -31.19 -4.78 -28.46
CA SER F 105 -30.81 -3.51 -27.88
C SER F 105 -31.20 -2.39 -28.83
N VAL F 106 -31.71 -1.29 -28.28
CA VAL F 106 -32.14 -0.14 -29.05
C VAL F 106 -31.01 0.88 -29.11
N LYS F 107 -30.63 1.27 -30.32
CA LYS F 107 -29.51 2.18 -30.54
C LYS F 107 -30.00 3.63 -30.53
N PHE F 108 -29.04 4.56 -30.46
CA PHE F 108 -29.39 5.98 -30.40
C PHE F 108 -30.01 6.46 -31.70
N GLU F 109 -29.58 5.89 -32.83
CA GLU F 109 -30.06 6.36 -34.13
C GLU F 109 -31.57 6.14 -34.27
N ASP F 110 -32.05 4.98 -33.86
CA ASP F 110 -33.48 4.69 -33.89
C ASP F 110 -34.18 4.96 -32.58
N PHE F 111 -33.45 5.35 -31.54
CA PHE F 111 -34.09 5.85 -30.32
C PHE F 111 -34.63 7.26 -30.53
N VAL F 112 -33.87 8.10 -31.23
CA VAL F 112 -34.28 9.49 -31.45
C VAL F 112 -35.48 9.54 -32.39
N THR F 113 -35.46 8.76 -33.48
CA THR F 113 -36.56 8.81 -34.43
C THR F 113 -37.86 8.31 -33.80
N ALA F 114 -37.77 7.50 -32.74
CA ALA F 114 -38.97 7.13 -32.00
C ALA F 114 -39.45 8.30 -31.15
N LEU F 115 -38.52 9.02 -30.52
CA LEU F 115 -38.89 10.22 -29.77
C LEU F 115 -39.45 11.30 -30.70
N SER F 116 -38.81 11.50 -31.85
CA SER F 116 -39.26 12.54 -32.78
C SER F 116 -40.66 12.23 -33.29
N ILE F 117 -40.94 10.97 -33.62
CA ILE F 117 -42.27 10.59 -34.08
C ILE F 117 -43.29 10.80 -32.97
N LEU F 118 -42.96 10.38 -31.75
CA LEU F 118 -43.90 10.48 -30.64
C LEU F 118 -44.09 11.92 -30.18
N LEU F 119 -42.99 12.66 -30.02
CA LEU F 119 -43.08 14.01 -29.45
C LEU F 119 -43.48 15.04 -30.50
N ARG F 120 -42.66 15.20 -31.54
CA ARG F 120 -42.87 16.23 -32.54
C ARG F 120 -43.29 15.68 -33.89
N GLY F 121 -43.74 14.43 -33.95
CA GLY F 121 -44.19 13.83 -35.19
C GLY F 121 -45.59 14.30 -35.58
N THR F 122 -46.01 13.85 -36.75
CA THR F 122 -47.32 14.21 -37.29
C THR F 122 -48.39 13.30 -36.71
N VAL F 123 -49.65 13.55 -37.11
CA VAL F 123 -50.76 12.75 -36.62
C VAL F 123 -50.63 11.31 -37.07
N HIS F 124 -50.31 11.10 -38.35
CA HIS F 124 -50.31 9.75 -38.90
C HIS F 124 -49.23 8.89 -38.28
N GLU F 125 -48.03 9.44 -38.07
CA GLU F 125 -46.92 8.65 -37.56
C GLU F 125 -47.15 8.23 -36.11
N LYS F 126 -47.78 9.11 -35.31
CA LYS F 126 -48.01 8.79 -33.91
C LYS F 126 -48.94 7.59 -33.74
N LEU F 127 -50.01 7.53 -34.54
CA LEU F 127 -51.01 6.49 -34.35
C LEU F 127 -50.48 5.11 -34.73
N ARG F 128 -49.70 5.02 -35.81
CA ARG F 128 -49.12 3.73 -36.19
C ARG F 128 -48.12 3.25 -35.14
N TRP F 129 -47.35 4.17 -34.56
CA TRP F 129 -46.41 3.79 -33.51
C TRP F 129 -47.15 3.25 -32.29
N THR F 130 -48.23 3.91 -31.89
CA THR F 130 -49.02 3.42 -30.76
C THR F 130 -49.75 2.13 -31.12
N PHE F 131 -50.20 2.01 -32.38
CA PHE F 131 -50.85 0.77 -32.81
C PHE F 131 -49.90 -0.42 -32.71
N ASN F 132 -48.65 -0.24 -33.14
CA ASN F 132 -47.67 -1.31 -33.01
C ASN F 132 -47.27 -1.56 -31.56
N LEU F 133 -47.40 -0.54 -30.70
CA LEU F 133 -47.15 -0.76 -29.28
C LEU F 133 -48.17 -1.71 -28.68
N TYR F 134 -49.44 -1.55 -29.03
CA TYR F 134 -50.46 -2.48 -28.58
C TYR F 134 -50.36 -3.81 -29.30
N ASP F 135 -49.97 -3.80 -30.57
CA ASP F 135 -49.85 -5.01 -31.38
C ASP F 135 -48.59 -5.75 -30.95
N ILE F 136 -48.73 -6.65 -29.98
CA ILE F 136 -47.58 -7.36 -29.45
C ILE F 136 -47.01 -8.34 -30.47
N ASN F 137 -47.86 -9.08 -31.16
CA ASN F 137 -47.41 -10.11 -32.08
C ASN F 137 -46.96 -9.48 -33.40
N LYS F 138 -46.67 -10.32 -34.39
CA LYS F 138 -46.14 -9.84 -35.66
C LYS F 138 -47.22 -9.18 -36.50
N ASP F 139 -48.25 -9.93 -36.86
CA ASP F 139 -49.32 -9.40 -37.68
C ASP F 139 -50.09 -8.31 -36.94
N GLY F 140 -50.62 -7.35 -37.69
CA GLY F 140 -51.29 -6.21 -37.09
C GLY F 140 -52.76 -6.45 -36.80
N TYR F 141 -53.06 -6.80 -35.54
CA TYR F 141 -54.43 -7.03 -35.11
C TYR F 141 -54.52 -6.81 -33.60
N ILE F 142 -55.69 -6.39 -33.15
CA ILE F 142 -55.99 -6.23 -31.74
C ILE F 142 -57.24 -7.06 -31.44
N ASN F 143 -57.16 -7.95 -30.46
CA ASN F 143 -58.23 -8.92 -30.21
C ASN F 143 -58.71 -8.91 -28.77
N LYS F 144 -58.38 -7.86 -28.01
CA LYS F 144 -58.81 -7.65 -26.62
C LYS F 144 -58.04 -8.53 -25.63
N GLU F 145 -57.17 -9.41 -26.13
CA GLU F 145 -56.23 -10.08 -25.24
C GLU F 145 -54.81 -9.54 -25.33
N GLU F 146 -54.40 -9.07 -26.50
CA GLU F 146 -53.05 -8.52 -26.64
C GLU F 146 -52.89 -7.25 -25.82
N MET F 147 -53.89 -6.37 -25.83
CA MET F 147 -53.86 -5.15 -25.06
C MET F 147 -54.49 -5.31 -23.69
N MET F 148 -54.90 -6.53 -23.32
CA MET F 148 -55.32 -6.78 -21.94
C MET F 148 -54.19 -6.49 -20.97
N ASP F 149 -52.96 -6.83 -21.36
CA ASP F 149 -51.80 -6.50 -20.53
C ASP F 149 -51.41 -5.04 -20.64
N ILE F 150 -51.68 -4.40 -21.78
CA ILE F 150 -51.28 -3.02 -21.98
C ILE F 150 -52.02 -2.11 -21.00
N VAL F 151 -53.35 -2.25 -20.95
CA VAL F 151 -54.13 -1.45 -20.00
C VAL F 151 -53.83 -1.89 -18.57
N LYS F 152 -53.60 -3.19 -18.37
CA LYS F 152 -53.23 -3.67 -17.04
C LYS F 152 -51.91 -3.07 -16.58
N ALA F 153 -50.95 -2.96 -17.49
CA ALA F 153 -49.66 -2.35 -17.14
C ALA F 153 -49.83 -0.89 -16.75
N ILE F 154 -50.71 -0.17 -17.44
CA ILE F 154 -50.97 1.22 -17.11
C ILE F 154 -51.57 1.32 -15.71
N TYR F 155 -52.51 0.43 -15.38
CA TYR F 155 -53.07 0.40 -14.04
C TYR F 155 -52.11 -0.17 -13.01
N ASP F 156 -51.26 -1.11 -13.43
CA ASP F 156 -50.31 -1.72 -12.50
C ASP F 156 -49.26 -0.70 -12.03
N MET F 157 -48.81 0.17 -12.94
CA MET F 157 -47.74 1.12 -12.63
C MET F 157 -48.19 2.26 -11.73
N MET F 158 -49.40 2.19 -11.19
CA MET F 158 -49.87 3.12 -10.18
C MET F 158 -49.79 2.55 -8.77
N GLY F 159 -49.33 1.31 -8.62
CA GLY F 159 -49.31 0.67 -7.32
C GLY F 159 -50.73 0.42 -6.83
N LYS F 160 -50.83 0.26 -5.50
CA LYS F 160 -52.14 0.18 -4.83
C LYS F 160 -52.16 1.24 -3.75
N TYR F 161 -52.46 2.48 -4.15
CA TYR F 161 -52.55 3.62 -3.26
C TYR F 161 -53.66 4.59 -3.66
N THR F 162 -54.45 4.26 -4.67
CA THR F 162 -55.39 5.21 -5.23
C THR F 162 -56.65 5.32 -4.38
N TYR F 163 -57.42 6.38 -4.62
CA TYR F 163 -58.65 6.61 -3.87
C TYR F 163 -59.69 5.51 -4.07
N PRO F 164 -60.01 5.07 -5.29
CA PRO F 164 -60.98 3.98 -5.45
C PRO F 164 -60.45 2.62 -5.02
N VAL F 165 -59.17 2.52 -4.64
CA VAL F 165 -58.56 1.30 -4.14
C VAL F 165 -58.55 0.28 -5.27
N LEU F 166 -58.79 0.76 -6.50
CA LEU F 166 -58.79 -0.07 -7.70
C LEU F 166 -59.73 -1.26 -7.58
N LYS F 167 -59.51 -2.28 -8.42
CA LYS F 167 -60.30 -3.50 -8.41
C LYS F 167 -59.61 -4.51 -9.32
N GLU F 168 -60.01 -5.77 -9.18
CA GLU F 168 -59.45 -6.81 -10.03
C GLU F 168 -59.98 -6.72 -11.46
N ASP F 169 -61.22 -6.25 -11.63
CA ASP F 169 -61.87 -6.20 -12.92
C ASP F 169 -61.90 -4.79 -13.53
N THR F 170 -61.26 -3.82 -12.89
CA THR F 170 -61.27 -2.47 -13.45
C THR F 170 -60.45 -2.32 -14.73
N PRO F 171 -59.35 -3.06 -14.96
CA PRO F 171 -58.72 -2.97 -16.29
C PRO F 171 -59.61 -3.48 -17.41
N ARG F 172 -60.41 -4.52 -17.14
CA ARG F 172 -61.29 -5.06 -18.18
C ARG F 172 -62.39 -4.07 -18.55
N GLN F 173 -62.91 -3.32 -17.56
CA GLN F 173 -63.93 -2.33 -17.86
C GLN F 173 -63.37 -1.22 -18.75
N HIS F 174 -62.13 -0.80 -18.50
CA HIS F 174 -61.51 0.21 -19.35
C HIS F 174 -61.32 -0.31 -20.77
N VAL F 175 -60.95 -1.58 -20.92
CA VAL F 175 -60.82 -2.17 -22.25
C VAL F 175 -62.18 -2.30 -22.91
N ASP F 176 -63.21 -2.68 -22.13
CA ASP F 176 -64.54 -2.89 -22.70
C ASP F 176 -65.10 -1.60 -23.27
N VAL F 177 -64.95 -0.49 -22.54
CA VAL F 177 -65.43 0.79 -23.04
C VAL F 177 -64.55 1.28 -24.18
N PHE F 178 -63.25 0.93 -24.17
CA PHE F 178 -62.37 1.32 -25.26
C PHE F 178 -62.79 0.68 -26.57
N PHE F 179 -63.16 -0.61 -26.54
CA PHE F 179 -63.61 -1.29 -27.74
C PHE F 179 -65.00 -0.83 -28.18
N GLN F 180 -65.74 -0.16 -27.30
CA GLN F 180 -67.10 0.25 -27.63
C GLN F 180 -67.13 1.41 -28.63
N LYS F 181 -66.01 2.11 -28.81
CA LYS F 181 -65.99 3.29 -29.66
C LYS F 181 -65.28 3.08 -30.99
N MET F 182 -64.57 1.97 -31.17
CA MET F 182 -63.90 1.72 -32.44
C MET F 182 -64.23 0.35 -33.04
N ASP F 183 -64.38 -0.67 -32.22
CA ASP F 183 -64.65 -2.02 -32.71
C ASP F 183 -66.08 -2.09 -33.21
N LYS F 184 -66.28 -1.88 -34.51
CA LYS F 184 -67.62 -1.90 -35.09
C LYS F 184 -68.16 -3.33 -35.16
N ASN F 185 -67.47 -4.22 -35.87
CA ASN F 185 -67.88 -5.60 -36.02
C ASN F 185 -67.02 -6.55 -35.21
N LYS F 186 -65.71 -6.52 -35.37
CA LYS F 186 -64.81 -7.39 -34.64
C LYS F 186 -63.36 -6.91 -34.74
N THR F 191 -59.03 -3.08 -36.49
CA THR F 191 -57.90 -3.20 -37.42
C THR F 191 -57.12 -1.89 -37.49
N LEU F 192 -56.10 -1.86 -38.37
CA LEU F 192 -55.30 -0.66 -38.53
C LEU F 192 -56.13 0.50 -39.05
N ASP F 193 -56.96 0.25 -40.07
CA ASP F 193 -57.80 1.32 -40.62
C ASP F 193 -58.82 1.81 -39.59
N GLU F 194 -59.37 0.90 -38.79
CA GLU F 194 -60.34 1.30 -37.78
C GLU F 194 -59.72 2.20 -36.73
N PHE F 195 -58.49 1.89 -36.32
CA PHE F 195 -57.83 2.69 -35.29
C PHE F 195 -57.56 4.11 -35.76
N LEU F 196 -57.11 4.27 -37.01
CA LEU F 196 -56.80 5.60 -37.53
C LEU F 196 -58.06 6.47 -37.62
N GLU F 197 -59.16 5.90 -38.13
CA GLU F 197 -60.36 6.71 -38.32
C GLU F 197 -61.06 7.01 -36.99
N SER F 198 -60.95 6.12 -36.01
CA SER F 198 -61.63 6.33 -34.74
C SER F 198 -60.99 7.47 -33.95
N CYS F 199 -59.66 7.53 -33.91
CA CYS F 199 -58.98 8.61 -33.21
C CYS F 199 -59.26 9.96 -33.86
N GLN F 200 -59.27 10.00 -35.20
CA GLN F 200 -59.54 11.24 -35.90
C GLN F 200 -60.99 11.67 -35.78
N GLU F 201 -61.91 10.73 -35.54
CA GLU F 201 -63.31 11.09 -35.40
C GLU F 201 -63.56 11.88 -34.12
N ASP F 202 -62.88 11.53 -33.04
CA ASP F 202 -63.03 12.22 -31.76
C ASP F 202 -61.89 13.20 -31.58
N ASP F 203 -62.20 14.48 -31.49
CA ASP F 203 -61.18 15.51 -31.36
C ASP F 203 -60.56 15.57 -29.99
N ASN F 204 -61.16 14.93 -28.98
CA ASN F 204 -60.62 15.03 -27.62
C ASN F 204 -59.30 14.28 -27.50
N ILE F 205 -59.22 13.07 -28.07
CA ILE F 205 -57.95 12.36 -28.11
C ILE F 205 -56.96 13.08 -29.02
N MET F 206 -57.45 13.76 -30.06
CA MET F 206 -56.58 14.49 -30.97
C MET F 206 -55.79 15.57 -30.24
N ARG F 207 -56.46 16.32 -29.36
CA ARG F 207 -55.78 17.38 -28.63
C ARG F 207 -54.93 16.87 -27.47
N SER F 208 -55.03 15.58 -27.15
CA SER F 208 -54.17 14.97 -26.15
C SER F 208 -52.90 14.38 -26.73
N LEU F 209 -52.94 13.92 -27.99
CA LEU F 209 -51.75 13.38 -28.62
C LEU F 209 -50.69 14.46 -28.81
N GLN F 210 -51.09 15.66 -29.21
CA GLN F 210 -50.19 16.77 -29.44
C GLN F 210 -49.89 17.57 -28.18
N LEU F 211 -50.02 16.95 -27.01
CA LEU F 211 -49.83 17.65 -25.75
C LEU F 211 -48.39 18.11 -25.57
N PHE F 212 -47.42 17.27 -25.95
CA PHE F 212 -46.03 17.50 -25.60
C PHE F 212 -45.18 18.04 -26.75
N GLN F 213 -45.78 18.38 -27.90
CA GLN F 213 -44.97 18.92 -28.98
C GLN F 213 -44.55 20.36 -28.71
N ASN F 214 -45.37 21.11 -27.98
CA ASN F 214 -45.05 22.52 -27.74
C ASN F 214 -43.91 22.67 -26.73
N VAL F 215 -43.92 21.86 -25.67
CA VAL F 215 -42.90 21.88 -24.64
C VAL F 215 -42.04 20.64 -24.83
N MET F 216 -40.86 20.83 -25.43
CA MET F 216 -39.92 19.74 -25.68
C MET F 216 -40.56 18.62 -26.48
N PRO G 36 21.51 19.42 -35.92
CA PRO G 36 20.59 19.28 -34.79
C PRO G 36 20.24 20.62 -34.18
N GLU G 37 19.74 21.55 -34.99
CA GLU G 37 19.41 22.89 -34.52
C GLU G 37 17.97 23.26 -34.86
N GLY G 38 17.48 22.77 -36.00
CA GLY G 38 16.18 23.16 -36.49
C GLY G 38 16.30 24.20 -37.58
N LEU G 39 17.24 25.13 -37.40
CA LEU G 39 17.57 26.10 -38.43
C LEU G 39 18.70 25.63 -39.33
N GLU G 40 19.57 24.75 -38.82
CA GLU G 40 20.64 24.20 -39.64
C GLU G 40 20.10 23.30 -40.73
N GLN G 41 19.11 22.46 -40.41
CA GLN G 41 18.46 21.59 -41.38
C GLN G 41 17.23 22.23 -41.99
N LEU G 42 17.18 23.56 -42.04
CA LEU G 42 16.11 24.32 -42.68
C LEU G 42 16.35 24.29 -44.19
N GLU G 43 15.70 25.18 -44.94
CA GLU G 43 15.83 25.15 -46.40
C GLU G 43 17.25 25.56 -46.78
N ALA G 44 18.20 24.69 -46.45
CA ALA G 44 19.64 24.87 -46.61
C ALA G 44 20.25 23.61 -47.19
N GLN G 45 19.71 23.17 -48.34
CA GLN G 45 19.93 21.87 -48.98
C GLN G 45 19.07 20.80 -48.32
N THR G 46 18.14 21.23 -47.46
CA THR G 46 17.08 20.37 -46.95
C THR G 46 15.75 20.93 -47.44
N ASN G 47 14.95 20.09 -48.09
CA ASN G 47 13.74 20.54 -48.77
C ASN G 47 12.52 20.62 -47.85
N PHE G 48 12.71 20.70 -46.54
CA PHE G 48 11.60 20.80 -45.59
C PHE G 48 11.59 22.18 -44.95
N THR G 49 10.39 22.73 -44.77
CA THR G 49 10.22 24.03 -44.15
C THR G 49 10.32 23.90 -42.63
N LYS G 50 10.20 25.04 -41.94
CA LYS G 50 10.27 25.04 -40.48
C LYS G 50 9.11 24.27 -39.88
N ARG G 51 7.89 24.50 -40.38
CA ARG G 51 6.72 23.79 -39.87
C ARG G 51 6.80 22.31 -40.20
N GLU G 52 7.25 21.97 -41.42
CA GLU G 52 7.37 20.57 -41.80
C GLU G 52 8.42 19.87 -40.95
N LEU G 53 9.52 20.57 -40.64
CA LEU G 53 10.54 19.99 -39.76
C LEU G 53 9.97 19.72 -38.37
N GLN G 54 9.17 20.65 -37.84
CA GLN G 54 8.58 20.47 -36.53
C GLN G 54 7.64 19.28 -36.50
N VAL G 55 6.85 19.11 -37.56
CA VAL G 55 5.92 17.98 -37.64
C VAL G 55 6.68 16.66 -37.66
N LEU G 56 7.76 16.60 -38.44
CA LEU G 56 8.54 15.36 -38.54
C LEU G 56 9.18 15.01 -37.20
N TYR G 57 9.74 15.99 -36.50
CA TYR G 57 10.41 15.69 -35.23
C TYR G 57 9.41 15.24 -34.17
N ARG G 58 8.21 15.84 -34.16
CA ARG G 58 7.19 15.40 -33.22
C ARG G 58 6.79 13.95 -33.47
N GLY G 59 6.64 13.58 -34.74
CA GLY G 59 6.35 12.18 -35.05
C GLY G 59 7.54 11.27 -34.85
N PHE G 60 8.74 11.76 -35.19
CA PHE G 60 9.94 10.93 -35.04
C PHE G 60 10.23 10.63 -33.58
N LYS G 61 10.26 11.66 -32.73
CA LYS G 61 10.52 11.46 -31.32
C LYS G 61 9.37 10.75 -30.61
N ASN G 62 8.19 10.71 -31.24
CA ASN G 62 7.06 10.01 -30.64
C ASN G 62 7.34 8.52 -30.50
N GLU G 63 7.95 7.92 -31.53
CA GLU G 63 8.24 6.49 -31.48
C GLU G 63 9.56 6.21 -30.77
N CYS G 64 10.58 7.02 -31.03
CA CYS G 64 11.89 6.88 -30.39
C CYS G 64 12.19 8.17 -29.62
N PRO G 65 11.85 8.23 -28.33
CA PRO G 65 12.10 9.46 -27.57
C PRO G 65 13.57 9.82 -27.45
N SER G 66 14.48 8.86 -27.60
CA SER G 66 15.91 9.13 -27.46
C SER G 66 16.46 9.99 -28.58
N GLY G 67 15.70 10.22 -29.65
CA GLY G 67 16.16 10.99 -30.78
C GLY G 67 16.89 10.18 -31.84
N VAL G 68 17.15 8.89 -31.57
CA VAL G 68 17.78 8.00 -32.54
C VAL G 68 16.94 6.73 -32.62
N VAL G 69 16.77 6.22 -33.83
CA VAL G 69 16.04 4.99 -34.08
C VAL G 69 17.00 3.95 -34.66
N ASN G 70 16.92 2.73 -34.13
CA ASN G 70 17.81 1.65 -34.51
C ASN G 70 17.10 0.69 -35.45
N GLU G 71 17.84 -0.32 -35.91
CA GLU G 71 17.31 -1.26 -36.89
C GLU G 71 16.11 -2.04 -36.36
N ASP G 72 16.17 -2.44 -35.08
CA ASP G 72 15.07 -3.21 -34.50
C ASP G 72 13.77 -2.40 -34.51
N THR G 73 13.86 -1.13 -34.12
CA THR G 73 12.68 -0.28 -34.19
C THR G 73 12.36 0.13 -35.62
N PHE G 74 13.39 0.26 -36.47
CA PHE G 74 13.18 0.68 -37.85
C PHE G 74 12.28 -0.29 -38.61
N LYS G 75 12.19 -1.54 -38.16
CA LYS G 75 11.35 -2.52 -38.82
C LYS G 75 9.93 -2.52 -38.29
N GLN G 76 9.72 -2.03 -37.06
CA GLN G 76 8.38 -2.06 -36.46
C GLN G 76 7.41 -1.16 -37.20
N ILE G 77 7.82 0.08 -37.48
CA ILE G 77 6.95 1.00 -38.20
C ILE G 77 6.74 0.54 -39.64
N TYR G 78 7.81 0.09 -40.29
CA TYR G 78 7.69 -0.32 -41.69
C TYR G 78 6.79 -1.54 -41.85
N ALA G 79 6.87 -2.49 -40.93
CA ALA G 79 6.02 -3.68 -41.00
C ALA G 79 4.55 -3.35 -40.76
N GLN G 80 4.25 -2.20 -40.16
CA GLN G 80 2.86 -1.84 -39.92
C GLN G 80 2.17 -1.39 -41.19
N PHE G 81 2.89 -0.74 -42.11
CA PHE G 81 2.30 -0.26 -43.33
C PHE G 81 1.94 -1.39 -44.30
N PHE G 82 2.60 -2.55 -44.17
CA PHE G 82 2.41 -3.68 -45.07
C PHE G 82 2.15 -4.92 -44.24
N PRO G 83 0.89 -5.13 -43.82
CA PRO G 83 0.59 -6.27 -42.94
C PRO G 83 0.41 -7.60 -43.66
N HIS G 84 0.34 -7.61 -45.00
CA HIS G 84 0.13 -8.86 -45.72
C HIS G 84 1.30 -9.81 -45.50
N GLY G 85 2.53 -9.31 -45.57
CA GLY G 85 3.72 -10.10 -45.37
C GLY G 85 4.60 -9.50 -44.29
N ASP G 86 5.90 -9.76 -44.41
CA ASP G 86 6.90 -9.22 -43.50
C ASP G 86 7.85 -8.32 -44.28
N ALA G 87 8.01 -7.09 -43.80
CA ALA G 87 8.90 -6.12 -44.41
C ALA G 87 10.24 -6.02 -43.71
N SER G 88 10.52 -6.92 -42.77
CA SER G 88 11.79 -6.86 -42.05
C SER G 88 12.97 -7.10 -42.97
N THR G 89 12.81 -7.98 -43.96
CA THR G 89 13.89 -8.25 -44.90
C THR G 89 14.23 -7.01 -45.73
N TYR G 90 13.20 -6.30 -46.20
CA TYR G 90 13.45 -5.09 -46.97
C TYR G 90 13.90 -3.93 -46.08
N ALA G 91 13.36 -3.85 -44.86
CA ALA G 91 13.76 -2.78 -43.95
C ALA G 91 15.24 -2.90 -43.56
N HIS G 92 15.78 -4.11 -43.52
CA HIS G 92 17.19 -4.28 -43.21
C HIS G 92 18.08 -3.61 -44.25
N TYR G 93 17.75 -3.79 -45.53
CA TYR G 93 18.49 -3.11 -46.58
C TYR G 93 18.17 -1.62 -46.60
N LEU G 94 16.92 -1.25 -46.31
CA LEU G 94 16.56 0.15 -46.24
C LEU G 94 17.29 0.87 -45.11
N PHE G 95 17.43 0.20 -43.96
CA PHE G 95 18.11 0.82 -42.82
C PHE G 95 19.57 1.10 -43.15
N ASN G 96 20.24 0.18 -43.85
CA ASN G 96 21.64 0.38 -44.20
C ASN G 96 21.82 1.60 -45.09
N ALA G 97 20.89 1.81 -46.03
CA ALA G 97 20.94 3.01 -46.86
C ALA G 97 20.76 4.28 -46.02
N PHE G 98 19.81 4.25 -45.08
CA PHE G 98 19.63 5.37 -44.18
C PHE G 98 20.83 5.55 -43.27
N ASP G 99 21.37 4.46 -42.74
CA ASP G 99 22.48 4.50 -41.79
C ASP G 99 23.80 4.62 -42.54
N THR G 100 24.14 5.86 -42.88
CA THR G 100 25.42 6.14 -43.52
C THR G 100 26.56 5.90 -42.53
N THR G 101 27.70 5.48 -43.07
CA THR G 101 28.94 5.18 -42.34
C THR G 101 28.78 3.98 -41.41
N GLN G 102 27.65 3.28 -41.44
CA GLN G 102 27.40 2.09 -40.63
C GLN G 102 27.65 2.37 -39.15
N THR G 103 27.08 3.49 -38.68
CA THR G 103 27.22 3.84 -37.27
C THR G 103 26.50 2.84 -36.38
N GLY G 104 25.34 2.35 -36.82
CA GLY G 104 24.56 1.43 -36.01
C GLY G 104 23.17 1.95 -35.73
N SER G 105 23.07 3.26 -35.54
CA SER G 105 21.78 3.92 -35.34
C SER G 105 21.73 5.16 -36.23
N VAL G 106 20.55 5.40 -36.81
CA VAL G 106 20.33 6.53 -37.70
C VAL G 106 19.73 7.68 -36.90
N LYS G 107 20.38 8.84 -36.97
CA LYS G 107 19.96 10.00 -36.19
C LYS G 107 18.95 10.84 -36.99
N PHE G 108 18.32 11.79 -36.30
CA PHE G 108 17.30 12.62 -36.95
C PHE G 108 17.92 13.54 -37.99
N GLU G 109 19.14 14.00 -37.75
CA GLU G 109 19.76 14.96 -38.66
C GLU G 109 19.96 14.37 -40.04
N ASP G 110 20.43 13.12 -40.12
CA ASP G 110 20.60 12.43 -41.39
C ASP G 110 19.41 11.55 -41.76
N PHE G 111 18.41 11.44 -40.89
CA PHE G 111 17.15 10.80 -41.29
C PHE G 111 16.33 11.73 -42.18
N VAL G 112 16.31 13.02 -41.86
CA VAL G 112 15.53 13.98 -42.64
C VAL G 112 16.13 14.17 -44.02
N THR G 113 17.46 14.31 -44.10
CA THR G 113 18.09 14.54 -45.39
C THR G 113 17.92 13.34 -46.32
N ALA G 114 17.69 12.16 -45.76
CA ALA G 114 17.35 11.01 -46.60
C ALA G 114 15.91 11.12 -47.10
N LEU G 115 15.01 11.57 -46.24
CA LEU G 115 13.62 11.81 -46.67
C LEU G 115 13.56 12.94 -47.69
N SER G 116 14.29 14.02 -47.45
CA SER G 116 14.26 15.15 -48.38
C SER G 116 14.80 14.77 -49.75
N ILE G 117 15.88 13.99 -49.78
CA ILE G 117 16.43 13.53 -51.06
C ILE G 117 15.43 12.62 -51.77
N LEU G 118 14.84 11.69 -51.02
CA LEU G 118 13.92 10.73 -51.64
C LEU G 118 12.60 11.38 -52.04
N LEU G 119 12.02 12.19 -51.15
CA LEU G 119 10.70 12.75 -51.40
C LEU G 119 10.77 13.97 -52.31
N ARG G 120 11.44 15.03 -51.86
CA ARG G 120 11.47 16.30 -52.57
C ARG G 120 12.83 16.60 -53.19
N GLY G 121 13.70 15.60 -53.32
CA GLY G 121 14.99 15.80 -53.94
C GLY G 121 14.91 15.88 -55.45
N THR G 122 16.06 16.16 -56.06
CA THR G 122 16.16 16.26 -57.50
C THR G 122 16.31 14.87 -58.12
N VAL G 123 16.36 14.83 -59.45
CA VAL G 123 16.49 13.56 -60.16
C VAL G 123 17.82 12.89 -59.82
N HIS G 124 18.90 13.67 -59.84
CA HIS G 124 20.23 13.09 -59.68
C HIS G 124 20.41 12.49 -58.29
N GLU G 125 19.94 13.18 -57.25
CA GLU G 125 20.14 12.70 -55.89
C GLU G 125 19.33 11.43 -55.61
N LYS G 126 18.14 11.32 -56.20
CA LYS G 126 17.30 10.15 -55.95
C LYS G 126 17.95 8.88 -56.49
N LEU G 127 18.54 8.95 -57.68
CA LEU G 127 19.06 7.74 -58.32
C LEU G 127 20.29 7.20 -57.59
N ARG G 128 21.18 8.08 -57.12
CA ARG G 128 22.34 7.62 -56.36
C ARG G 128 21.93 6.98 -55.05
N TRP G 129 20.92 7.55 -54.39
CA TRP G 129 20.44 6.96 -53.15
C TRP G 129 19.87 5.56 -53.38
N THR G 130 19.09 5.38 -54.45
CA THR G 130 18.57 4.06 -54.77
C THR G 130 19.68 3.12 -55.24
N PHE G 131 20.67 3.67 -55.95
CA PHE G 131 21.80 2.84 -56.38
C PHE G 131 22.56 2.29 -55.20
N ASN G 132 22.81 3.13 -54.18
CA ASN G 132 23.47 2.65 -52.97
C ASN G 132 22.59 1.73 -52.15
N LEU G 133 21.26 1.84 -52.29
CA LEU G 133 20.37 0.90 -51.62
C LEU G 133 20.53 -0.50 -52.19
N TYR G 134 20.63 -0.62 -53.52
CA TYR G 134 20.89 -1.92 -54.13
C TYR G 134 22.33 -2.37 -53.91
N ASP G 135 23.27 -1.42 -53.86
CA ASP G 135 24.69 -1.72 -53.68
C ASP G 135 24.92 -2.05 -52.20
N ILE G 136 24.81 -3.34 -51.87
CA ILE G 136 24.93 -3.77 -50.48
C ILE G 136 26.37 -3.60 -49.98
N ASN G 137 27.34 -3.99 -50.80
CA ASN G 137 28.74 -3.96 -50.38
C ASN G 137 29.29 -2.54 -50.46
N LYS G 138 30.60 -2.43 -50.24
CA LYS G 138 31.25 -1.12 -50.19
C LYS G 138 31.38 -0.51 -51.59
N ASP G 139 32.10 -1.19 -52.47
CA ASP G 139 32.31 -0.68 -53.82
C ASP G 139 31.00 -0.65 -54.59
N GLY G 140 30.90 0.29 -55.53
CA GLY G 140 29.66 0.48 -56.26
C GLY G 140 29.54 -0.41 -57.50
N TYR G 141 28.85 -1.52 -57.36
CA TYR G 141 28.63 -2.46 -58.46
C TYR G 141 27.38 -3.26 -58.20
N ILE G 142 26.71 -3.66 -59.28
CA ILE G 142 25.55 -4.54 -59.21
C ILE G 142 25.84 -5.74 -60.11
N ASN G 143 25.73 -6.95 -59.55
CA ASN G 143 26.16 -8.15 -60.26
C ASN G 143 25.07 -9.21 -60.33
N LYS G 144 23.81 -8.83 -60.07
CA LYS G 144 22.64 -9.70 -60.15
C LYS G 144 22.54 -10.66 -58.97
N GLU G 145 23.52 -10.67 -58.07
CA GLU G 145 23.36 -11.36 -56.80
C GLU G 145 23.11 -10.42 -55.62
N GLU G 146 23.68 -9.20 -55.65
CA GLU G 146 23.45 -8.27 -54.56
C GLU G 146 21.99 -7.84 -54.49
N MET G 147 21.38 -7.58 -55.64
CA MET G 147 19.97 -7.19 -55.68
C MET G 147 19.05 -8.38 -55.88
N MET G 148 19.59 -9.60 -55.89
CA MET G 148 18.73 -10.79 -55.86
C MET G 148 17.86 -10.78 -54.61
N ASP G 149 18.42 -10.34 -53.48
CA ASP G 149 17.63 -10.21 -52.27
C ASP G 149 16.74 -8.98 -52.28
N ILE G 150 17.15 -7.92 -52.99
CA ILE G 150 16.37 -6.68 -53.00
C ILE G 150 15.01 -6.91 -53.65
N VAL G 151 15.01 -7.52 -54.84
CA VAL G 151 13.75 -7.83 -55.50
C VAL G 151 13.00 -8.92 -54.74
N LYS G 152 13.73 -9.87 -54.16
CA LYS G 152 13.09 -10.90 -53.35
C LYS G 152 12.40 -10.29 -52.14
N ALA G 153 13.03 -9.30 -51.50
CA ALA G 153 12.42 -8.65 -50.35
C ALA G 153 11.14 -7.93 -50.75
N ILE G 154 11.11 -7.31 -51.92
CA ILE G 154 9.91 -6.66 -52.42
C ILE G 154 8.80 -7.69 -52.61
N TYR G 155 9.13 -8.86 -53.15
CA TYR G 155 8.15 -9.92 -53.32
C TYR G 155 7.83 -10.61 -51.99
N ASP G 156 8.81 -10.70 -51.10
CA ASP G 156 8.59 -11.38 -49.81
C ASP G 156 7.61 -10.60 -48.95
N MET G 157 7.63 -9.27 -49.01
CA MET G 157 6.80 -8.43 -48.18
C MET G 157 5.35 -8.36 -48.65
N MET G 158 4.95 -9.24 -49.56
CA MET G 158 3.55 -9.38 -49.95
C MET G 158 2.91 -10.62 -49.36
N GLY G 159 3.65 -11.40 -48.57
CA GLY G 159 3.11 -12.65 -48.06
C GLY G 159 2.89 -13.63 -49.21
N LYS G 160 1.99 -14.59 -48.95
CA LYS G 160 1.51 -15.50 -50.00
C LYS G 160 -0.01 -15.42 -49.99
N TYR G 161 -0.53 -14.38 -50.66
CA TYR G 161 -1.96 -14.14 -50.79
C TYR G 161 -2.35 -13.59 -52.16
N THR G 162 -1.40 -13.49 -53.09
CA THR G 162 -1.65 -12.81 -54.36
C THR G 162 -2.41 -13.71 -55.32
N TYR G 163 -2.97 -13.09 -56.36
CA TYR G 163 -3.73 -13.83 -57.36
C TYR G 163 -2.88 -14.84 -58.13
N PRO G 164 -1.70 -14.50 -58.65
CA PRO G 164 -0.89 -15.52 -59.34
C PRO G 164 -0.27 -16.55 -58.41
N VAL G 165 -0.45 -16.41 -57.09
CA VAL G 165 0.04 -17.36 -56.09
C VAL G 165 1.57 -17.35 -56.15
N LEU G 166 2.14 -16.34 -56.81
CA LEU G 166 3.57 -16.17 -56.95
C LEU G 166 4.26 -17.42 -57.50
N LYS G 167 5.57 -17.52 -57.28
CA LYS G 167 6.37 -18.66 -57.72
C LYS G 167 7.73 -18.55 -57.07
N GLU G 168 8.47 -19.67 -57.10
CA GLU G 168 9.82 -19.67 -56.55
C GLU G 168 10.79 -18.90 -57.45
N ASP G 169 10.55 -18.91 -58.76
CA ASP G 169 11.46 -18.29 -59.73
C ASP G 169 10.95 -16.95 -60.25
N THR G 170 9.85 -16.44 -59.71
CA THR G 170 9.34 -15.16 -60.20
C THR G 170 10.21 -13.96 -59.81
N PRO G 171 10.93 -13.95 -58.67
CA PRO G 171 11.87 -12.83 -58.45
C PRO G 171 13.00 -12.81 -59.45
N ARG G 172 13.48 -13.98 -59.89
CA ARG G 172 14.57 -14.04 -60.85
C ARG G 172 14.14 -13.51 -62.22
N GLN G 173 12.89 -13.79 -62.61
CA GLN G 173 12.40 -13.27 -63.88
C GLN G 173 12.31 -11.75 -63.86
N HIS G 174 11.90 -11.17 -62.73
CA HIS G 174 11.87 -9.72 -62.61
C HIS G 174 13.27 -9.13 -62.69
N VAL G 175 14.25 -9.79 -62.10
CA VAL G 175 15.63 -9.33 -62.19
C VAL G 175 16.16 -9.49 -63.61
N ASP G 176 15.81 -10.60 -64.26
CA ASP G 176 16.32 -10.87 -65.60
C ASP G 176 15.84 -9.82 -66.59
N VAL G 177 14.56 -9.46 -66.52
CA VAL G 177 14.05 -8.41 -67.40
C VAL G 177 14.57 -7.04 -66.97
N PHE G 178 14.85 -6.86 -65.69
CA PHE G 178 15.41 -5.59 -65.23
C PHE G 178 16.79 -5.35 -65.82
N PHE G 179 17.64 -6.39 -65.87
CA PHE G 179 18.96 -6.24 -66.44
C PHE G 179 18.93 -6.11 -67.96
N GLN G 180 17.84 -6.52 -68.60
CA GLN G 180 17.75 -6.50 -70.05
C GLN G 180 17.72 -5.09 -70.62
N LYS G 181 17.40 -4.08 -69.82
CA LYS G 181 17.24 -2.72 -70.31
C LYS G 181 18.40 -1.79 -69.96
N MET G 182 19.31 -2.21 -69.08
CA MET G 182 20.46 -1.36 -68.77
C MET G 182 21.80 -2.08 -68.88
N ASP G 183 21.85 -3.37 -68.56
CA ASP G 183 23.11 -4.10 -68.60
C ASP G 183 23.48 -4.36 -70.05
N LYS G 184 24.29 -3.47 -70.62
CA LYS G 184 24.68 -3.59 -72.02
C LYS G 184 25.68 -4.73 -72.20
N ASN G 185 26.83 -4.65 -71.53
CA ASN G 185 27.86 -5.67 -71.62
C ASN G 185 27.93 -6.54 -70.38
N LYS G 186 28.07 -5.95 -69.20
CA LYS G 186 28.14 -6.70 -67.95
C LYS G 186 27.94 -5.77 -66.75
N THR G 191 26.82 -0.46 -64.08
CA THR G 191 27.62 0.43 -63.24
C THR G 191 26.82 1.67 -62.84
N LEU G 192 27.49 2.59 -62.14
CA LEU G 192 26.82 3.82 -61.72
C LEU G 192 26.39 4.66 -62.92
N ASP G 193 27.28 4.82 -63.90
CA ASP G 193 26.94 5.61 -65.07
C ASP G 193 25.82 4.97 -65.88
N GLU G 194 25.81 3.63 -65.96
CA GLU G 194 24.77 2.93 -66.69
C GLU G 194 23.41 3.13 -66.05
N PHE G 195 23.35 3.10 -64.72
CA PHE G 195 22.08 3.25 -64.02
C PHE G 195 21.48 4.64 -64.24
N LEU G 196 22.31 5.68 -64.19
CA LEU G 196 21.81 7.04 -64.35
C LEU G 196 21.24 7.26 -65.75
N GLU G 197 21.95 6.79 -66.78
CA GLU G 197 21.51 7.06 -68.15
C GLU G 197 20.31 6.21 -68.53
N SER G 198 20.17 5.02 -67.95
CA SER G 198 19.06 4.15 -68.31
C SER G 198 17.74 4.66 -67.76
N CYS G 199 17.73 5.13 -66.51
CA CYS G 199 16.50 5.67 -65.94
C CYS G 199 16.06 6.93 -66.68
N GLN G 200 17.00 7.80 -67.05
CA GLN G 200 16.66 9.01 -67.79
C GLN G 200 16.21 8.71 -69.21
N GLU G 201 16.63 7.56 -69.78
CA GLU G 201 16.22 7.23 -71.13
C GLU G 201 14.73 6.91 -71.22
N ASP G 202 14.20 6.21 -70.22
CA ASP G 202 12.79 5.83 -70.19
C ASP G 202 12.03 6.80 -69.29
N ASP G 203 11.08 7.52 -69.88
CA ASP G 203 10.33 8.53 -69.14
C ASP G 203 9.32 7.95 -68.17
N ASN G 204 8.99 6.66 -68.30
CA ASN G 204 7.96 6.08 -67.42
C ASN G 204 8.46 5.98 -65.99
N ILE G 205 9.70 5.52 -65.80
CA ILE G 205 10.28 5.50 -64.47
C ILE G 205 10.53 6.92 -63.98
N MET G 206 10.85 7.85 -64.90
CA MET G 206 11.08 9.24 -64.51
C MET G 206 9.84 9.85 -63.89
N ARG G 207 8.67 9.61 -64.48
CA ARG G 207 7.43 10.18 -63.97
C ARG G 207 6.92 9.45 -62.72
N SER G 208 7.48 8.29 -62.39
CA SER G 208 7.11 7.60 -61.16
C SER G 208 8.03 7.94 -59.99
N LEU G 209 9.25 8.41 -60.26
CA LEU G 209 10.14 8.82 -59.18
C LEU G 209 9.62 10.06 -58.47
N GLN G 210 9.03 10.99 -59.22
CA GLN G 210 8.48 12.22 -58.66
C GLN G 210 7.03 12.06 -58.22
N LEU G 211 6.62 10.83 -57.89
CA LEU G 211 5.22 10.58 -57.55
C LEU G 211 4.81 11.27 -56.26
N PHE G 212 5.68 11.26 -55.25
CA PHE G 212 5.32 11.72 -53.91
C PHE G 212 5.81 13.11 -53.58
N GLN G 213 6.46 13.81 -54.51
CA GLN G 213 6.94 15.15 -54.20
C GLN G 213 5.80 16.17 -54.19
N ASN G 214 4.72 15.93 -54.92
CA ASN G 214 3.59 16.86 -54.91
C ASN G 214 2.81 16.78 -53.61
N VAL G 215 2.57 15.57 -53.11
CA VAL G 215 1.81 15.34 -51.88
C VAL G 215 2.82 14.91 -50.82
N MET G 216 3.17 15.83 -49.93
CA MET G 216 4.12 15.57 -48.85
C MET G 216 5.45 15.04 -49.37
N PRO H 36 14.16 43.52 5.91
CA PRO H 36 13.39 42.40 5.37
C PRO H 36 12.01 42.83 4.89
N GLU H 37 11.97 43.81 3.98
CA GLU H 37 10.70 44.34 3.48
C GLU H 37 10.65 44.28 1.96
N GLY H 38 11.80 44.48 1.31
CA GLY H 38 11.85 44.60 -0.13
C GLY H 38 11.96 46.04 -0.55
N LEU H 39 11.24 46.92 0.15
CA LEU H 39 11.36 48.35 -0.05
C LEU H 39 12.37 48.97 0.89
N GLU H 40 12.62 48.36 2.06
CA GLU H 40 13.63 48.87 2.97
C GLU H 40 15.03 48.71 2.37
N GLN H 41 15.31 47.57 1.74
CA GLN H 41 16.58 47.34 1.07
C GLN H 41 16.55 47.73 -0.40
N LEU H 42 15.68 48.67 -0.77
CA LEU H 42 15.61 49.22 -2.12
C LEU H 42 16.76 50.22 -2.29
N GLU H 43 16.69 51.08 -3.31
CA GLU H 43 17.79 52.01 -3.54
C GLU H 43 17.85 53.03 -2.42
N ALA H 44 18.22 52.54 -1.23
CA ALA H 44 18.27 53.28 0.03
C ALA H 44 19.57 52.97 0.75
N GLN H 45 20.69 53.19 0.04
CA GLN H 45 22.05 52.76 0.38
C GLN H 45 22.25 51.30 0.00
N THR H 46 21.30 50.74 -0.74
CA THR H 46 21.46 49.45 -1.40
C THR H 46 21.39 49.68 -2.91
N ASN H 47 22.42 49.21 -3.62
CA ASN H 47 22.58 49.52 -5.03
C ASN H 47 21.80 48.59 -5.96
N PHE H 48 20.77 47.91 -5.47
CA PHE H 48 19.97 47.00 -6.28
C PHE H 48 18.56 47.56 -6.46
N THR H 49 18.03 47.42 -7.67
CA THR H 49 16.67 47.88 -7.97
C THR H 49 15.65 46.88 -7.45
N LYS H 50 14.37 47.21 -7.62
CA LYS H 50 13.30 46.32 -7.15
C LYS H 50 13.33 44.99 -7.87
N ARG H 51 13.52 45.00 -9.19
CA ARG H 51 13.58 43.76 -9.94
C ARG H 51 14.84 42.96 -9.58
N GLU H 52 15.96 43.65 -9.39
CA GLU H 52 17.20 42.95 -9.03
C GLU H 52 17.08 42.28 -7.68
N LEU H 53 16.43 42.95 -6.71
CA LEU H 53 16.21 42.33 -5.41
C LEU H 53 15.32 41.09 -5.52
N GLN H 54 14.29 41.17 -6.37
CA GLN H 54 13.41 40.02 -6.56
C GLN H 54 14.16 38.85 -7.16
N VAL H 55 15.03 39.12 -8.14
CA VAL H 55 15.81 38.05 -8.76
C VAL H 55 16.75 37.41 -7.76
N LEU H 56 17.40 38.24 -6.93
CA LEU H 56 18.33 37.71 -5.94
C LEU H 56 17.63 36.84 -4.91
N TYR H 57 16.47 37.30 -4.42
CA TYR H 57 15.75 36.53 -3.40
C TYR H 57 15.24 35.21 -3.94
N ARG H 58 14.79 35.18 -5.19
CA ARG H 58 14.35 33.93 -5.80
C ARG H 58 15.50 32.94 -5.89
N GLY H 59 16.68 33.40 -6.28
CA GLY H 59 17.84 32.52 -6.31
C GLY H 59 18.36 32.19 -4.92
N PHE H 60 18.31 33.16 -4.01
CA PHE H 60 18.80 32.93 -2.65
C PHE H 60 17.95 31.91 -1.92
N LYS H 61 16.62 32.10 -1.94
CA LYS H 61 15.73 31.18 -1.25
C LYS H 61 15.64 29.83 -1.95
N ASN H 62 16.07 29.75 -3.21
CA ASN H 62 16.06 28.48 -3.92
C ASN H 62 17.00 27.47 -3.26
N GLU H 63 18.19 27.92 -2.86
CA GLU H 63 19.13 27.02 -2.22
C GLU H 63 18.85 26.86 -0.73
N CYS H 64 18.52 27.95 -0.04
CA CYS H 64 18.19 27.93 1.39
C CYS H 64 16.77 28.45 1.56
N PRO H 65 15.77 27.58 1.58
CA PRO H 65 14.38 28.04 1.72
C PRO H 65 14.09 28.74 3.04
N SER H 66 14.89 28.50 4.07
CA SER H 66 14.65 29.10 5.38
C SER H 66 14.91 30.60 5.39
N GLY H 67 15.52 31.15 4.34
CA GLY H 67 15.86 32.56 4.28
C GLY H 67 17.21 32.90 4.88
N VAL H 68 17.88 31.94 5.50
CA VAL H 68 19.22 32.13 6.06
C VAL H 68 20.11 31.01 5.55
N VAL H 69 21.35 31.35 5.20
CA VAL H 69 22.33 30.37 4.74
C VAL H 69 23.48 30.35 5.73
N ASN H 70 23.93 29.15 6.07
CA ASN H 70 24.98 28.94 7.06
C ASN H 70 26.29 28.59 6.38
N GLU H 71 27.34 28.44 7.20
CA GLU H 71 28.68 28.21 6.67
C GLU H 71 28.76 26.91 5.88
N ASP H 72 28.10 25.85 6.37
CA ASP H 72 28.15 24.56 5.68
C ASP H 72 27.56 24.66 4.28
N THR H 73 26.42 25.35 4.15
CA THR H 73 25.85 25.57 2.83
C THR H 73 26.62 26.63 2.06
N PHE H 74 27.20 27.61 2.76
CA PHE H 74 27.93 28.68 2.10
C PHE H 74 29.10 28.16 1.28
N LYS H 75 29.60 26.97 1.62
CA LYS H 75 30.74 26.40 0.90
C LYS H 75 30.28 25.55 -0.28
N GLN H 76 29.04 25.07 -0.28
CA GLN H 76 28.57 24.20 -1.36
C GLN H 76 28.47 24.95 -2.68
N ILE H 77 27.85 26.13 -2.66
CA ILE H 77 27.73 26.92 -3.89
C ILE H 77 29.09 27.41 -4.35
N TYR H 78 29.93 27.88 -3.43
CA TYR H 78 31.23 28.42 -3.81
C TYR H 78 32.13 27.35 -4.41
N ALA H 79 32.09 26.14 -3.86
CA ALA H 79 32.92 25.06 -4.38
C ALA H 79 32.47 24.61 -5.77
N GLN H 80 31.24 24.93 -6.17
CA GLN H 80 30.76 24.54 -7.50
C GLN H 80 31.37 25.41 -8.59
N PHE H 81 31.64 26.68 -8.30
CA PHE H 81 32.20 27.58 -9.30
C PHE H 81 33.65 27.25 -9.61
N PHE H 82 34.36 26.60 -8.69
CA PHE H 82 35.79 26.31 -8.83
C PHE H 82 36.00 24.84 -8.56
N PRO H 83 35.80 23.98 -9.56
CA PRO H 83 35.91 22.53 -9.35
C PRO H 83 37.32 21.99 -9.40
N HIS H 84 38.31 22.79 -9.81
CA HIS H 84 39.69 22.29 -9.88
C HIS H 84 40.20 21.91 -8.50
N GLY H 85 39.96 22.74 -7.50
CA GLY H 85 40.39 22.49 -6.15
C GLY H 85 39.22 22.56 -5.18
N ASP H 86 39.55 22.87 -3.92
CA ASP H 86 38.55 23.03 -2.87
C ASP H 86 38.54 24.48 -2.41
N ALA H 87 37.37 25.10 -2.44
CA ALA H 87 37.20 26.49 -2.04
C ALA H 87 36.65 26.60 -0.62
N SER H 88 36.57 25.50 0.13
CA SER H 88 36.04 25.54 1.48
C SER H 88 36.93 26.37 2.39
N THR H 89 38.25 26.31 2.19
CA THR H 89 39.16 27.09 3.03
C THR H 89 38.95 28.58 2.82
N TYR H 90 38.79 29.02 1.57
CA TYR H 90 38.55 30.43 1.31
C TYR H 90 37.12 30.85 1.69
N ALA H 91 36.15 29.95 1.49
CA ALA H 91 34.78 30.27 1.85
C ALA H 91 34.61 30.46 3.35
N HIS H 92 35.43 29.79 4.16
CA HIS H 92 35.36 29.98 5.60
C HIS H 92 35.71 31.41 5.99
N TYR H 93 36.76 31.96 5.39
CA TYR H 93 37.11 33.36 5.64
C TYR H 93 36.11 34.30 4.98
N LEU H 94 35.59 33.93 3.81
CA LEU H 94 34.58 34.74 3.15
C LEU H 94 33.29 34.80 3.96
N PHE H 95 32.90 33.67 4.56
CA PHE H 95 31.67 33.63 5.35
C PHE H 95 31.77 34.55 6.56
N ASN H 96 32.94 34.59 7.22
CA ASN H 96 33.11 35.44 8.38
C ASN H 96 32.95 36.90 8.02
N ALA H 97 33.46 37.31 6.86
CA ALA H 97 33.27 38.68 6.40
C ALA H 97 31.80 38.97 6.14
N PHE H 98 31.09 38.03 5.51
CA PHE H 98 29.65 38.19 5.31
C PHE H 98 28.90 38.18 6.64
N ASP H 99 29.28 37.28 7.55
CA ASP H 99 28.58 37.11 8.83
C ASP H 99 29.11 38.13 9.83
N THR H 100 28.54 39.33 9.76
CA THR H 100 28.86 40.38 10.71
C THR H 100 28.33 40.00 12.10
N THR H 101 29.05 40.45 13.12
CA THR H 101 28.76 40.22 14.55
C THR H 101 28.88 38.75 14.94
N GLN H 102 29.33 37.89 14.03
CA GLN H 102 29.53 36.47 14.31
C GLN H 102 28.26 35.82 14.86
N THR H 103 27.13 36.11 14.19
CA THR H 103 25.87 35.53 14.61
C THR H 103 25.87 34.01 14.42
N GLY H 104 26.47 33.53 13.34
CA GLY H 104 26.48 32.11 13.04
C GLY H 104 25.87 31.81 11.69
N SER H 105 24.84 32.56 11.33
CA SER H 105 24.19 32.44 10.03
C SER H 105 24.01 33.83 9.44
N VAL H 106 24.23 33.95 8.13
CA VAL H 106 24.13 35.21 7.42
C VAL H 106 22.74 35.31 6.80
N LYS H 107 22.03 36.39 7.10
CA LYS H 107 20.66 36.57 6.64
C LYS H 107 20.65 37.29 5.29
N PHE H 108 19.48 37.28 4.65
CA PHE H 108 19.35 37.91 3.33
C PHE H 108 19.52 39.42 3.40
N GLU H 109 19.07 40.04 4.50
CA GLU H 109 19.12 41.50 4.60
C GLU H 109 20.55 42.00 4.55
N ASP H 110 21.45 41.36 5.28
CA ASP H 110 22.87 41.73 5.27
C ASP H 110 23.69 40.93 4.28
N PHE H 111 23.09 39.95 3.59
CA PHE H 111 23.76 39.30 2.47
C PHE H 111 23.77 40.21 1.25
N VAL H 112 22.66 40.91 1.00
CA VAL H 112 22.56 41.78 -0.17
C VAL H 112 23.46 42.99 -0.01
N THR H 113 23.48 43.62 1.17
CA THR H 113 24.29 44.80 1.37
C THR H 113 25.78 44.49 1.24
N ALA H 114 26.17 43.22 1.46
CA ALA H 114 27.54 42.82 1.19
C ALA H 114 27.78 42.70 -0.31
N LEU H 115 26.82 42.15 -1.05
CA LEU H 115 26.92 42.10 -2.49
C LEU H 115 26.91 43.49 -3.11
N SER H 116 26.03 44.36 -2.61
CA SER H 116 25.94 45.72 -3.15
C SER H 116 27.24 46.49 -2.92
N ILE H 117 27.82 46.35 -1.73
CA ILE H 117 29.10 47.02 -1.46
C ILE H 117 30.20 46.48 -2.35
N LEU H 118 30.26 45.15 -2.50
CA LEU H 118 31.32 44.54 -3.28
C LEU H 118 31.12 44.77 -4.77
N LEU H 119 29.90 44.57 -5.27
CA LEU H 119 29.67 44.65 -6.72
C LEU H 119 29.52 46.08 -7.19
N ARG H 120 28.51 46.79 -6.68
CA ARG H 120 28.18 48.12 -7.14
C ARG H 120 28.48 49.21 -6.12
N GLY H 121 29.28 48.90 -5.10
CA GLY H 121 29.64 49.88 -4.10
C GLY H 121 30.71 50.83 -4.58
N THR H 122 31.01 51.81 -3.73
CA THR H 122 32.01 52.82 -4.05
C THR H 122 33.41 52.30 -3.73
N VAL H 123 34.42 53.14 -4.00
CA VAL H 123 35.80 52.76 -3.75
C VAL H 123 36.04 52.54 -2.26
N HIS H 124 35.55 53.48 -1.43
CA HIS H 124 35.85 53.42 -0.01
C HIS H 124 35.24 52.18 0.65
N GLU H 125 33.99 51.86 0.29
CA GLU H 125 33.31 50.74 0.94
C GLU H 125 33.94 49.41 0.56
N LYS H 126 34.42 49.27 -0.68
CA LYS H 126 35.00 48.01 -1.11
C LYS H 126 36.28 47.69 -0.34
N LEU H 127 37.13 48.69 -0.12
CA LEU H 127 38.44 48.43 0.49
C LEU H 127 38.32 48.03 1.95
N ARG H 128 37.42 48.68 2.70
CA ARG H 128 37.21 48.30 4.10
C ARG H 128 36.66 46.89 4.21
N TRP H 129 35.75 46.52 3.30
CA TRP H 129 35.22 45.16 3.32
C TRP H 129 36.32 44.13 3.07
N THR H 130 37.19 44.40 2.09
CA THR H 130 38.30 43.49 1.83
C THR H 130 39.32 43.52 2.96
N PHE H 131 39.51 44.70 3.58
CA PHE H 131 40.43 44.79 4.71
C PHE H 131 39.96 43.93 5.87
N ASN H 132 38.65 43.97 6.17
CA ASN H 132 38.11 43.12 7.22
C ASN H 132 38.10 41.65 6.83
N LEU H 133 38.07 41.35 5.53
CA LEU H 133 38.19 39.97 5.09
C LEU H 133 39.55 39.39 5.43
N TYR H 134 40.61 40.16 5.20
CA TYR H 134 41.95 39.72 5.59
C TYR H 134 42.14 39.79 7.10
N ASP H 135 41.50 40.74 7.76
CA ASP H 135 41.61 40.93 9.20
C ASP H 135 40.76 39.86 9.89
N ILE H 136 41.38 38.72 10.19
CA ILE H 136 40.64 37.61 10.78
C ILE H 136 40.22 37.93 12.21
N ASN H 137 41.12 38.51 13.01
CA ASN H 137 40.84 38.76 14.41
C ASN H 137 39.97 40.01 14.57
N LYS H 138 39.78 40.42 15.82
CA LYS H 138 38.88 41.53 16.12
C LYS H 138 39.51 42.86 15.74
N ASP H 139 40.65 43.21 16.34
CA ASP H 139 41.29 44.47 16.06
C ASP H 139 41.80 44.53 14.62
N GLY H 140 41.87 45.74 14.07
CA GLY H 140 42.24 45.90 12.68
C GLY H 140 43.74 46.00 12.45
N TYR H 141 44.35 44.89 12.08
CA TYR H 141 45.78 44.84 11.80
C TYR H 141 46.07 43.66 10.88
N ILE H 142 47.10 43.82 10.05
CA ILE H 142 47.60 42.76 9.19
C ILE H 142 49.06 42.54 9.52
N ASN H 143 49.44 41.31 9.85
CA ASN H 143 50.76 41.02 10.38
C ASN H 143 51.52 39.95 9.59
N LYS H 144 51.04 39.62 8.40
CA LYS H 144 51.67 38.67 7.47
C LYS H 144 51.44 37.21 7.88
N GLU H 145 50.84 36.97 9.05
CA GLU H 145 50.37 35.63 9.36
C GLU H 145 48.86 35.49 9.28
N GLU H 146 48.10 36.57 9.52
CA GLU H 146 46.66 36.49 9.39
C GLU H 146 46.24 36.24 7.95
N MET H 147 46.89 36.90 7.00
CA MET H 147 46.62 36.70 5.59
C MET H 147 47.54 35.67 4.96
N MET H 148 48.39 35.01 5.75
CA MET H 148 49.13 33.87 5.25
C MET H 148 48.19 32.77 4.76
N ASP H 149 47.06 32.58 5.47
CA ASP H 149 46.05 31.63 5.03
C ASP H 149 45.20 32.18 3.90
N ILE H 150 45.02 33.50 3.84
CA ILE H 150 44.16 34.10 2.81
C ILE H 150 44.76 33.86 1.43
N VAL H 151 46.04 34.18 1.25
CA VAL H 151 46.70 33.92 -0.02
C VAL H 151 46.83 32.43 -0.26
N LYS H 152 47.08 31.66 0.80
CA LYS H 152 47.15 30.21 0.67
C LYS H 152 45.82 29.64 0.20
N ALA H 153 44.71 30.15 0.72
CA ALA H 153 43.39 29.67 0.30
C ALA H 153 43.16 29.96 -1.18
N ILE H 154 43.61 31.12 -1.65
CA ILE H 154 43.48 31.45 -3.08
C ILE H 154 44.28 30.46 -3.91
N TYR H 155 45.49 30.11 -3.47
CA TYR H 155 46.29 29.12 -4.17
C TYR H 155 45.77 27.71 -3.96
N ASP H 156 45.20 27.43 -2.79
CA ASP H 156 44.71 26.08 -2.49
C ASP H 156 43.50 25.73 -3.36
N MET H 157 42.66 26.72 -3.67
CA MET H 157 41.42 26.47 -4.40
C MET H 157 41.64 26.28 -5.90
N MET H 158 42.88 26.09 -6.34
CA MET H 158 43.18 25.71 -7.71
C MET H 158 43.58 24.25 -7.84
N GLY H 159 43.62 23.51 -6.73
CA GLY H 159 44.09 22.14 -6.79
C GLY H 159 45.57 22.10 -7.10
N LYS H 160 46.01 20.96 -7.63
CA LYS H 160 47.37 20.80 -8.15
C LYS H 160 47.25 20.32 -9.59
N TYR H 161 47.02 21.28 -10.50
CA TYR H 161 46.91 21.00 -11.93
C TYR H 161 47.52 22.12 -12.78
N THR H 162 48.17 23.10 -12.17
CA THR H 162 48.63 24.27 -12.91
C THR H 162 49.94 23.96 -13.66
N TYR H 163 50.25 24.84 -14.61
CA TYR H 163 51.46 24.68 -15.41
C TYR H 163 52.74 24.75 -14.57
N PRO H 164 52.94 25.74 -13.69
CA PRO H 164 54.16 25.74 -12.87
C PRO H 164 54.20 24.67 -11.80
N VAL H 165 53.13 23.88 -11.65
CA VAL H 165 53.04 22.77 -10.71
C VAL H 165 53.14 23.34 -9.28
N LEU H 166 52.97 24.66 -9.17
CA LEU H 166 53.01 25.38 -7.91
C LEU H 166 54.28 25.10 -7.12
N LYS H 167 54.24 25.35 -5.81
CA LYS H 167 55.36 25.12 -4.92
C LYS H 167 54.87 25.28 -3.49
N GLU H 168 55.66 24.77 -2.54
CA GLU H 168 55.30 24.91 -1.14
C GLU H 168 55.49 26.35 -0.65
N ASP H 169 56.45 27.08 -1.22
CA ASP H 169 56.78 28.43 -0.78
C ASP H 169 56.24 29.51 -1.72
N THR H 170 55.46 29.15 -2.72
CA THR H 170 54.94 30.16 -3.63
C THR H 170 53.87 31.07 -2.99
N PRO H 171 53.06 30.62 -2.03
CA PRO H 171 52.17 31.60 -1.36
C PRO H 171 52.94 32.63 -0.57
N ARG H 172 54.07 32.26 0.04
CA ARG H 172 54.85 33.21 0.81
C ARG H 172 55.48 34.27 -0.08
N GLN H 173 55.92 33.89 -1.28
CA GLN H 173 56.49 34.85 -2.21
C GLN H 173 55.45 35.87 -2.63
N HIS H 174 54.21 35.42 -2.86
CA HIS H 174 53.14 36.35 -3.21
C HIS H 174 52.85 37.32 -2.06
N VAL H 175 52.89 36.83 -0.83
CA VAL H 175 52.70 37.70 0.32
C VAL H 175 53.87 38.66 0.48
N ASP H 176 55.10 38.17 0.25
CA ASP H 176 56.29 38.99 0.43
C ASP H 176 56.28 40.17 -0.53
N VAL H 177 55.94 39.92 -1.80
CA VAL H 177 55.87 41.01 -2.77
C VAL H 177 54.65 41.90 -2.49
N PHE H 178 53.58 41.31 -1.93
CA PHE H 178 52.41 42.12 -1.59
C PHE H 178 52.74 43.14 -0.51
N PHE H 179 53.51 42.75 0.52
CA PHE H 179 53.88 43.67 1.57
C PHE H 179 54.90 44.70 1.10
N GLN H 180 55.60 44.44 0.00
CA GLN H 180 56.66 45.33 -0.47
C GLN H 180 56.13 46.65 -0.99
N LYS H 181 54.84 46.73 -1.32
CA LYS H 181 54.28 47.94 -1.91
C LYS H 181 53.44 48.78 -0.96
N MET H 182 53.10 48.26 0.22
CA MET H 182 52.36 49.09 1.17
C MET H 182 52.96 49.11 2.56
N ASP H 183 53.60 48.04 3.01
CA ASP H 183 54.17 47.99 4.35
C ASP H 183 55.42 48.85 4.37
N LYS H 184 55.27 50.12 4.77
CA LYS H 184 56.41 51.04 4.79
C LYS H 184 57.35 50.71 5.95
N ASN H 185 56.83 50.75 7.18
CA ASN H 185 57.63 50.46 8.36
C ASN H 185 57.30 49.11 8.97
N LYS H 186 56.04 48.84 9.27
CA LYS H 186 55.63 47.57 9.84
C LYS H 186 54.11 47.39 9.75
N THR H 191 48.51 49.05 8.15
CA THR H 191 47.33 49.44 8.90
C THR H 191 46.16 49.77 7.97
N LEU H 192 45.05 50.21 8.56
CA LEU H 192 43.88 50.57 7.75
C LEU H 192 44.18 51.75 6.83
N ASP H 193 44.83 52.78 7.35
CA ASP H 193 45.15 53.94 6.54
C ASP H 193 46.14 53.60 5.43
N GLU H 194 47.10 52.72 5.73
CA GLU H 194 48.08 52.31 4.73
C GLU H 194 47.42 51.56 3.58
N PHE H 195 46.46 50.69 3.89
CA PHE H 195 45.79 49.91 2.85
C PHE H 195 45.00 50.80 1.89
N LEU H 196 44.29 51.79 2.43
CA LEU H 196 43.47 52.67 1.59
C LEU H 196 44.33 53.49 0.65
N GLU H 197 45.43 54.07 1.14
CA GLU H 197 46.24 54.94 0.31
C GLU H 197 47.05 54.15 -0.73
N SER H 198 47.42 52.91 -0.41
CA SER H 198 48.24 52.13 -1.33
C SER H 198 47.45 51.68 -2.54
N CYS H 199 46.21 51.23 -2.33
CA CYS H 199 45.37 50.81 -3.45
C CYS H 199 45.06 52.00 -4.37
N GLN H 200 44.77 53.16 -3.79
CA GLN H 200 44.49 54.35 -4.59
C GLN H 200 45.72 54.87 -5.31
N GLU H 201 46.93 54.55 -4.82
CA GLU H 201 48.14 55.02 -5.48
C GLU H 201 48.36 54.32 -6.81
N ASP H 202 48.08 53.02 -6.87
CA ASP H 202 48.26 52.23 -8.09
C ASP H 202 46.92 52.08 -8.78
N ASP H 203 46.82 52.61 -10.01
CA ASP H 203 45.58 52.59 -10.77
C ASP H 203 45.23 51.21 -11.31
N ASN H 204 46.18 50.27 -11.34
CA ASN H 204 45.91 48.97 -11.92
C ASN H 204 44.92 48.18 -11.07
N ILE H 205 45.14 48.17 -9.75
CA ILE H 205 44.17 47.55 -8.85
C ILE H 205 42.86 48.31 -8.86
N MET H 206 42.93 49.64 -9.06
CA MET H 206 41.73 50.46 -9.09
C MET H 206 40.80 50.04 -10.23
N ARG H 207 41.36 49.80 -11.41
CA ARG H 207 40.55 49.41 -12.55
C ARG H 207 40.12 47.96 -12.52
N SER H 208 40.66 47.17 -11.59
CA SER H 208 40.21 45.78 -11.42
C SER H 208 39.16 45.64 -10.33
N LEU H 209 39.11 46.58 -9.37
CA LEU H 209 38.08 46.53 -8.35
C LEU H 209 36.70 46.80 -8.94
N GLN H 210 36.61 47.72 -9.91
CA GLN H 210 35.36 48.06 -10.56
C GLN H 210 35.05 47.15 -11.75
N LEU H 211 35.60 45.94 -11.76
CA LEU H 211 35.46 45.06 -12.92
C LEU H 211 34.01 44.63 -13.13
N PHE H 212 33.31 44.28 -12.05
CA PHE H 212 32.02 43.61 -12.15
C PHE H 212 30.82 44.53 -11.95
N GLN H 213 31.04 45.84 -11.74
CA GLN H 213 29.90 46.72 -11.55
C GLN H 213 29.18 47.02 -12.86
N ASN H 214 29.86 46.92 -14.00
CA ASN H 214 29.21 47.16 -15.27
C ASN H 214 28.29 46.01 -15.66
N VAL H 215 28.73 44.78 -15.46
CA VAL H 215 27.95 43.58 -15.76
C VAL H 215 27.50 42.98 -14.45
N MET H 216 26.24 43.21 -14.10
CA MET H 216 25.64 42.70 -12.86
C MET H 216 26.44 43.12 -11.63
#